data_6NW5
#
_entry.id   6NW5
#
_cell.length_a   131.152
_cell.length_b   131.152
_cell.length_c   285.610
_cell.angle_alpha   90.000
_cell.angle_beta   90.000
_cell.angle_gamma   120.000
#
_symmetry.space_group_name_H-M   'H 3'
#
loop_
_entity.id
_entity.type
_entity.pdbx_description
1 polymer Aminopeptidase
2 non-polymer 'ZINC ION'
3 non-polymer 'COBALT (II) ION'
4 non-polymer 'SULFATE ION'
5 non-polymer 'HYDROXIDE ION'
6 water water
#
_entity_poly.entity_id   1
_entity_poly.type   'polypeptide(L)'
_entity_poly.pdbx_seq_one_letter_code
;MKELIRKLTEAFGPSGREEEVRSIILEELEGHIDGHRIDGLGNLIVWKGSGEKKVILDAHIDEIGVVVTNVDDKGFLTIE
PVGGVSPYMLLGKRIRFENGTIGVVGMEGETTEERQENVRKLSFDKLFIDIGANSREEAQKMCPIGSFGVYDSGFVEVSG
KYVSKAMDDRIGCAVIVEVFKRIKPAVTLYGVFSVQEEVGLVGASVAGYGVPADEAIAIDVTDSADTPKAIKRHAMRLSG
GPALKVKDRASISSKRILENLIEIAEKFDIKYQMEVLTFGGTNAMGYQRTREGIPSATVSIPTRYVHSPSEMIAPDDVEA
TVDLLIRYLGA
;
_entity_poly.pdbx_strand_id   A,B,C,D
#
loop_
_chem_comp.id
_chem_comp.type
_chem_comp.name
_chem_comp.formula
CO non-polymer 'COBALT (II) ION' 'Co 2'
OH non-polymer 'HYDROXIDE ION' 'H O -1'
SO4 non-polymer 'SULFATE ION' 'O4 S -2'
ZN non-polymer 'ZINC ION' 'Zn 2'
#
# COMPACT_ATOMS: atom_id res chain seq x y z
N MET A 1 -24.53 19.83 -31.19
CA MET A 1 -23.13 19.46 -31.49
CA MET A 1 -23.12 19.49 -31.43
C MET A 1 -22.68 18.27 -30.64
N LYS A 2 -23.34 17.99 -29.51
CA LYS A 2 -22.86 16.94 -28.61
C LYS A 2 -22.75 15.59 -29.32
N GLU A 3 -23.80 15.18 -30.04
CA GLU A 3 -23.72 13.84 -30.62
C GLU A 3 -22.69 13.79 -31.76
N LEU A 4 -22.51 14.89 -32.48
CA LEU A 4 -21.47 14.95 -33.49
C LEU A 4 -20.09 14.79 -32.86
N ILE A 5 -19.87 15.46 -31.73
CA ILE A 5 -18.56 15.35 -31.06
C ILE A 5 -18.37 13.93 -30.55
N ARG A 6 -19.44 13.32 -30.00
CA ARG A 6 -19.33 11.94 -29.50
C ARG A 6 -18.94 11.01 -30.63
N LYS A 7 -19.60 11.15 -31.77
CA LYS A 7 -19.33 10.23 -32.87
CA LYS A 7 -19.33 10.24 -32.89
C LYS A 7 -17.91 10.43 -33.44
N LEU A 8 -17.49 11.70 -33.62
CA LEU A 8 -16.17 11.95 -34.21
C LEU A 8 -15.05 11.54 -33.28
N THR A 9 -15.19 11.86 -31.97
CA THR A 9 -14.09 11.53 -31.06
C THR A 9 -13.95 10.03 -30.86
N GLU A 10 -15.05 9.27 -30.90
CA GLU A 10 -14.99 7.82 -30.70
C GLU A 10 -14.58 7.07 -31.96
N ALA A 11 -14.63 7.69 -33.14
CA ALA A 11 -14.27 6.97 -34.35
C ALA A 11 -12.79 6.64 -34.37
N PHE A 12 -12.43 5.60 -35.14
CA PHE A 12 -11.02 5.15 -35.21
C PHE A 12 -10.29 5.89 -36.33
N GLY A 13 -9.22 6.65 -36.00
CA GLY A 13 -8.47 7.29 -37.09
C GLY A 13 -7.08 7.77 -36.72
N PRO A 14 -6.20 6.85 -36.35
CA PRO A 14 -4.80 7.24 -36.14
C PRO A 14 -4.18 7.70 -37.45
N SER A 15 -3.08 8.46 -37.33
CA SER A 15 -2.41 8.95 -38.54
C SER A 15 -2.15 7.84 -39.54
N GLY A 16 -2.48 8.14 -40.80
CA GLY A 16 -2.31 7.17 -41.87
C GLY A 16 -3.50 6.26 -42.12
N ARG A 17 -4.46 6.17 -41.19
CA ARG A 17 -5.56 5.23 -41.28
CA ARG A 17 -5.57 5.23 -41.29
C ARG A 17 -6.87 5.93 -40.90
N GLU A 18 -7.10 7.11 -41.50
CA GLU A 18 -8.20 7.99 -41.07
C GLU A 18 -9.51 7.78 -41.81
N GLU A 19 -9.63 6.70 -42.62
CA GLU A 19 -10.80 6.54 -43.49
CA GLU A 19 -10.80 6.56 -43.50
C GLU A 19 -12.14 6.63 -42.76
N GLU A 20 -12.26 6.00 -41.59
CA GLU A 20 -13.56 5.99 -40.94
C GLU A 20 -14.02 7.40 -40.54
N VAL A 21 -13.08 8.25 -40.14
CA VAL A 21 -13.39 9.62 -39.73
C VAL A 21 -13.77 10.43 -40.95
N ARG A 22 -13.01 10.23 -42.03
CA ARG A 22 -13.33 10.94 -43.28
CA ARG A 22 -13.33 10.94 -43.28
C ARG A 22 -14.74 10.61 -43.74
N SER A 23 -15.11 9.34 -43.67
CA SER A 23 -16.43 8.93 -44.12
CA SER A 23 -16.43 8.90 -44.11
C SER A 23 -17.53 9.51 -43.27
N ILE A 24 -17.33 9.57 -41.93
CA ILE A 24 -18.34 10.19 -41.07
C ILE A 24 -18.53 11.66 -41.43
N ILE A 25 -17.43 12.38 -41.63
CA ILE A 25 -17.53 13.81 -41.95
C ILE A 25 -18.27 14.01 -43.26
N LEU A 26 -17.91 13.24 -44.29
CA LEU A 26 -18.59 13.44 -45.59
C LEU A 26 -20.09 13.21 -45.46
N GLU A 27 -20.49 12.19 -44.68
CA GLU A 27 -21.92 11.93 -44.48
CA GLU A 27 -21.92 11.91 -44.47
C GLU A 27 -22.61 13.06 -43.74
N GLU A 28 -21.98 13.60 -42.66
CA GLU A 28 -22.55 14.73 -41.95
C GLU A 28 -22.72 15.95 -42.86
N LEU A 29 -21.86 16.09 -43.86
CA LEU A 29 -21.87 17.31 -44.67
C LEU A 29 -22.86 17.19 -45.81
N GLU A 30 -23.44 16.02 -46.02
CA GLU A 30 -24.34 15.87 -47.16
C GLU A 30 -25.48 16.88 -47.05
N GLY A 31 -25.75 17.53 -48.18
CA GLY A 31 -26.72 18.61 -48.22
C GLY A 31 -26.19 19.97 -47.85
N HIS A 32 -24.95 20.07 -47.37
CA HIS A 32 -24.41 21.35 -46.91
C HIS A 32 -23.19 21.80 -47.69
N ILE A 33 -22.75 21.03 -48.67
CA ILE A 33 -21.58 21.38 -49.49
C ILE A 33 -22.00 21.32 -50.94
N ASP A 34 -21.30 22.09 -51.77
CA ASP A 34 -21.50 22.08 -53.21
C ASP A 34 -20.69 21.02 -53.94
N GLY A 35 -19.59 20.53 -53.37
CA GLY A 35 -18.80 19.52 -54.03
C GLY A 35 -17.70 19.11 -53.08
N HIS A 36 -16.97 18.06 -53.48
CA HIS A 36 -15.81 17.63 -52.70
C HIS A 36 -14.89 16.80 -53.56
N ARG A 37 -13.68 16.63 -53.04
CA ARG A 37 -12.76 15.68 -53.64
CA ARG A 37 -12.76 15.68 -53.64
C ARG A 37 -11.91 15.10 -52.53
N ILE A 38 -11.37 13.92 -52.77
CA ILE A 38 -10.41 13.31 -51.85
CA ILE A 38 -10.41 13.29 -51.86
C ILE A 38 -9.11 13.16 -52.62
N ASP A 39 -8.02 13.71 -52.05
CA ASP A 39 -6.79 13.71 -52.83
C ASP A 39 -5.98 12.42 -52.59
N GLY A 40 -4.79 12.38 -53.16
CA GLY A 40 -4.02 11.14 -53.17
C GLY A 40 -3.50 10.72 -51.83
N LEU A 41 -3.36 11.67 -50.90
CA LEU A 41 -2.93 11.32 -49.55
C LEU A 41 -4.09 11.01 -48.64
N GLY A 42 -5.33 11.33 -49.10
CA GLY A 42 -6.50 11.10 -48.28
C GLY A 42 -7.12 12.35 -47.69
N ASN A 43 -6.61 13.54 -47.99
CA ASN A 43 -7.27 14.75 -47.49
C ASN A 43 -8.65 14.84 -48.12
N LEU A 44 -9.64 15.24 -47.32
CA LEU A 44 -11.00 15.50 -47.83
C LEU A 44 -11.12 17.02 -48.01
N ILE A 45 -11.43 17.47 -49.25
CA ILE A 45 -11.54 18.91 -49.53
C ILE A 45 -12.97 19.14 -49.99
N VAL A 46 -13.70 20.04 -49.30
CA VAL A 46 -15.11 20.35 -49.64
C VAL A 46 -15.22 21.83 -49.87
N TRP A 47 -16.31 22.25 -50.54
CA TRP A 47 -16.46 23.70 -50.73
C TRP A 47 -17.95 24.08 -50.80
N LYS A 48 -18.20 25.35 -50.47
CA LYS A 48 -19.54 25.96 -50.50
CA LYS A 48 -19.53 25.95 -50.52
C LYS A 48 -19.37 27.44 -50.77
N GLY A 49 -20.28 28.02 -51.59
CA GLY A 49 -20.23 29.46 -51.81
C GLY A 49 -19.51 29.83 -53.10
N SER A 50 -19.54 31.14 -53.43
CA SER A 50 -19.02 31.56 -54.70
C SER A 50 -18.30 32.91 -54.64
N GLY A 51 -18.04 33.44 -53.43
CA GLY A 51 -17.45 34.75 -53.31
C GLY A 51 -16.02 34.85 -53.79
N GLU A 52 -15.62 36.12 -53.99
CA GLU A 52 -14.34 36.48 -54.56
C GLU A 52 -13.19 36.07 -53.63
N LYS A 53 -13.40 36.21 -52.33
CA LYS A 53 -12.36 35.81 -51.36
C LYS A 53 -12.51 34.32 -51.11
N LYS A 54 -11.41 33.56 -51.20
CA LYS A 54 -11.46 32.09 -51.00
C LYS A 54 -10.72 31.77 -49.71
N VAL A 55 -11.40 31.08 -48.78
CA VAL A 55 -10.80 30.83 -47.45
C VAL A 55 -10.85 29.35 -47.17
N ILE A 56 -9.71 28.80 -46.70
CA ILE A 56 -9.64 27.43 -46.24
C ILE A 56 -9.89 27.44 -44.74
N LEU A 57 -10.75 26.53 -44.26
CA LEU A 57 -10.81 26.20 -42.82
C LEU A 57 -10.28 24.78 -42.74
N ASP A 58 -9.26 24.55 -41.92
CA ASP A 58 -8.65 23.21 -41.85
C ASP A 58 -8.81 22.63 -40.44
N ALA A 59 -9.12 21.33 -40.38
CA ALA A 59 -8.92 20.57 -39.11
C ALA A 59 -8.34 19.22 -39.53
N HIS A 60 -7.45 18.64 -38.67
CA HIS A 60 -6.93 17.33 -39.05
C HIS A 60 -7.82 16.20 -38.53
N ILE A 61 -7.96 15.16 -39.36
CA ILE A 61 -8.79 13.99 -38.99
C ILE A 61 -8.02 12.87 -38.31
N ASP A 62 -6.70 12.94 -38.24
CA ASP A 62 -5.95 11.91 -37.54
C ASP A 62 -5.85 12.22 -36.05
N GLU A 63 -5.66 11.16 -35.28
CA GLU A 63 -5.37 11.25 -33.85
C GLU A 63 -4.08 10.48 -33.62
N ILE A 64 -3.45 10.75 -32.45
CA ILE A 64 -2.28 9.92 -32.09
C ILE A 64 -2.70 8.46 -31.87
N GLY A 65 -1.69 7.58 -31.89
CA GLY A 65 -2.00 6.18 -31.68
C GLY A 65 -0.73 5.33 -31.63
N VAL A 66 -0.82 4.06 -31.96
CA VAL A 66 0.34 3.15 -31.93
C VAL A 66 0.32 2.29 -33.19
N VAL A 67 1.47 1.67 -33.50
CA VAL A 67 1.51 0.68 -34.59
C VAL A 67 2.36 -0.51 -34.10
N VAL A 68 1.93 -1.71 -34.45
CA VAL A 68 2.65 -2.93 -34.02
C VAL A 68 3.95 -3.03 -34.80
N THR A 69 5.08 -3.21 -34.09
CA THR A 69 6.39 -3.32 -34.77
CA THR A 69 6.37 -3.30 -34.75
C THR A 69 6.97 -4.71 -34.71
N ASN A 70 6.53 -5.56 -33.80
CA ASN A 70 7.12 -6.89 -33.73
C ASN A 70 6.19 -7.77 -32.89
N VAL A 71 6.43 -9.08 -32.97
CA VAL A 71 5.62 -10.07 -32.27
C VAL A 71 6.61 -11.09 -31.71
N ASP A 72 6.39 -11.54 -30.48
CA ASP A 72 7.32 -12.52 -29.92
C ASP A 72 6.74 -13.95 -29.94
N ASP A 73 7.59 -14.90 -29.47
CA ASP A 73 7.25 -16.32 -29.57
CA ASP A 73 7.28 -16.33 -29.53
C ASP A 73 6.03 -16.69 -28.74
N LYS A 74 5.69 -15.86 -27.76
CA LYS A 74 4.53 -16.14 -26.93
C LYS A 74 3.32 -15.29 -27.31
N GLY A 75 3.38 -14.59 -28.45
CA GLY A 75 2.25 -13.85 -28.94
C GLY A 75 2.10 -12.43 -28.43
N PHE A 76 3.06 -11.92 -27.65
CA PHE A 76 2.97 -10.52 -27.23
C PHE A 76 3.49 -9.59 -28.32
N LEU A 77 2.89 -8.41 -28.37
CA LEU A 77 3.27 -7.40 -29.38
C LEU A 77 4.17 -6.30 -28.83
N THR A 78 5.07 -5.77 -29.68
CA THR A 78 5.69 -4.51 -29.32
C THR A 78 5.17 -3.44 -30.28
N ILE A 79 5.22 -2.19 -29.80
CA ILE A 79 4.60 -1.08 -30.51
C ILE A 79 5.56 0.10 -30.65
N GLU A 80 5.20 0.99 -31.57
CA GLU A 80 5.86 2.26 -31.84
C GLU A 80 4.76 3.33 -31.77
N PRO A 81 5.02 4.50 -31.18
CA PRO A 81 4.01 5.59 -31.17
C PRO A 81 3.77 6.11 -32.59
N VAL A 82 2.52 6.53 -32.81
CA VAL A 82 2.12 7.23 -34.02
C VAL A 82 1.75 8.62 -33.53
N GLY A 83 2.68 9.57 -33.76
CA GLY A 83 2.53 10.87 -33.19
C GLY A 83 3.01 10.88 -31.73
N GLY A 84 2.66 11.95 -31.05
CA GLY A 84 3.22 12.25 -29.73
C GLY A 84 2.48 11.56 -28.60
N VAL A 85 2.49 10.21 -28.55
CA VAL A 85 1.91 9.45 -27.42
CA VAL A 85 1.90 9.49 -27.40
C VAL A 85 3.01 9.20 -26.40
N SER A 86 2.76 9.53 -25.14
CA SER A 86 3.74 9.26 -24.10
C SER A 86 3.56 7.82 -23.63
N PRO A 87 4.64 7.08 -23.39
CA PRO A 87 4.47 5.73 -22.85
C PRO A 87 3.79 5.76 -21.48
N TYR A 88 3.93 6.87 -20.74
CA TYR A 88 3.26 6.97 -19.44
C TYR A 88 1.75 6.96 -19.58
N MET A 89 1.20 7.41 -20.72
CA MET A 89 -0.24 7.38 -20.92
C MET A 89 -0.74 6.00 -21.31
N LEU A 90 0.15 5.06 -21.60
CA LEU A 90 -0.25 3.71 -22.02
C LEU A 90 -0.21 2.67 -20.90
N LEU A 91 0.55 2.87 -19.83
CA LEU A 91 0.66 1.85 -18.80
CA LEU A 91 0.67 1.88 -18.76
C LEU A 91 -0.69 1.46 -18.22
N GLY A 92 -0.98 0.17 -18.21
CA GLY A 92 -2.24 -0.36 -17.71
C GLY A 92 -3.47 -0.03 -18.53
N LYS A 93 -3.31 0.67 -19.66
CA LYS A 93 -4.37 1.11 -20.56
CA LYS A 93 -4.41 1.08 -20.53
C LYS A 93 -4.68 -0.02 -21.56
N ARG A 94 -5.83 0.10 -22.21
CA ARG A 94 -6.16 -0.79 -23.31
C ARG A 94 -6.10 -0.02 -24.63
N ILE A 95 -5.72 -0.76 -25.68
CA ILE A 95 -5.60 -0.24 -27.05
C ILE A 95 -6.66 -0.91 -27.90
N ARG A 96 -7.37 -0.12 -28.72
CA ARG A 96 -8.31 -0.68 -29.67
C ARG A 96 -7.68 -0.66 -31.05
N PHE A 97 -7.65 -1.80 -31.73
CA PHE A 97 -6.99 -1.86 -33.05
C PHE A 97 -8.02 -1.71 -34.15
N GLU A 98 -7.51 -1.50 -35.36
CA GLU A 98 -8.34 -1.17 -36.51
C GLU A 98 -9.37 -2.27 -36.75
N ASN A 99 -8.95 -3.52 -36.56
CA ASN A 99 -9.82 -4.64 -36.84
C ASN A 99 -10.70 -5.00 -35.65
N GLY A 100 -10.70 -4.18 -34.58
CA GLY A 100 -11.55 -4.39 -33.42
C GLY A 100 -10.88 -5.11 -32.24
N THR A 101 -9.70 -5.66 -32.44
CA THR A 101 -8.98 -6.36 -31.35
C THR A 101 -8.76 -5.37 -30.20
N ILE A 102 -8.88 -5.83 -28.95
CA ILE A 102 -8.47 -5.05 -27.77
C ILE A 102 -7.20 -5.67 -27.23
N GLY A 103 -6.22 -4.83 -26.91
CA GLY A 103 -5.00 -5.31 -26.27
C GLY A 103 -4.75 -4.55 -24.98
N VAL A 104 -4.05 -5.21 -24.06
CA VAL A 104 -3.70 -4.61 -22.77
C VAL A 104 -2.21 -4.27 -22.78
N VAL A 105 -1.85 -3.05 -22.32
CA VAL A 105 -0.45 -2.64 -22.29
C VAL A 105 0.17 -3.05 -20.95
N GLY A 106 1.30 -3.76 -21.02
CA GLY A 106 2.05 -4.13 -19.81
C GLY A 106 3.48 -3.60 -19.91
N MET A 107 4.22 -3.75 -18.79
CA MET A 107 5.60 -3.28 -18.76
C MET A 107 6.53 -4.42 -18.37
N GLU A 108 7.71 -4.46 -19.00
CA GLU A 108 8.77 -5.42 -18.62
C GLU A 108 9.40 -5.10 -17.25
N GLY A 109 10.03 -6.15 -16.67
CA GLY A 109 10.87 -5.92 -15.50
C GLY A 109 11.02 -7.21 -14.68
N GLU A 110 12.22 -7.81 -14.72
CA GLU A 110 12.38 -9.17 -14.20
C GLU A 110 12.54 -9.21 -12.69
N THR A 111 12.80 -8.07 -12.08
CA THR A 111 12.85 -7.91 -10.65
C THR A 111 12.07 -6.68 -10.26
N THR A 112 11.69 -6.60 -8.99
CA THR A 112 11.02 -5.39 -8.52
CA THR A 112 11.03 -5.39 -8.50
C THR A 112 11.92 -4.16 -8.73
N GLU A 113 13.23 -4.32 -8.57
CA GLU A 113 14.11 -3.19 -8.83
C GLU A 113 14.10 -2.75 -10.29
N GLU A 114 14.14 -3.71 -11.22
CA GLU A 114 14.09 -3.38 -12.64
C GLU A 114 12.79 -2.67 -12.96
N ARG A 115 11.67 -3.13 -12.38
CA ARG A 115 10.41 -2.44 -12.64
C ARG A 115 10.47 -0.98 -12.19
N GLN A 116 11.06 -0.72 -11.00
CA GLN A 116 11.20 0.64 -10.53
CA GLN A 116 11.18 0.65 -10.54
C GLN A 116 12.10 1.46 -11.44
N GLU A 117 13.19 0.84 -11.92
CA GLU A 117 14.08 1.56 -12.83
C GLU A 117 13.32 1.88 -14.12
N ASN A 118 12.52 0.92 -14.59
CA ASN A 118 11.92 1.08 -15.91
C ASN A 118 10.88 2.19 -15.91
N VAL A 119 10.11 2.32 -14.83
CA VAL A 119 9.08 3.35 -14.84
CA VAL A 119 9.07 3.36 -14.77
C VAL A 119 9.68 4.74 -14.64
N ARG A 120 10.91 4.82 -14.09
CA ARG A 120 11.59 6.10 -13.90
C ARG A 120 12.11 6.65 -15.21
N LYS A 121 12.36 5.79 -16.19
CA LYS A 121 12.80 6.21 -17.52
C LYS A 121 12.03 5.37 -18.57
N LEU A 122 10.71 5.49 -18.53
CA LEU A 122 9.86 4.61 -19.34
C LEU A 122 10.08 4.86 -20.82
N SER A 123 10.15 3.79 -21.58
CA SER A 123 10.25 3.95 -23.02
C SER A 123 9.42 2.87 -23.68
N PHE A 124 9.15 3.04 -24.97
CA PHE A 124 8.37 2.02 -25.66
C PHE A 124 9.12 0.69 -25.74
N ASP A 125 10.45 0.70 -25.56
CA ASP A 125 11.19 -0.55 -25.56
C ASP A 125 10.84 -1.42 -24.37
N LYS A 126 10.24 -0.86 -23.32
CA LYS A 126 9.86 -1.62 -22.14
CA LYS A 126 9.86 -1.68 -22.18
C LYS A 126 8.37 -1.96 -22.09
N LEU A 127 7.60 -1.61 -23.11
CA LEU A 127 6.17 -1.89 -23.12
C LEU A 127 5.90 -3.06 -24.06
N PHE A 128 4.79 -3.77 -23.78
CA PHE A 128 4.29 -4.78 -24.73
C PHE A 128 2.77 -4.76 -24.68
N ILE A 129 2.14 -5.36 -25.68
CA ILE A 129 0.69 -5.45 -25.70
CA ILE A 129 0.68 -5.47 -25.73
C ILE A 129 0.30 -6.93 -25.68
N ASP A 130 -0.68 -7.25 -24.84
CA ASP A 130 -1.23 -8.60 -24.76
C ASP A 130 -2.60 -8.57 -25.40
N ILE A 131 -2.78 -9.34 -26.50
CA ILE A 131 -4.05 -9.48 -27.16
C ILE A 131 -4.69 -10.84 -26.91
N GLY A 132 -4.19 -11.55 -25.89
CA GLY A 132 -4.78 -12.85 -25.60
C GLY A 132 -4.24 -13.98 -26.42
N ALA A 133 -3.25 -13.74 -27.31
CA ALA A 133 -2.70 -14.82 -28.14
C ALA A 133 -1.81 -15.71 -27.29
N ASN A 134 -1.71 -16.99 -27.69
CA ASN A 134 -0.82 -17.91 -27.00
C ASN A 134 0.43 -18.30 -27.81
N SER A 135 0.64 -17.71 -29.00
CA SER A 135 1.79 -18.02 -29.84
C SER A 135 2.00 -16.92 -30.85
N ARG A 136 3.20 -16.89 -31.45
CA ARG A 136 3.48 -15.93 -32.50
CA ARG A 136 3.47 -15.92 -32.50
C ARG A 136 2.52 -16.11 -33.67
N GLU A 137 2.28 -17.36 -34.07
CA GLU A 137 1.40 -17.58 -35.21
C GLU A 137 0.00 -17.09 -34.93
N GLU A 138 -0.49 -17.30 -33.72
CA GLU A 138 -1.81 -16.82 -33.41
C GLU A 138 -1.86 -15.29 -33.44
N ALA A 139 -0.83 -14.65 -32.89
CA ALA A 139 -0.86 -13.19 -32.85
C ALA A 139 -0.75 -12.60 -34.25
N GLN A 140 0.06 -13.21 -35.11
CA GLN A 140 0.23 -12.69 -36.47
C GLN A 140 -1.06 -12.78 -37.27
N LYS A 141 -1.89 -13.78 -36.97
CA LYS A 141 -3.20 -13.84 -37.60
C LYS A 141 -4.16 -12.80 -37.06
N MET A 142 -3.96 -12.39 -35.81
CA MET A 142 -4.88 -11.49 -35.14
CA MET A 142 -4.91 -11.49 -35.18
C MET A 142 -4.55 -10.02 -35.34
N CYS A 143 -3.27 -9.67 -35.18
CA CYS A 143 -2.84 -8.28 -35.14
CA CYS A 143 -2.83 -8.28 -35.14
C CYS A 143 -1.37 -8.22 -35.57
N PRO A 144 -1.10 -8.39 -36.87
CA PRO A 144 0.30 -8.50 -37.32
C PRO A 144 1.04 -7.16 -37.28
N ILE A 145 2.35 -7.26 -37.49
CA ILE A 145 3.20 -6.09 -37.69
C ILE A 145 2.52 -5.14 -38.68
N GLY A 146 2.51 -3.84 -38.33
CA GLY A 146 1.85 -2.83 -39.16
C GLY A 146 0.41 -2.54 -38.80
N SER A 147 -0.14 -3.20 -37.76
CA SER A 147 -1.51 -2.94 -37.36
C SER A 147 -1.51 -1.68 -36.52
N PHE A 148 -2.48 -0.79 -36.79
CA PHE A 148 -2.57 0.46 -36.04
C PHE A 148 -3.61 0.35 -34.94
N GLY A 149 -3.39 1.12 -33.86
CA GLY A 149 -4.35 1.16 -32.77
C GLY A 149 -4.46 2.57 -32.18
N VAL A 150 -5.53 2.76 -31.37
CA VAL A 150 -5.78 4.03 -30.66
C VAL A 150 -6.19 3.70 -29.23
N TYR A 151 -6.23 4.74 -28.37
CA TYR A 151 -6.73 4.50 -27.01
C TYR A 151 -8.12 3.87 -27.05
N ASP A 152 -8.33 2.90 -26.16
CA ASP A 152 -9.68 2.37 -25.93
C ASP A 152 -10.36 3.30 -24.92
N SER A 153 -10.96 4.36 -25.43
CA SER A 153 -11.52 5.38 -24.55
C SER A 153 -12.59 6.09 -25.33
N GLY A 154 -13.64 6.50 -24.65
CA GLY A 154 -14.73 7.16 -25.37
C GLY A 154 -15.23 8.43 -24.67
N PHE A 155 -16.37 8.93 -25.09
CA PHE A 155 -16.85 10.24 -24.72
C PHE A 155 -17.68 10.17 -23.44
N VAL A 156 -17.52 11.18 -22.60
CA VAL A 156 -18.37 11.32 -21.39
C VAL A 156 -18.50 12.80 -21.05
N GLU A 157 -19.70 13.21 -20.58
CA GLU A 157 -19.86 14.57 -20.07
C GLU A 157 -19.56 14.57 -18.57
N VAL A 158 -18.73 15.53 -18.14
CA VAL A 158 -18.21 15.60 -16.77
C VAL A 158 -18.63 16.98 -16.27
N SER A 159 -19.79 17.03 -15.59
CA SER A 159 -20.36 18.27 -15.05
CA SER A 159 -20.37 18.27 -15.05
C SER A 159 -20.31 19.41 -16.06
N GLY A 160 -20.83 19.17 -17.25
CA GLY A 160 -20.83 20.30 -18.21
C GLY A 160 -19.59 20.46 -19.08
N LYS A 161 -18.48 19.81 -18.75
CA LYS A 161 -17.36 19.68 -19.69
C LYS A 161 -17.54 18.43 -20.53
N TYR A 162 -16.89 18.41 -21.71
CA TYR A 162 -16.89 17.19 -22.51
C TYR A 162 -15.50 16.58 -22.46
N VAL A 163 -15.44 15.26 -22.24
CA VAL A 163 -14.17 14.52 -22.13
C VAL A 163 -14.19 13.37 -23.11
N SER A 164 -13.08 13.20 -23.88
CA SER A 164 -13.01 12.04 -24.76
C SER A 164 -11.57 11.85 -25.20
N LYS A 165 -11.32 10.74 -25.93
CA LYS A 165 -10.08 10.72 -26.71
C LYS A 165 -10.23 11.62 -27.91
N ALA A 166 -9.08 12.08 -28.46
CA ALA A 166 -9.09 12.71 -29.80
C ALA A 166 -9.96 13.95 -29.88
N MET A 167 -10.13 14.69 -28.77
CA MET A 167 -10.56 16.07 -28.97
C MET A 167 -9.57 16.73 -29.93
N ASP A 168 -8.28 16.42 -29.78
CA ASP A 168 -7.28 16.78 -30.79
C ASP A 168 -7.34 15.76 -31.92
N ASP A 169 -7.94 16.10 -33.08
CA ASP A 169 -8.56 17.38 -33.43
C ASP A 169 -9.98 17.10 -33.93
N ARG A 170 -10.66 16.10 -33.35
CA ARG A 170 -12.05 15.90 -33.76
C ARG A 170 -12.92 17.07 -33.30
N ILE A 171 -12.51 17.81 -32.27
CA ILE A 171 -13.29 18.99 -31.91
C ILE A 171 -13.19 20.05 -33.00
N GLY A 172 -12.02 20.18 -33.63
CA GLY A 172 -11.88 21.13 -34.72
C GLY A 172 -12.69 20.65 -35.92
N CYS A 173 -12.68 19.33 -36.18
CA CYS A 173 -13.52 18.82 -37.27
C CYS A 173 -14.98 19.14 -36.99
N ALA A 174 -15.42 18.94 -35.74
CA ALA A 174 -16.83 19.24 -35.41
C ALA A 174 -17.14 20.72 -35.66
N VAL A 175 -16.22 21.61 -35.25
CA VAL A 175 -16.40 23.06 -35.48
C VAL A 175 -16.63 23.33 -36.95
N ILE A 176 -15.79 22.76 -37.83
CA ILE A 176 -15.90 23.14 -39.24
C ILE A 176 -17.17 22.53 -39.83
N VAL A 177 -17.52 21.31 -39.43
CA VAL A 177 -18.79 20.72 -39.90
C VAL A 177 -19.96 21.63 -39.51
N GLU A 178 -19.98 22.09 -38.27
CA GLU A 178 -21.08 22.93 -37.81
CA GLU A 178 -21.09 22.94 -37.84
C GLU A 178 -21.09 24.27 -38.56
N VAL A 179 -19.93 24.84 -38.85
CA VAL A 179 -19.90 26.05 -39.69
C VAL A 179 -20.59 25.79 -41.05
N PHE A 180 -20.19 24.73 -41.74
CA PHE A 180 -20.79 24.42 -43.04
C PHE A 180 -22.29 24.16 -42.92
N LYS A 181 -22.74 23.56 -41.81
CA LYS A 181 -24.18 23.30 -41.68
C LYS A 181 -24.99 24.60 -41.56
N ARG A 182 -24.42 25.64 -40.99
CA ARG A 182 -25.16 26.83 -40.60
CA ARG A 182 -25.16 26.83 -40.60
C ARG A 182 -24.91 28.02 -41.51
N ILE A 183 -23.76 28.10 -42.15
CA ILE A 183 -23.32 29.36 -42.75
C ILE A 183 -24.01 29.60 -44.09
N LYS A 184 -24.28 30.87 -44.33
CA LYS A 184 -24.55 31.41 -45.67
CA LYS A 184 -24.55 31.39 -45.68
C LYS A 184 -23.28 32.13 -46.10
N PRO A 185 -22.40 31.52 -46.89
CA PRO A 185 -21.04 32.06 -46.99
C PRO A 185 -20.97 33.30 -47.87
N ALA A 186 -20.24 34.28 -47.41
CA ALA A 186 -19.89 35.45 -48.22
C ALA A 186 -18.63 35.20 -49.04
N VAL A 187 -17.82 34.22 -48.65
CA VAL A 187 -16.59 33.82 -49.35
C VAL A 187 -16.90 32.58 -50.15
N THR A 188 -15.92 32.08 -50.93
CA THR A 188 -15.92 30.68 -51.35
C THR A 188 -15.22 29.96 -50.20
N LEU A 189 -15.97 29.12 -49.48
CA LEU A 189 -15.44 28.48 -48.26
C LEU A 189 -14.96 27.07 -48.64
N TYR A 190 -13.66 26.80 -48.41
CA TYR A 190 -13.11 25.46 -48.60
C TYR A 190 -12.92 24.87 -47.20
N GLY A 191 -13.37 23.64 -47.02
CA GLY A 191 -13.12 22.91 -45.77
C GLY A 191 -12.11 21.82 -46.11
N VAL A 192 -11.02 21.78 -45.34
CA VAL A 192 -10.02 20.75 -45.55
C VAL A 192 -9.96 19.93 -44.29
N PHE A 193 -10.27 18.64 -44.44
CA PHE A 193 -10.16 17.65 -43.33
C PHE A 193 -8.88 16.87 -43.67
N SER A 194 -7.76 17.44 -43.25
CA SER A 194 -6.40 16.95 -43.55
C SER A 194 -5.99 15.70 -42.78
N VAL A 195 -5.12 14.90 -43.37
CA VAL A 195 -4.62 13.66 -42.72
C VAL A 195 -3.19 13.87 -42.24
N GLN A 196 -2.78 13.04 -41.29
CA GLN A 196 -1.36 12.95 -40.87
C GLN A 196 -0.79 14.26 -40.32
N GLU A 197 -1.60 15.04 -39.59
CA GLU A 197 -1.04 16.19 -38.90
C GLU A 197 -0.07 15.76 -37.79
N GLU A 198 -0.42 14.68 -37.11
CA GLU A 198 0.35 14.32 -35.90
C GLU A 198 1.71 13.72 -36.21
N VAL A 199 1.98 13.39 -37.48
CA VAL A 199 3.28 12.83 -37.87
C VAL A 199 3.97 13.80 -38.82
N GLY A 200 3.78 15.11 -38.60
CA GLY A 200 4.58 16.05 -39.36
C GLY A 200 3.81 17.00 -40.29
N LEU A 201 2.52 17.23 -40.01
CA LEU A 201 1.70 18.15 -40.83
C LEU A 201 1.67 17.73 -42.28
N VAL A 202 1.61 16.42 -42.54
CA VAL A 202 1.82 15.95 -43.93
C VAL A 202 0.68 16.38 -44.83
N GLY A 203 -0.54 16.10 -44.40
CA GLY A 203 -1.68 16.36 -45.31
C GLY A 203 -1.81 17.83 -45.66
N ALA A 204 -1.74 18.71 -44.64
CA ALA A 204 -1.92 20.14 -44.91
C ALA A 204 -0.72 20.76 -45.59
N SER A 205 0.38 20.02 -45.74
CA SER A 205 1.48 20.57 -46.53
CA SER A 205 1.49 20.56 -46.53
C SER A 205 1.23 20.50 -48.02
N VAL A 206 0.19 19.76 -48.43
CA VAL A 206 -0.17 19.68 -49.84
C VAL A 206 -1.63 20.00 -50.11
N ALA A 207 -2.54 19.97 -49.12
CA ALA A 207 -3.97 20.12 -49.50
C ALA A 207 -4.29 21.48 -50.10
N GLY A 208 -3.52 22.51 -49.73
CA GLY A 208 -3.76 23.82 -50.31
C GLY A 208 -3.22 23.97 -51.73
N TYR A 209 -2.42 23.01 -52.22
CA TYR A 209 -1.75 23.25 -53.50
C TYR A 209 -2.79 23.52 -54.61
N GLY A 210 -3.83 22.69 -54.63
CA GLY A 210 -4.87 22.77 -55.64
C GLY A 210 -6.04 23.66 -55.26
N VAL A 211 -5.92 24.46 -54.22
CA VAL A 211 -7.01 25.32 -53.74
C VAL A 211 -6.58 26.77 -53.87
N PRO A 212 -7.31 27.61 -54.61
CA PRO A 212 -6.87 28.98 -54.84
C PRO A 212 -7.18 29.91 -53.66
N ALA A 213 -6.62 29.61 -52.48
CA ALA A 213 -7.03 30.33 -51.26
C ALA A 213 -6.33 31.66 -51.10
N ASP A 214 -7.06 32.61 -50.53
CA ASP A 214 -6.51 33.95 -50.18
C ASP A 214 -6.09 33.91 -48.70
N GLU A 215 -6.73 33.03 -47.93
CA GLU A 215 -6.46 32.88 -46.48
C GLU A 215 -6.67 31.42 -46.06
N ALA A 216 -6.03 31.02 -44.97
CA ALA A 216 -6.20 29.65 -44.42
C ALA A 216 -6.25 29.76 -42.89
N ILE A 217 -7.31 29.23 -42.27
CA ILE A 217 -7.41 29.25 -40.80
C ILE A 217 -7.45 27.81 -40.36
N ALA A 218 -6.45 27.41 -39.59
CA ALA A 218 -6.46 26.07 -39.00
C ALA A 218 -7.22 26.12 -37.69
N ILE A 219 -8.00 25.08 -37.40
CA ILE A 219 -8.71 24.97 -36.13
C ILE A 219 -8.12 23.77 -35.44
N ASP A 220 -7.56 23.97 -34.23
CA ASP A 220 -6.87 22.85 -33.57
C ASP A 220 -6.99 23.10 -32.06
N VAL A 221 -6.54 22.14 -31.28
CA VAL A 221 -6.54 22.35 -29.80
C VAL A 221 -5.34 23.16 -29.37
N THR A 222 -5.46 23.78 -28.19
CA THR A 222 -4.27 24.36 -27.52
C THR A 222 -4.35 24.02 -26.03
N ASP A 223 -3.26 24.30 -25.33
CA ASP A 223 -3.11 23.96 -23.90
C ASP A 223 -3.95 24.86 -23.03
N SER A 224 -4.97 24.30 -22.36
CA SER A 224 -5.72 25.05 -21.35
C SER A 224 -4.94 24.92 -20.04
N ALA A 225 -4.20 25.96 -19.70
CA ALA A 225 -3.23 25.90 -18.60
C ALA A 225 -3.86 26.45 -17.34
N ASP A 226 -4.99 25.84 -16.96
CA ASP A 226 -5.79 26.30 -15.82
C ASP A 226 -6.04 25.19 -14.80
N THR A 227 -5.17 24.19 -14.81
CA THR A 227 -5.15 23.06 -13.88
C THR A 227 -4.10 23.34 -12.81
N PRO A 228 -4.07 22.55 -11.74
CA PRO A 228 -3.07 22.83 -10.69
C PRO A 228 -1.65 22.75 -11.20
N LYS A 229 -0.86 23.82 -10.95
CA LYS A 229 0.53 23.85 -11.41
C LYS A 229 0.63 23.53 -12.90
N ALA A 230 -0.26 24.15 -13.67
CA ALA A 230 -0.20 24.09 -15.12
C ALA A 230 1.02 24.85 -15.66
N ILE A 231 1.26 24.70 -16.96
CA ILE A 231 2.37 25.43 -17.60
C ILE A 231 2.22 26.94 -17.34
N LYS A 232 3.19 27.52 -16.61
CA LYS A 232 2.97 28.87 -16.11
CA LYS A 232 3.02 28.87 -16.11
CA LYS A 232 3.03 28.87 -16.11
C LYS A 232 3.00 29.90 -17.23
N ARG A 233 3.76 29.65 -18.29
CA ARG A 233 3.85 30.66 -19.35
C ARG A 233 2.71 30.56 -20.35
N HIS A 234 1.75 29.65 -20.18
CA HIS A 234 0.56 29.62 -21.07
C HIS A 234 -0.62 30.31 -20.37
N ALA A 235 -1.23 31.23 -21.07
CA ALA A 235 -2.35 31.98 -20.50
C ALA A 235 -3.71 31.38 -20.80
N MET A 236 -3.81 30.49 -21.79
CA MET A 236 -5.09 30.05 -22.31
C MET A 236 -5.86 29.26 -21.25
N ARG A 237 -7.18 29.37 -21.27
CA ARG A 237 -8.01 28.70 -20.26
CA ARG A 237 -7.97 28.62 -20.29
C ARG A 237 -9.35 28.25 -20.83
N LEU A 238 -9.96 27.24 -20.21
CA LEU A 238 -11.33 26.89 -20.57
C LEU A 238 -12.25 28.06 -20.30
N SER A 239 -13.24 28.20 -21.19
CA SER A 239 -14.31 29.18 -21.10
C SER A 239 -13.79 30.59 -21.33
N GLY A 240 -12.53 30.76 -21.76
CA GLY A 240 -12.08 32.08 -22.21
C GLY A 240 -12.37 32.39 -23.67
N GLY A 241 -13.01 31.46 -24.39
CA GLY A 241 -13.40 31.64 -25.80
C GLY A 241 -12.35 31.05 -26.73
N PRO A 242 -12.61 31.13 -28.02
CA PRO A 242 -11.58 30.79 -29.00
C PRO A 242 -10.28 31.51 -28.69
N ALA A 243 -9.18 30.78 -28.86
CA ALA A 243 -7.86 31.31 -28.58
C ALA A 243 -7.23 31.69 -29.91
N LEU A 244 -6.86 32.96 -30.04
CA LEU A 244 -6.28 33.44 -31.31
C LEU A 244 -4.76 33.28 -31.21
N LYS A 245 -4.22 32.36 -32.01
CA LYS A 245 -2.81 31.98 -31.84
C LYS A 245 -1.87 33.02 -32.43
N VAL A 246 -1.12 33.73 -31.57
CA VAL A 246 -0.10 34.65 -32.08
C VAL A 246 1.07 33.85 -32.64
N LYS A 247 1.54 32.86 -31.88
CA LYS A 247 2.68 32.06 -32.32
C LYS A 247 2.68 30.73 -31.56
N ASP A 248 3.17 29.69 -32.23
CA ASP A 248 3.62 28.48 -31.53
C ASP A 248 4.94 28.11 -32.21
N ARG A 249 5.42 26.88 -32.02
CA ARG A 249 6.76 26.55 -32.51
C ARG A 249 6.78 26.24 -33.99
N ALA A 250 5.60 26.16 -34.63
CA ALA A 250 5.59 25.92 -36.08
C ALA A 250 5.16 27.11 -36.91
N SER A 251 4.43 28.07 -36.33
CA SER A 251 4.04 29.22 -37.17
C SER A 251 3.80 30.46 -36.32
N ILE A 252 3.89 31.61 -37.00
CA ILE A 252 3.36 32.89 -36.47
C ILE A 252 2.14 33.20 -37.32
N SER A 253 0.98 33.37 -36.69
CA SER A 253 -0.22 33.67 -37.49
C SER A 253 -0.10 35.04 -38.16
N SER A 254 -0.74 35.14 -39.33
CA SER A 254 -0.91 36.44 -40.00
CA SER A 254 -0.89 36.43 -39.99
C SER A 254 -1.52 37.47 -39.06
N LYS A 255 -0.82 38.60 -38.87
CA LYS A 255 -1.34 39.64 -38.01
C LYS A 255 -2.65 40.19 -38.55
N ARG A 256 -2.77 40.32 -39.88
CA ARG A 256 -4.00 40.86 -40.45
CA ARG A 256 -4.00 40.88 -40.43
C ARG A 256 -5.18 39.95 -40.19
N ILE A 257 -4.98 38.62 -40.31
CA ILE A 257 -6.10 37.72 -40.02
C ILE A 257 -6.51 37.81 -38.55
N LEU A 258 -5.53 37.82 -37.64
CA LEU A 258 -5.88 37.97 -36.21
C LEU A 258 -6.62 39.26 -35.97
N GLU A 259 -6.14 40.37 -36.55
CA GLU A 259 -6.87 41.63 -36.37
C GLU A 259 -8.28 41.55 -36.92
N ASN A 260 -8.48 40.90 -38.08
CA ASN A 260 -9.83 40.72 -38.62
C ASN A 260 -10.73 39.98 -37.62
N LEU A 261 -10.21 38.90 -37.04
CA LEU A 261 -11.05 38.11 -36.14
C LEU A 261 -11.36 38.87 -34.84
N ILE A 262 -10.37 39.62 -34.34
CA ILE A 262 -10.61 40.44 -33.14
C ILE A 262 -11.70 41.49 -33.41
N GLU A 263 -11.65 42.13 -34.58
CA GLU A 263 -12.69 43.09 -34.93
C GLU A 263 -14.07 42.44 -34.96
N ILE A 264 -14.17 41.25 -35.58
CA ILE A 264 -15.41 40.50 -35.59
C ILE A 264 -15.86 40.20 -34.15
N ALA A 265 -14.95 39.68 -33.32
CA ALA A 265 -15.36 39.27 -31.97
C ALA A 265 -15.85 40.46 -31.16
N GLU A 266 -15.19 41.60 -31.31
CA GLU A 266 -15.66 42.79 -30.61
CA GLU A 266 -15.64 42.81 -30.63
C GLU A 266 -16.99 43.25 -31.17
N LYS A 267 -17.17 43.21 -32.48
CA LYS A 267 -18.42 43.70 -33.07
C LYS A 267 -19.61 42.85 -32.65
N PHE A 268 -19.43 41.52 -32.51
CA PHE A 268 -20.55 40.66 -32.23
C PHE A 268 -20.55 40.15 -30.80
N ASP A 269 -19.71 40.75 -29.93
CA ASP A 269 -19.68 40.43 -28.49
CA ASP A 269 -19.70 40.44 -28.50
C ASP A 269 -19.37 38.97 -28.26
N ILE A 270 -18.35 38.47 -28.94
CA ILE A 270 -17.93 37.07 -28.80
C ILE A 270 -16.69 37.03 -27.93
N LYS A 271 -16.72 36.20 -26.89
CA LYS A 271 -15.56 36.11 -25.96
C LYS A 271 -14.37 35.48 -26.68
N TYR A 272 -13.17 36.03 -26.50
CA TYR A 272 -12.00 35.40 -27.12
C TYR A 272 -10.80 35.63 -26.22
N GLN A 273 -9.69 34.92 -26.49
CA GLN A 273 -8.46 35.12 -25.74
C GLN A 273 -7.26 34.99 -26.68
N MET A 274 -6.14 35.59 -26.31
CA MET A 274 -4.93 35.48 -27.14
C MET A 274 -4.10 34.30 -26.67
N GLU A 275 -3.39 33.68 -27.61
CA GLU A 275 -2.56 32.51 -27.31
C GLU A 275 -1.12 32.72 -27.75
N VAL A 276 -0.17 32.38 -26.87
CA VAL A 276 1.19 32.07 -27.27
C VAL A 276 1.51 30.71 -26.67
N LEU A 277 1.90 29.78 -27.52
CA LEU A 277 2.17 28.40 -27.10
C LEU A 277 3.66 28.14 -27.20
N THR A 278 4.25 27.56 -26.13
CA THR A 278 5.70 27.45 -26.05
C THR A 278 6.21 26.13 -26.57
N PHE A 279 5.32 25.29 -27.10
CA PHE A 279 5.75 24.07 -27.80
C PHE A 279 4.63 23.72 -28.76
N GLY A 280 4.92 22.87 -29.72
CA GLY A 280 3.83 22.36 -30.53
C GLY A 280 3.66 23.15 -31.82
N GLY A 281 2.81 22.63 -32.70
CA GLY A 281 2.62 23.21 -34.02
C GLY A 281 1.26 22.80 -34.52
N THR A 282 0.82 23.46 -35.61
CA THR A 282 -0.47 23.12 -36.26
C THR A 282 -0.30 23.22 -37.77
N ASN A 283 -1.36 22.82 -38.45
CA ASN A 283 -1.41 22.80 -39.91
C ASN A 283 -1.29 24.17 -40.55
N ALA A 284 -1.41 25.27 -39.78
CA ALA A 284 -1.19 26.58 -40.39
C ALA A 284 0.18 26.65 -41.07
N MET A 285 1.20 25.97 -40.52
CA MET A 285 2.52 26.01 -41.16
C MET A 285 2.47 25.44 -42.56
N GLY A 286 1.63 24.41 -42.80
CA GLY A 286 1.62 23.78 -44.12
C GLY A 286 1.04 24.73 -45.16
N TYR A 287 -0.03 25.45 -44.78
CA TYR A 287 -0.63 26.39 -45.74
C TYR A 287 0.30 27.57 -45.97
N GLN A 288 0.96 28.05 -44.90
CA GLN A 288 1.91 29.16 -45.10
C GLN A 288 2.97 28.85 -46.11
N ARG A 289 3.41 27.59 -46.18
CA ARG A 289 4.51 27.19 -47.05
C ARG A 289 4.03 26.71 -48.41
N THR A 290 2.71 26.81 -48.69
CA THR A 290 2.19 26.31 -49.97
C THR A 290 2.40 27.31 -51.09
N ARG A 291 2.99 26.84 -52.18
CA ARG A 291 3.16 27.65 -53.42
C ARG A 291 3.82 28.97 -53.05
N GLU A 292 3.23 30.12 -53.44
CA GLU A 292 3.87 31.41 -53.14
C GLU A 292 3.54 31.90 -51.75
N GLY A 293 2.79 31.10 -50.98
CA GLY A 293 2.57 31.34 -49.55
C GLY A 293 1.15 31.82 -49.29
N ILE A 294 0.38 31.04 -48.54
CA ILE A 294 -1.01 31.40 -48.21
C ILE A 294 -1.01 32.02 -46.81
N PRO A 295 -1.43 33.26 -46.64
CA PRO A 295 -1.52 33.86 -45.29
C PRO A 295 -2.41 32.99 -44.43
N SER A 296 -1.89 32.63 -43.22
CA SER A 296 -2.57 31.62 -42.43
C SER A 296 -2.60 32.04 -40.96
N ALA A 297 -3.61 31.55 -40.24
CA ALA A 297 -3.67 31.73 -38.79
C ALA A 297 -4.22 30.45 -38.18
N THR A 298 -4.19 30.35 -36.84
CA THR A 298 -4.85 29.26 -36.14
C THR A 298 -5.78 29.87 -35.09
N VAL A 299 -6.96 29.28 -34.99
CA VAL A 299 -7.92 29.58 -33.91
C VAL A 299 -8.05 28.29 -33.11
N SER A 300 -7.79 28.35 -31.82
CA SER A 300 -7.65 27.10 -31.04
C SER A 300 -8.77 26.90 -30.02
N ILE A 301 -9.11 25.64 -29.79
CA ILE A 301 -10.02 25.28 -28.70
C ILE A 301 -9.17 24.97 -27.47
N PRO A 302 -9.30 25.71 -26.39
CA PRO A 302 -8.57 25.36 -25.14
C PRO A 302 -8.95 23.95 -24.72
N THR A 303 -7.92 23.12 -24.40
CA THR A 303 -8.17 21.72 -24.10
C THR A 303 -7.27 21.34 -22.93
N ARG A 304 -7.84 20.73 -21.88
CA ARG A 304 -7.00 20.11 -20.83
C ARG A 304 -6.59 18.69 -21.21
N TYR A 305 -5.40 18.25 -20.72
CA TYR A 305 -4.97 16.85 -20.80
C TYR A 305 -4.73 16.44 -22.27
N VAL A 306 -4.16 17.36 -23.07
CA VAL A 306 -3.91 17.04 -24.49
CA VAL A 306 -3.91 17.03 -24.47
C VAL A 306 -3.00 15.82 -24.59
N HIS A 307 -3.36 14.94 -25.51
CA HIS A 307 -2.68 13.68 -25.89
C HIS A 307 -2.83 12.61 -24.84
N SER A 308 -3.79 12.79 -23.94
CA SER A 308 -4.26 11.73 -23.02
C SER A 308 -5.52 11.10 -23.59
N PRO A 309 -6.01 10.02 -23.00
CA PRO A 309 -7.31 9.42 -23.40
C PRO A 309 -8.50 10.18 -22.85
N SER A 310 -8.26 11.27 -22.13
CA SER A 310 -9.32 12.03 -21.46
C SER A 310 -9.12 13.54 -21.65
N GLU A 311 -8.98 13.93 -22.93
CA GLU A 311 -8.94 15.37 -23.26
C GLU A 311 -10.26 16.04 -22.94
N MET A 312 -10.19 17.28 -22.42
CA MET A 312 -11.37 17.95 -21.88
C MET A 312 -11.54 19.34 -22.47
N ILE A 313 -12.74 19.64 -22.98
CA ILE A 313 -13.06 20.95 -23.53
C ILE A 313 -14.30 21.49 -22.84
N ALA A 314 -14.51 22.82 -23.01
CA ALA A 314 -15.73 23.51 -22.53
C ALA A 314 -16.61 23.77 -23.74
N PRO A 315 -17.83 23.23 -23.78
CA PRO A 315 -18.69 23.42 -24.97
C PRO A 315 -18.93 24.87 -25.34
N ASP A 316 -18.95 25.80 -24.38
CA ASP A 316 -19.17 27.20 -24.75
CA ASP A 316 -19.15 27.20 -24.72
C ASP A 316 -18.04 27.74 -25.61
N ASP A 317 -16.81 27.22 -25.44
CA ASP A 317 -15.71 27.72 -26.27
C ASP A 317 -15.89 27.27 -27.70
N VAL A 318 -16.43 26.06 -27.84
CA VAL A 318 -16.64 25.49 -29.17
C VAL A 318 -17.74 26.24 -29.88
N GLU A 319 -18.86 26.52 -29.17
CA GLU A 319 -19.94 27.33 -29.74
CA GLU A 319 -19.94 27.32 -29.74
C GLU A 319 -19.46 28.72 -30.14
N ALA A 320 -18.63 29.35 -29.31
CA ALA A 320 -18.15 30.69 -29.61
C ALA A 320 -17.24 30.67 -30.85
N THR A 321 -16.48 29.57 -31.03
CA THR A 321 -15.59 29.46 -32.20
C THR A 321 -16.41 29.33 -33.46
N VAL A 322 -17.48 28.52 -33.40
CA VAL A 322 -18.39 28.42 -34.55
C VAL A 322 -18.98 29.81 -34.88
N ASP A 323 -19.48 30.50 -33.84
CA ASP A 323 -20.04 31.86 -34.01
CA ASP A 323 -20.04 31.84 -34.03
C ASP A 323 -19.03 32.78 -34.66
N LEU A 324 -17.80 32.78 -34.16
CA LEU A 324 -16.75 33.66 -34.69
C LEU A 324 -16.53 33.42 -36.17
N LEU A 325 -16.40 32.14 -36.55
CA LEU A 325 -16.12 31.85 -37.95
C LEU A 325 -17.31 32.21 -38.84
N ILE A 326 -18.53 31.95 -38.37
CA ILE A 326 -19.73 32.31 -39.17
C ILE A 326 -19.82 33.81 -39.36
N ARG A 327 -19.51 34.58 -38.31
CA ARG A 327 -19.58 36.04 -38.43
C ARG A 327 -18.52 36.56 -39.37
N TYR A 328 -17.33 35.92 -39.36
CA TYR A 328 -16.25 36.37 -40.18
C TYR A 328 -16.43 36.00 -41.64
N LEU A 329 -17.01 34.82 -41.92
CA LEU A 329 -17.01 34.30 -43.29
C LEU A 329 -18.37 34.33 -43.94
N GLY A 330 -19.43 34.65 -43.19
CA GLY A 330 -20.79 34.48 -43.66
C GLY A 330 -21.41 35.82 -43.95
N ALA A 331 -22.54 35.76 -44.66
CA ALA A 331 -23.27 36.95 -45.06
C ALA A 331 -23.83 37.70 -43.86
N MET B 1 -20.11 -19.01 -15.49
CA MET B 1 -19.41 -18.12 -14.57
CA MET B 1 -19.52 -18.07 -14.55
C MET B 1 -19.14 -16.74 -15.18
N LYS B 2 -19.16 -16.61 -16.52
CA LYS B 2 -18.77 -15.33 -17.13
C LYS B 2 -19.60 -14.16 -16.62
N GLU B 3 -20.94 -14.30 -16.59
CA GLU B 3 -21.75 -13.14 -16.19
C GLU B 3 -21.56 -12.83 -14.71
N LEU B 4 -21.31 -13.84 -13.88
CA LEU B 4 -21.02 -13.61 -12.46
C LEU B 4 -19.73 -12.81 -12.30
N ILE B 5 -18.71 -13.16 -13.09
CA ILE B 5 -17.42 -12.45 -13.01
C ILE B 5 -17.57 -11.02 -13.54
N ARG B 6 -18.36 -10.83 -14.60
CA ARG B 6 -18.61 -9.49 -15.12
C ARG B 6 -19.27 -8.63 -14.05
N LYS B 7 -20.33 -9.17 -13.40
CA LYS B 7 -21.04 -8.39 -12.40
CA LYS B 7 -21.06 -8.41 -12.38
C LYS B 7 -20.16 -8.05 -11.21
N LEU B 8 -19.44 -9.05 -10.70
CA LEU B 8 -18.63 -8.83 -9.50
C LEU B 8 -17.46 -7.88 -9.77
N THR B 9 -16.77 -8.05 -10.90
CA THR B 9 -15.60 -7.17 -11.11
C THR B 9 -16.02 -5.74 -11.39
N GLU B 10 -17.21 -5.51 -11.96
CA GLU B 10 -17.61 -4.15 -12.29
C GLU B 10 -18.25 -3.44 -11.11
N ALA B 11 -18.65 -4.18 -10.08
CA ALA B 11 -19.28 -3.55 -8.93
C ALA B 11 -18.30 -2.61 -8.23
N PHE B 12 -18.88 -1.65 -7.49
CA PHE B 12 -18.11 -0.68 -6.71
C PHE B 12 -17.79 -1.23 -5.32
N GLY B 13 -16.50 -1.40 -4.97
CA GLY B 13 -16.23 -1.79 -3.61
C GLY B 13 -14.78 -1.61 -3.14
N PRO B 14 -14.29 -0.38 -3.12
CA PRO B 14 -12.97 -0.14 -2.53
C PRO B 14 -12.98 -0.44 -1.04
N SER B 15 -11.81 -0.68 -0.49
CA SER B 15 -11.68 -1.00 0.94
C SER B 15 -12.46 -0.02 1.80
N GLY B 16 -13.21 -0.55 2.77
CA GLY B 16 -14.04 0.29 3.66
C GLY B 16 -15.43 0.60 3.13
N ARG B 17 -15.67 0.44 1.82
CA ARG B 17 -16.99 0.79 1.24
C ARG B 17 -17.42 -0.35 0.32
N GLU B 18 -17.53 -1.58 0.85
CA GLU B 18 -17.77 -2.77 0.02
C GLU B 18 -19.25 -3.20 -0.05
N GLU B 19 -20.18 -2.39 0.46
CA GLU B 19 -21.59 -2.79 0.55
CA GLU B 19 -21.58 -2.82 0.55
C GLU B 19 -22.15 -3.33 -0.76
N GLU B 20 -21.94 -2.59 -1.85
CA GLU B 20 -22.49 -3.01 -3.16
C GLU B 20 -22.09 -4.45 -3.50
N VAL B 21 -20.83 -4.80 -3.28
CA VAL B 21 -20.33 -6.17 -3.61
C VAL B 21 -21.01 -7.19 -2.68
N ARG B 22 -21.04 -6.90 -1.38
CA ARG B 22 -21.65 -7.80 -0.41
CA ARG B 22 -21.64 -7.81 -0.41
C ARG B 22 -23.08 -8.13 -0.80
N SER B 23 -23.82 -7.12 -1.24
CA SER B 23 -25.23 -7.34 -1.60
C SER B 23 -25.39 -8.20 -2.85
N ILE B 24 -24.52 -8.01 -3.87
CA ILE B 24 -24.58 -8.88 -5.03
C ILE B 24 -24.28 -10.33 -4.66
N ILE B 25 -23.28 -10.54 -3.81
CA ILE B 25 -22.92 -11.92 -3.43
C ILE B 25 -24.09 -12.59 -2.69
N LEU B 26 -24.71 -11.89 -1.77
CA LEU B 26 -25.86 -12.46 -1.06
CA LEU B 26 -25.87 -12.44 -1.06
C LEU B 26 -26.98 -12.83 -2.02
N GLU B 27 -27.26 -11.94 -3.00
CA GLU B 27 -28.29 -12.25 -3.97
CA GLU B 27 -28.28 -12.22 -4.01
C GLU B 27 -27.94 -13.48 -4.80
N GLU B 28 -26.69 -13.61 -5.23
CA GLU B 28 -26.31 -14.76 -6.01
C GLU B 28 -26.41 -16.03 -5.19
N LEU B 29 -26.24 -15.92 -3.86
CA LEU B 29 -26.19 -17.13 -3.04
C LEU B 29 -27.58 -17.56 -2.58
N GLU B 30 -28.61 -16.76 -2.85
CA GLU B 30 -29.95 -17.13 -2.43
CA GLU B 30 -29.99 -17.10 -2.48
C GLU B 30 -30.33 -18.51 -2.98
N GLY B 31 -30.86 -19.35 -2.09
CA GLY B 31 -31.16 -20.70 -2.53
C GLY B 31 -30.01 -21.68 -2.46
N HIS B 32 -28.81 -21.24 -2.07
CA HIS B 32 -27.63 -22.07 -2.05
C HIS B 32 -26.92 -22.06 -0.72
N ILE B 33 -27.41 -21.30 0.26
CA ILE B 33 -26.78 -21.29 1.57
C ILE B 33 -27.85 -21.60 2.61
N ASP B 34 -27.39 -22.14 3.76
CA ASP B 34 -28.28 -22.46 4.87
C ASP B 34 -28.51 -21.28 5.80
N GLY B 35 -27.67 -20.25 5.76
CA GLY B 35 -27.88 -19.09 6.61
C GLY B 35 -26.69 -18.16 6.41
N HIS B 36 -26.78 -16.98 7.02
CA HIS B 36 -25.69 -16.02 6.91
C HIS B 36 -25.79 -14.99 8.02
N ARG B 37 -24.67 -14.27 8.21
CA ARG B 37 -24.68 -13.14 9.09
C ARG B 37 -23.64 -12.15 8.60
N ILE B 38 -23.80 -10.89 9.03
CA ILE B 38 -22.85 -9.84 8.68
C ILE B 38 -22.31 -9.30 10.00
N ASP B 39 -20.97 -9.23 10.15
CA ASP B 39 -20.45 -8.82 11.45
C ASP B 39 -20.27 -7.30 11.50
N GLY B 40 -19.65 -6.81 12.58
CA GLY B 40 -19.64 -5.38 12.81
C GLY B 40 -18.70 -4.63 11.90
N LEU B 41 -17.73 -5.33 11.31
CA LEU B 41 -16.86 -4.68 10.34
C LEU B 41 -17.41 -4.77 8.93
N GLY B 42 -18.47 -5.59 8.70
CA GLY B 42 -19.01 -5.75 7.38
C GLY B 42 -18.65 -7.06 6.70
N ASN B 43 -17.91 -7.95 7.38
CA ASN B 43 -17.63 -9.26 6.76
C ASN B 43 -18.94 -10.00 6.60
N LEU B 44 -19.13 -10.64 5.44
CA LEU B 44 -20.30 -11.50 5.21
C LEU B 44 -19.87 -12.96 5.45
N ILE B 45 -20.56 -13.65 6.37
CA ILE B 45 -20.25 -15.04 6.68
C ILE B 45 -21.48 -15.90 6.30
N VAL B 46 -21.28 -16.92 5.47
CA VAL B 46 -22.39 -17.77 5.03
C VAL B 46 -22.02 -19.21 5.33
N TRP B 47 -23.04 -20.09 5.42
CA TRP B 47 -22.67 -21.49 5.67
C TRP B 47 -23.65 -22.43 4.95
N LYS B 48 -23.14 -23.63 4.69
CA LYS B 48 -23.94 -24.67 4.03
C LYS B 48 -23.44 -26.01 4.52
N GLY B 49 -24.37 -26.95 4.86
CA GLY B 49 -23.91 -28.27 5.28
C GLY B 49 -23.76 -28.43 6.77
N SER B 50 -23.45 -29.67 7.18
CA SER B 50 -23.41 -29.98 8.60
C SER B 50 -22.37 -31.03 8.95
N GLY B 51 -21.39 -31.27 8.09
CA GLY B 51 -20.36 -32.25 8.41
C GLY B 51 -19.52 -31.91 9.63
N GLU B 52 -18.87 -32.94 10.17
CA GLU B 52 -18.05 -32.82 11.37
CA GLU B 52 -18.07 -32.79 11.38
C GLU B 52 -16.88 -31.86 11.14
N LYS B 53 -16.25 -31.93 9.99
CA LYS B 53 -15.10 -31.04 9.68
C LYS B 53 -15.66 -29.69 9.24
N LYS B 54 -15.14 -28.59 9.79
CA LYS B 54 -15.64 -27.26 9.49
C LYS B 54 -14.54 -26.53 8.70
N VAL B 55 -14.86 -26.04 7.51
CA VAL B 55 -13.85 -25.40 6.66
C VAL B 55 -14.33 -24.01 6.28
N ILE B 56 -13.43 -23.00 6.42
CA ILE B 56 -13.69 -21.67 5.86
C ILE B 56 -13.09 -21.61 4.46
N LEU B 57 -13.86 -21.06 3.50
CA LEU B 57 -13.29 -20.55 2.25
C LEU B 57 -13.43 -19.03 2.31
N ASP B 58 -12.33 -18.30 2.11
CA ASP B 58 -12.36 -16.84 2.22
C ASP B 58 -11.98 -16.20 0.90
N ALA B 59 -12.73 -15.15 0.50
CA ALA B 59 -12.24 -14.24 -0.52
C ALA B 59 -12.52 -12.83 -0.03
N HIS B 60 -11.66 -11.86 -0.40
CA HIS B 60 -11.97 -10.50 0.03
C HIS B 60 -12.82 -9.76 -0.99
N ILE B 61 -13.75 -8.93 -0.47
CA ILE B 61 -14.70 -8.25 -1.35
C ILE B 61 -14.22 -6.84 -1.67
N ASP B 62 -13.16 -6.36 -1.01
CA ASP B 62 -12.66 -5.03 -1.38
C ASP B 62 -11.69 -5.10 -2.55
N GLU B 63 -11.63 -3.97 -3.26
CA GLU B 63 -10.62 -3.73 -4.30
C GLU B 63 -9.82 -2.50 -3.91
N ILE B 64 -8.63 -2.35 -4.53
CA ILE B 64 -7.90 -1.07 -4.36
C ILE B 64 -8.69 0.11 -4.96
N GLY B 65 -8.30 1.29 -4.53
CA GLY B 65 -8.97 2.49 -5.03
C GLY B 65 -8.29 3.77 -4.51
N VAL B 66 -9.07 4.83 -4.41
CA VAL B 66 -8.57 6.13 -3.96
C VAL B 66 -9.60 6.78 -3.03
N VAL B 67 -9.11 7.74 -2.23
CA VAL B 67 -10.01 8.56 -1.41
C VAL B 67 -9.59 10.03 -1.55
N VAL B 68 -10.58 10.90 -1.61
CA VAL B 68 -10.32 12.35 -1.72
C VAL B 68 -9.77 12.88 -0.41
N THR B 69 -8.61 13.57 -0.45
CA THR B 69 -8.00 14.12 0.77
CA THR B 69 -8.00 14.10 0.76
C THR B 69 -8.06 15.62 0.87
N ASN B 70 -8.27 16.35 -0.24
CA ASN B 70 -8.32 17.80 -0.16
C ASN B 70 -8.98 18.31 -1.44
N VAL B 71 -9.35 19.59 -1.42
CA VAL B 71 -10.05 20.25 -2.52
C VAL B 71 -9.44 21.63 -2.60
N ASP B 72 -9.17 22.11 -3.83
CA ASP B 72 -8.55 23.44 -3.92
C ASP B 72 -9.57 24.48 -4.36
N ASP B 73 -9.12 25.75 -4.38
CA ASP B 73 -10.05 26.85 -4.65
CA ASP B 73 -10.11 26.80 -4.63
C ASP B 73 -10.64 26.80 -6.04
N LYS B 74 -10.01 26.05 -6.96
CA LYS B 74 -10.55 25.93 -8.31
C LYS B 74 -11.36 24.66 -8.51
N GLY B 75 -11.59 23.89 -7.46
CA GLY B 75 -12.43 22.71 -7.53
C GLY B 75 -11.71 21.42 -7.87
N PHE B 76 -10.37 21.43 -7.97
CA PHE B 76 -9.65 20.18 -8.23
C PHE B 76 -9.44 19.40 -6.93
N LEU B 77 -9.43 18.08 -7.04
CA LEU B 77 -9.28 17.20 -5.87
C LEU B 77 -7.90 16.61 -5.76
N THR B 78 -7.43 16.40 -4.50
CA THR B 78 -6.25 15.57 -4.32
C THR B 78 -6.68 14.25 -3.67
N ILE B 79 -5.91 13.19 -3.95
CA ILE B 79 -6.28 11.84 -3.52
C ILE B 79 -5.14 11.15 -2.79
N GLU B 80 -5.54 10.08 -2.04
CA GLU B 80 -4.64 9.17 -1.35
C GLU B 80 -5.03 7.76 -1.81
N PRO B 81 -4.06 6.88 -2.03
CA PRO B 81 -4.39 5.51 -2.42
C PRO B 81 -5.11 4.75 -1.29
N VAL B 82 -5.98 3.86 -1.71
CA VAL B 82 -6.61 2.90 -0.79
C VAL B 82 -6.07 1.55 -1.22
N GLY B 83 -5.15 0.99 -0.43
CA GLY B 83 -4.41 -0.16 -0.87
C GLY B 83 -3.33 0.20 -1.88
N GLY B 84 -2.79 -0.84 -2.50
CA GLY B 84 -1.54 -0.70 -3.27
C GLY B 84 -1.77 -0.21 -4.69
N VAL B 85 -2.30 0.98 -4.90
CA VAL B 85 -2.47 1.57 -6.23
CA VAL B 85 -2.44 1.54 -6.25
C VAL B 85 -1.22 2.38 -6.56
N SER B 86 -0.63 2.13 -7.71
CA SER B 86 0.55 2.91 -8.12
C SER B 86 0.07 4.20 -8.79
N PRO B 87 0.71 5.35 -8.52
CA PRO B 87 0.32 6.57 -9.25
C PRO B 87 0.53 6.40 -10.74
N TYR B 88 1.42 5.52 -11.17
CA TYR B 88 1.61 5.33 -12.61
C TYR B 88 0.41 4.66 -13.26
N MET B 89 -0.42 3.94 -12.49
CA MET B 89 -1.62 3.36 -13.10
C MET B 89 -2.74 4.38 -13.20
N LEU B 90 -2.61 5.55 -12.59
CA LEU B 90 -3.65 6.57 -12.61
C LEU B 90 -3.49 7.67 -13.64
N LEU B 91 -2.29 7.93 -14.12
CA LEU B 91 -2.08 9.03 -15.08
CA LEU B 91 -2.11 9.05 -15.05
C LEU B 91 -2.98 8.90 -16.30
N GLY B 92 -3.72 9.96 -16.62
CA GLY B 92 -4.60 9.97 -17.77
C GLY B 92 -5.79 9.05 -17.67
N LYS B 93 -6.00 8.41 -16.52
CA LYS B 93 -7.08 7.45 -16.27
CA LYS B 93 -7.12 7.47 -16.35
C LYS B 93 -8.29 8.21 -15.71
N ARG B 94 -9.46 7.57 -15.76
CA ARG B 94 -10.63 8.13 -15.10
C ARG B 94 -10.92 7.30 -13.86
N ILE B 95 -11.52 7.99 -12.86
CA ILE B 95 -11.90 7.38 -11.58
C ILE B 95 -13.41 7.48 -11.49
N ARG B 96 -14.07 6.39 -11.05
CA ARG B 96 -15.50 6.42 -10.78
C ARG B 96 -15.68 6.49 -9.26
N PHE B 97 -16.44 7.48 -8.80
CA PHE B 97 -16.66 7.63 -7.35
C PHE B 97 -17.95 6.94 -6.93
N GLU B 98 -18.08 6.79 -5.62
CA GLU B 98 -19.19 6.02 -5.05
C GLU B 98 -20.52 6.60 -5.47
N ASN B 99 -20.60 7.94 -5.57
CA ASN B 99 -21.85 8.60 -5.88
C ASN B 99 -22.08 8.71 -7.37
N GLY B 100 -21.24 8.08 -8.19
CA GLY B 100 -21.35 8.02 -9.64
C GLY B 100 -20.51 9.06 -10.38
N THR B 101 -19.93 10.01 -9.67
CA THR B 101 -19.12 11.05 -10.33
C THR B 101 -17.97 10.37 -11.10
N ILE B 102 -17.64 10.87 -12.31
CA ILE B 102 -16.41 10.51 -13.02
C ILE B 102 -15.40 11.65 -12.89
N GLY B 103 -14.15 11.32 -12.57
CA GLY B 103 -13.08 12.31 -12.48
C GLY B 103 -11.92 11.89 -13.37
N VAL B 104 -11.19 12.91 -13.88
CA VAL B 104 -10.02 12.67 -14.74
C VAL B 104 -8.77 12.96 -13.93
N VAL B 105 -7.79 12.06 -13.99
CA VAL B 105 -6.54 12.24 -13.23
C VAL B 105 -5.57 13.02 -14.09
N GLY B 106 -5.02 14.09 -13.53
CA GLY B 106 -3.99 14.88 -14.22
C GLY B 106 -2.77 15.02 -13.33
N MET B 107 -1.67 15.57 -13.90
CA MET B 107 -0.41 15.67 -13.15
C MET B 107 0.02 17.13 -13.16
N GLU B 108 0.59 17.57 -12.04
CA GLU B 108 1.18 18.92 -11.93
C GLU B 108 2.48 19.04 -12.73
N GLY B 109 2.83 20.29 -13.05
CA GLY B 109 4.17 20.58 -13.54
C GLY B 109 4.17 21.90 -14.30
N GLU B 110 4.76 22.94 -13.71
CA GLU B 110 4.62 24.31 -14.27
C GLU B 110 5.51 24.57 -15.47
N THR B 111 6.49 23.71 -15.74
CA THR B 111 7.33 23.80 -16.91
C THR B 111 7.47 22.40 -17.51
N THR B 112 7.92 22.31 -18.77
CA THR B 112 8.11 20.98 -19.35
CA THR B 112 8.11 20.98 -19.36
C THR B 112 9.14 20.19 -18.56
N GLU B 113 10.15 20.86 -18.01
CA GLU B 113 11.17 20.20 -17.21
CA GLU B 113 11.17 20.20 -17.21
C GLU B 113 10.59 19.62 -15.91
N GLU B 114 9.75 20.39 -15.22
CA GLU B 114 9.11 19.88 -14.00
C GLU B 114 8.24 18.66 -14.33
N ARG B 115 7.55 18.68 -15.48
CA ARG B 115 6.71 17.53 -15.82
CA ARG B 115 6.70 17.55 -15.83
C ARG B 115 7.54 16.30 -16.05
N GLN B 116 8.72 16.47 -16.70
CA GLN B 116 9.62 15.34 -16.87
CA GLN B 116 9.60 15.32 -16.87
C GLN B 116 10.16 14.85 -15.54
N GLU B 117 10.50 15.77 -14.63
CA GLU B 117 11.00 15.37 -13.31
CA GLU B 117 11.01 15.34 -13.32
C GLU B 117 9.91 14.65 -12.54
N ASN B 118 8.68 15.14 -12.64
CA ASN B 118 7.60 14.57 -11.85
C ASN B 118 7.28 13.15 -12.28
N VAL B 119 7.29 12.87 -13.59
CA VAL B 119 6.97 11.52 -14.02
CA VAL B 119 6.98 11.51 -14.06
C VAL B 119 8.10 10.54 -13.72
N ARG B 120 9.32 11.04 -13.54
CA ARG B 120 10.45 10.19 -13.18
CA ARG B 120 10.44 10.18 -13.19
C ARG B 120 10.32 9.66 -11.76
N LYS B 121 9.69 10.45 -10.87
CA LYS B 121 9.52 10.06 -9.47
CA LYS B 121 9.52 10.05 -9.47
C LYS B 121 8.09 10.40 -9.06
N LEU B 122 7.14 9.78 -9.73
CA LEU B 122 5.73 10.18 -9.61
C LEU B 122 5.23 9.88 -8.21
N SER B 123 4.45 10.80 -7.68
CA SER B 123 3.87 10.51 -6.39
C SER B 123 2.48 11.08 -6.36
N PHE B 124 1.71 10.64 -5.35
CA PHE B 124 0.34 11.18 -5.26
C PHE B 124 0.31 12.66 -4.99
N ASP B 125 1.41 13.22 -4.47
CA ASP B 125 1.47 14.66 -4.25
CA ASP B 125 1.31 14.66 -4.26
C ASP B 125 1.42 15.47 -5.55
N LYS B 126 1.76 14.83 -6.69
CA LYS B 126 1.77 15.53 -7.98
CA LYS B 126 1.76 15.54 -7.97
C LYS B 126 0.53 15.22 -8.82
N LEU B 127 -0.42 14.45 -8.31
CA LEU B 127 -1.65 14.14 -9.04
C LEU B 127 -2.79 14.97 -8.51
N PHE B 128 -3.79 15.17 -9.38
CA PHE B 128 -5.06 15.78 -8.97
C PHE B 128 -6.18 15.16 -9.79
N ILE B 129 -7.42 15.34 -9.35
CA ILE B 129 -8.57 14.85 -10.10
CA ILE B 129 -8.60 14.85 -10.05
C ILE B 129 -9.47 16.03 -10.46
N ASP B 130 -9.92 16.02 -11.74
CA ASP B 130 -10.81 17.04 -12.28
C ASP B 130 -12.19 16.40 -12.44
N ILE B 131 -13.16 16.89 -11.68
CA ILE B 131 -14.54 16.39 -11.78
C ILE B 131 -15.43 17.41 -12.47
N GLY B 132 -14.81 18.35 -13.15
CA GLY B 132 -15.59 19.37 -13.86
C GLY B 132 -16.11 20.48 -12.99
N ALA B 133 -15.71 20.55 -11.72
CA ALA B 133 -16.16 21.63 -10.85
C ALA B 133 -15.43 22.92 -11.23
N ASN B 134 -16.09 24.06 -10.96
CA ASN B 134 -15.43 25.35 -11.20
C ASN B 134 -15.05 26.09 -9.92
N SER B 135 -15.24 25.50 -8.74
CA SER B 135 -14.88 26.15 -7.49
C SER B 135 -14.84 25.12 -6.39
N ARG B 136 -14.25 25.53 -5.28
CA ARG B 136 -14.20 24.68 -4.10
C ARG B 136 -15.59 24.33 -3.64
N GLU B 137 -16.50 25.30 -3.58
CA GLU B 137 -17.83 24.95 -3.06
C GLU B 137 -18.56 24.01 -3.97
N GLU B 138 -18.42 24.17 -5.30
CA GLU B 138 -19.05 23.22 -6.20
C GLU B 138 -18.46 21.81 -6.01
N ALA B 139 -17.14 21.71 -5.86
CA ALA B 139 -16.54 20.38 -5.73
C ALA B 139 -16.92 19.73 -4.41
N GLN B 140 -16.96 20.52 -3.33
CA GLN B 140 -17.36 19.98 -2.02
C GLN B 140 -18.77 19.42 -2.05
N LYS B 141 -19.65 20.03 -2.85
CA LYS B 141 -21.00 19.49 -2.95
CA LYS B 141 -21.00 19.50 -2.97
C LYS B 141 -21.01 18.22 -3.77
N MET B 142 -20.06 18.08 -4.69
CA MET B 142 -20.09 16.99 -5.64
CA MET B 142 -20.13 16.98 -5.63
C MET B 142 -19.38 15.76 -5.15
N CYS B 143 -18.17 15.94 -4.56
CA CYS B 143 -17.27 14.85 -4.24
CA CYS B 143 -17.25 14.86 -4.24
C CYS B 143 -16.33 15.33 -3.13
N PRO B 144 -16.85 15.45 -1.91
CA PRO B 144 -16.05 16.04 -0.81
C PRO B 144 -14.91 15.14 -0.33
N ILE B 145 -14.09 15.76 0.53
CA ILE B 145 -13.06 15.02 1.28
C ILE B 145 -13.67 13.78 1.90
N GLY B 146 -13.00 12.64 1.72
CA GLY B 146 -13.52 11.36 2.24
C GLY B 146 -14.34 10.57 1.25
N SER B 147 -14.49 11.06 0.02
CA SER B 147 -15.19 10.32 -1.00
C SER B 147 -14.26 9.26 -1.59
N PHE B 148 -14.76 8.03 -1.71
CA PHE B 148 -13.96 6.92 -2.24
C PHE B 148 -14.24 6.71 -3.75
N GLY B 149 -13.21 6.25 -4.47
CA GLY B 149 -13.34 5.96 -5.88
C GLY B 149 -12.53 4.73 -6.29
N VAL B 150 -12.89 4.19 -7.48
CA VAL B 150 -12.20 3.05 -8.07
C VAL B 150 -11.85 3.38 -9.53
N TYR B 151 -11.05 2.50 -10.15
CA TYR B 151 -10.84 2.67 -11.59
C TYR B 151 -12.16 2.67 -12.35
N ASP B 152 -12.25 3.54 -13.36
CA ASP B 152 -13.37 3.52 -14.30
C ASP B 152 -12.97 2.54 -15.39
N SER B 153 -13.25 1.26 -15.17
CA SER B 153 -12.75 0.18 -16.00
CA SER B 153 -12.82 0.22 -16.08
C SER B 153 -13.74 -0.95 -15.86
N GLY B 154 -13.98 -1.67 -16.95
CA GLY B 154 -14.89 -2.80 -16.83
C GLY B 154 -14.40 -4.08 -17.48
N PHE B 155 -15.30 -5.02 -17.67
CA PHE B 155 -14.95 -6.38 -18.08
C PHE B 155 -14.99 -6.53 -19.60
N VAL B 156 -13.98 -7.21 -20.13
CA VAL B 156 -13.98 -7.55 -21.55
CA VAL B 156 -13.94 -7.52 -21.57
C VAL B 156 -13.29 -8.89 -21.74
N GLU B 157 -13.77 -9.67 -22.72
CA GLU B 157 -13.11 -10.92 -23.05
C GLU B 157 -12.09 -10.64 -24.17
N VAL B 158 -10.88 -11.12 -23.97
CA VAL B 158 -9.74 -10.83 -24.87
C VAL B 158 -9.22 -12.18 -25.38
N SER B 159 -9.71 -12.57 -26.57
CA SER B 159 -9.38 -13.86 -27.17
C SER B 159 -9.39 -15.01 -26.15
N GLY B 160 -10.48 -15.14 -25.42
CA GLY B 160 -10.54 -16.28 -24.50
C GLY B 160 -9.98 -16.04 -23.09
N LYS B 161 -9.24 -14.97 -22.88
CA LYS B 161 -8.91 -14.51 -21.53
C LYS B 161 -10.00 -13.55 -21.06
N TYR B 162 -10.11 -13.41 -19.73
CA TYR B 162 -11.01 -12.40 -19.19
C TYR B 162 -10.20 -11.27 -18.57
N VAL B 163 -10.60 -10.03 -18.86
CA VAL B 163 -9.86 -8.84 -18.39
C VAL B 163 -10.86 -7.91 -17.68
N SER B 164 -10.50 -7.43 -16.48
CA SER B 164 -11.37 -6.45 -15.84
C SER B 164 -10.56 -5.74 -14.77
N LYS B 165 -11.18 -4.75 -14.16
CA LYS B 165 -10.66 -4.33 -12.85
C LYS B 165 -11.05 -5.35 -11.80
N ALA B 166 -10.32 -5.32 -10.69
CA ALA B 166 -10.72 -6.03 -9.46
C ALA B 166 -10.91 -7.51 -9.70
N MET B 167 -10.19 -8.13 -10.66
CA MET B 167 -10.01 -9.58 -10.53
C MET B 167 -9.49 -9.91 -9.14
N ASP B 168 -8.58 -9.07 -8.61
CA ASP B 168 -8.20 -9.11 -7.21
C ASP B 168 -9.24 -8.35 -6.39
N ASP B 169 -10.18 -9.04 -5.70
CA ASP B 169 -10.28 -10.50 -5.56
C ASP B 169 -11.73 -10.87 -5.89
N ARG B 170 -12.34 -10.19 -6.85
CA ARG B 170 -13.68 -10.62 -7.26
C ARG B 170 -13.65 -11.96 -7.97
N ILE B 171 -12.51 -12.35 -8.56
CA ILE B 171 -12.41 -13.68 -9.11
C ILE B 171 -12.45 -14.74 -8.01
N GLY B 172 -11.83 -14.47 -6.86
CA GLY B 172 -11.93 -15.39 -5.73
C GLY B 172 -13.36 -15.43 -5.16
N CYS B 173 -14.03 -14.27 -5.11
CA CYS B 173 -15.44 -14.24 -4.71
C CYS B 173 -16.25 -15.11 -5.67
N ALA B 174 -15.98 -14.99 -6.98
CA ALA B 174 -16.76 -15.78 -7.94
C ALA B 174 -16.53 -17.26 -7.76
N VAL B 175 -15.27 -17.66 -7.53
CA VAL B 175 -14.95 -19.08 -7.28
C VAL B 175 -15.78 -19.60 -6.12
N ILE B 176 -15.79 -18.86 -5.00
CA ILE B 176 -16.49 -19.39 -3.81
C ILE B 176 -18.01 -19.44 -4.08
N VAL B 177 -18.55 -18.37 -4.68
CA VAL B 177 -19.98 -18.37 -5.01
C VAL B 177 -20.31 -19.60 -5.84
N GLU B 178 -19.47 -19.91 -6.85
CA GLU B 178 -19.78 -21.04 -7.72
C GLU B 178 -19.66 -22.37 -6.96
N VAL B 179 -18.71 -22.48 -6.04
CA VAL B 179 -18.64 -23.67 -5.17
C VAL B 179 -19.96 -23.84 -4.41
N PHE B 180 -20.45 -22.79 -3.76
CA PHE B 180 -21.72 -22.91 -3.02
C PHE B 180 -22.87 -23.25 -3.95
N LYS B 181 -22.87 -22.72 -5.16
CA LYS B 181 -24.00 -23.00 -6.07
C LYS B 181 -24.05 -24.47 -6.49
N ARG B 182 -22.90 -25.14 -6.55
CA ARG B 182 -22.79 -26.49 -7.09
C ARG B 182 -22.68 -27.58 -6.04
N ILE B 183 -22.11 -27.27 -4.86
CA ILE B 183 -21.59 -28.30 -3.98
C ILE B 183 -22.71 -28.96 -3.18
N LYS B 184 -22.58 -30.28 -2.95
CA LYS B 184 -23.25 -30.95 -1.83
C LYS B 184 -22.20 -31.21 -0.77
N PRO B 185 -22.12 -30.39 0.27
CA PRO B 185 -20.91 -30.39 1.12
C PRO B 185 -20.87 -31.61 2.03
N ALA B 186 -19.68 -32.20 2.13
CA ALA B 186 -19.44 -33.22 3.15
C ALA B 186 -18.90 -32.63 4.45
N VAL B 187 -18.46 -31.38 4.41
CA VAL B 187 -18.02 -30.62 5.57
C VAL B 187 -19.18 -29.71 5.96
N THR B 188 -19.02 -28.95 7.05
CA THR B 188 -19.79 -27.74 7.28
C THR B 188 -18.98 -26.65 6.60
N LEU B 189 -19.51 -26.09 5.52
CA LEU B 189 -18.72 -25.15 4.68
C LEU B 189 -19.11 -23.72 5.06
N TYR B 190 -18.13 -22.94 5.54
CA TYR B 190 -18.35 -21.54 5.82
C TYR B 190 -17.70 -20.75 4.67
N GLY B 191 -18.41 -19.78 4.15
CA GLY B 191 -17.87 -18.86 3.12
C GLY B 191 -17.72 -17.52 3.80
N VAL B 192 -16.52 -16.93 3.71
CA VAL B 192 -16.32 -15.62 4.35
C VAL B 192 -15.93 -14.69 3.22
N PHE B 193 -16.71 -13.65 3.05
CA PHE B 193 -16.49 -12.64 2.01
C PHE B 193 -16.09 -11.43 2.85
N SER B 194 -14.78 -11.23 3.00
CA SER B 194 -14.21 -10.37 4.03
C SER B 194 -13.84 -8.99 3.51
N VAL B 195 -13.89 -8.03 4.41
CA VAL B 195 -13.63 -6.63 4.06
C VAL B 195 -12.16 -6.29 4.24
N GLN B 196 -11.74 -5.21 3.58
CA GLN B 196 -10.50 -4.48 3.94
C GLN B 196 -9.25 -5.38 3.93
N GLU B 197 -9.18 -6.33 2.98
CA GLU B 197 -7.94 -7.06 2.81
C GLU B 197 -6.81 -6.14 2.33
N GLU B 198 -7.13 -5.21 1.44
CA GLU B 198 -6.07 -4.43 0.76
C GLU B 198 -5.45 -3.38 1.65
N VAL B 199 -6.01 -3.13 2.84
CA VAL B 199 -5.48 -2.14 3.78
C VAL B 199 -5.08 -2.86 5.05
N GLY B 200 -4.55 -4.08 4.92
CA GLY B 200 -3.93 -4.74 6.04
C GLY B 200 -4.61 -5.99 6.57
N LEU B 201 -5.38 -6.70 5.71
CA LEU B 201 -6.02 -7.97 6.12
C LEU B 201 -7.00 -7.75 7.28
N VAL B 202 -7.72 -6.63 7.29
CA VAL B 202 -8.45 -6.26 8.52
C VAL B 202 -9.60 -7.23 8.76
N GLY B 203 -10.41 -7.46 7.72
CA GLY B 203 -11.65 -8.21 7.92
C GLY B 203 -11.35 -9.65 8.33
N ALA B 204 -10.40 -10.28 7.65
CA ALA B 204 -10.08 -11.67 7.93
C ALA B 204 -9.29 -11.81 9.21
N SER B 205 -8.82 -10.71 9.81
CA SER B 205 -8.16 -10.90 11.10
CA SER B 205 -8.17 -10.80 11.13
C SER B 205 -9.17 -11.09 12.23
N VAL B 206 -10.46 -10.89 11.97
CA VAL B 206 -11.50 -11.13 12.98
C VAL B 206 -12.60 -12.05 12.50
N ALA B 207 -12.79 -12.28 11.19
CA ALA B 207 -13.98 -13.02 10.75
C ALA B 207 -14.00 -14.46 11.26
N GLY B 208 -12.83 -15.03 11.51
CA GLY B 208 -12.77 -16.38 12.03
C GLY B 208 -13.05 -16.47 13.53
N TYR B 209 -13.13 -15.34 14.21
CA TYR B 209 -13.17 -15.42 15.67
C TYR B 209 -14.40 -16.23 16.10
N GLY B 210 -15.53 -15.95 15.45
CA GLY B 210 -16.79 -16.60 15.82
C GLY B 210 -17.14 -17.76 14.92
N VAL B 211 -16.17 -18.32 14.22
CA VAL B 211 -16.41 -19.45 13.33
C VAL B 211 -15.57 -20.63 13.81
N PRO B 212 -16.17 -21.78 14.15
CA PRO B 212 -15.42 -22.91 14.72
C PRO B 212 -14.70 -23.76 13.68
N ALA B 213 -13.84 -23.13 12.88
CA ALA B 213 -13.22 -23.84 11.75
C ALA B 213 -12.07 -24.73 12.15
N ASP B 214 -11.96 -25.86 11.46
CA ASP B 214 -10.81 -26.73 11.54
C ASP B 214 -9.71 -26.33 10.53
N GLU B 215 -10.10 -25.69 9.44
CA GLU B 215 -9.17 -25.29 8.36
C GLU B 215 -9.72 -24.03 7.74
N ALA B 216 -8.82 -23.20 7.20
CA ALA B 216 -9.30 -22.07 6.40
C ALA B 216 -8.48 -22.07 5.13
N ILE B 217 -9.16 -21.83 4.01
CA ILE B 217 -8.46 -21.72 2.72
C ILE B 217 -8.85 -20.37 2.12
N ALA B 218 -7.84 -19.50 1.93
CA ALA B 218 -8.09 -18.22 1.25
C ALA B 218 -7.97 -18.44 -0.24
N ILE B 219 -8.86 -17.79 -1.00
CA ILE B 219 -8.77 -17.79 -2.48
C ILE B 219 -8.43 -16.36 -2.87
N ASP B 220 -7.33 -16.18 -3.58
CA ASP B 220 -6.90 -14.81 -3.93
C ASP B 220 -6.10 -14.93 -5.22
N VAL B 221 -5.69 -13.80 -5.76
CA VAL B 221 -4.90 -13.81 -7.00
C VAL B 221 -3.43 -13.99 -6.66
N THR B 222 -2.68 -14.49 -7.66
CA THR B 222 -1.22 -14.42 -7.53
C THR B 222 -0.62 -13.96 -8.86
N ASP B 223 0.69 -13.73 -8.85
CA ASP B 223 1.40 -13.16 -10.04
C ASP B 223 1.55 -14.21 -11.14
N SER B 224 0.88 -14.04 -12.29
CA SER B 224 1.14 -14.88 -13.44
C SER B 224 2.36 -14.31 -14.17
N ALA B 225 3.54 -14.91 -13.93
CA ALA B 225 4.81 -14.32 -14.36
C ALA B 225 5.21 -14.91 -15.71
N ASP B 226 4.29 -14.79 -16.67
CA ASP B 226 4.46 -15.40 -18.00
C ASP B 226 4.37 -14.36 -19.12
N THR B 227 4.61 -13.11 -18.79
CA THR B 227 4.64 -11.98 -19.71
C THR B 227 6.09 -11.70 -20.05
N PRO B 228 6.35 -10.85 -21.04
CA PRO B 228 7.74 -10.57 -21.39
C PRO B 228 8.53 -9.93 -20.24
N LYS B 229 9.68 -10.56 -19.92
CA LYS B 229 10.52 -10.10 -18.80
C LYS B 229 9.70 -9.93 -17.52
N ALA B 230 8.87 -10.94 -17.25
CA ALA B 230 8.14 -11.01 -15.98
C ALA B 230 9.09 -11.31 -14.81
N ILE B 231 8.58 -11.18 -13.59
CA ILE B 231 9.39 -11.52 -12.37
C ILE B 231 10.00 -12.91 -12.52
N LYS B 232 11.34 -12.99 -12.58
CA LYS B 232 11.96 -14.25 -12.96
CA LYS B 232 11.99 -14.24 -12.94
C LYS B 232 11.84 -15.30 -11.85
N ARG B 233 11.80 -14.87 -10.58
CA ARG B 233 11.69 -15.88 -9.51
C ARG B 233 10.25 -16.37 -9.27
N HIS B 234 9.24 -15.91 -10.01
CA HIS B 234 7.88 -16.46 -9.90
C HIS B 234 7.63 -17.48 -11.00
N ALA B 235 7.17 -18.66 -10.60
CA ALA B 235 6.93 -19.73 -11.56
C ALA B 235 5.51 -19.75 -12.11
N MET B 236 4.58 -19.11 -11.42
CA MET B 236 3.15 -19.26 -11.71
C MET B 236 2.81 -18.74 -13.10
N ARG B 237 1.96 -19.49 -13.78
CA ARG B 237 1.45 -19.02 -15.13
CA ARG B 237 1.38 -19.07 -15.10
C ARG B 237 -0.10 -19.34 -15.47
N LEU B 238 -0.59 -18.50 -16.33
CA LEU B 238 -1.95 -18.75 -16.80
C LEU B 238 -2.03 -20.16 -17.39
N SER B 239 -3.17 -20.80 -17.13
CA SER B 239 -3.54 -22.12 -17.62
C SER B 239 -2.70 -23.21 -16.99
N GLY B 240 -1.87 -22.89 -15.98
CA GLY B 240 -1.22 -23.93 -15.17
C GLY B 240 -2.08 -24.50 -14.05
N GLY B 241 -3.29 -24.00 -13.90
CA GLY B 241 -4.25 -24.48 -12.92
C GLY B 241 -4.17 -23.70 -11.63
N PRO B 242 -5.02 -24.03 -10.66
CA PRO B 242 -4.92 -23.39 -9.34
C PRO B 242 -3.50 -23.48 -8.83
N ALA B 243 -3.04 -22.39 -8.22
CA ALA B 243 -1.68 -22.32 -7.71
C ALA B 243 -1.73 -22.55 -6.21
N LEU B 244 -1.00 -23.59 -5.74
CA LEU B 244 -1.02 -23.91 -4.30
C LEU B 244 0.10 -23.14 -3.62
N LYS B 245 -0.26 -22.21 -2.73
CA LYS B 245 0.74 -21.27 -2.20
C LYS B 245 1.56 -21.91 -1.11
N VAL B 246 2.85 -22.14 -1.37
CA VAL B 246 3.72 -22.63 -0.29
C VAL B 246 4.01 -21.52 0.71
N LYS B 247 4.32 -20.32 0.20
CA LYS B 247 4.72 -19.20 1.04
C LYS B 247 4.54 -17.91 0.26
N ASP B 248 4.12 -16.83 0.94
CA ASP B 248 4.34 -15.47 0.44
C ASP B 248 4.87 -14.70 1.64
N ARG B 249 4.82 -13.36 1.58
CA ARG B 249 5.42 -12.60 2.69
C ARG B 249 4.53 -12.51 3.92
N ALA B 250 3.29 -12.97 3.82
CA ALA B 250 2.40 -12.89 4.99
C ALA B 250 2.15 -14.26 5.63
N SER B 251 2.28 -15.36 4.88
CA SER B 251 2.02 -16.66 5.51
C SER B 251 2.79 -17.78 4.81
N ILE B 252 3.00 -18.85 5.60
CA ILE B 252 3.36 -20.17 5.07
C ILE B 252 2.13 -21.03 5.17
N SER B 253 1.69 -21.60 4.04
CA SER B 253 0.48 -22.42 4.12
C SER B 253 0.74 -23.71 4.91
N SER B 254 -0.30 -24.18 5.57
CA SER B 254 -0.26 -25.52 6.19
C SER B 254 0.14 -26.61 5.17
N LYS B 255 1.22 -27.33 5.51
CA LYS B 255 1.69 -28.41 4.66
CA LYS B 255 1.69 -28.41 4.65
C LYS B 255 0.63 -29.50 4.50
N ARG B 256 -0.10 -29.81 5.59
CA ARG B 256 -1.11 -30.85 5.51
C ARG B 256 -2.23 -30.47 4.54
N ILE B 257 -2.70 -29.21 4.60
CA ILE B 257 -3.77 -28.81 3.67
C ILE B 257 -3.26 -28.91 2.24
N LEU B 258 -2.04 -28.39 1.99
CA LEU B 258 -1.51 -28.46 0.61
C LEU B 258 -1.43 -29.91 0.14
N GLU B 259 -0.92 -30.80 1.00
CA GLU B 259 -0.87 -32.22 0.63
C GLU B 259 -2.25 -32.80 0.35
N ASN B 260 -3.26 -32.44 1.15
CA ASN B 260 -4.63 -32.89 0.91
C ASN B 260 -5.11 -32.48 -0.48
N LEU B 261 -4.81 -31.22 -0.86
CA LEU B 261 -5.28 -30.73 -2.14
C LEU B 261 -4.54 -31.40 -3.31
N ILE B 262 -3.24 -31.63 -3.15
CA ILE B 262 -2.47 -32.36 -4.17
C ILE B 262 -3.05 -33.75 -4.38
N GLU B 263 -3.38 -34.44 -3.31
CA GLU B 263 -4.01 -35.75 -3.43
CA GLU B 263 -4.01 -35.75 -3.43
C GLU B 263 -5.32 -35.69 -4.21
N ILE B 264 -6.16 -34.68 -3.91
CA ILE B 264 -7.41 -34.52 -4.63
C ILE B 264 -7.12 -34.27 -6.10
N ALA B 265 -6.17 -33.38 -6.39
CA ALA B 265 -5.90 -33.03 -7.79
C ALA B 265 -5.42 -34.23 -8.57
N GLU B 266 -4.55 -35.03 -7.95
CA GLU B 266 -4.03 -36.21 -8.64
CA GLU B 266 -4.03 -36.23 -8.61
C GLU B 266 -5.14 -37.25 -8.79
N LYS B 267 -5.97 -37.44 -7.78
CA LYS B 267 -7.05 -38.42 -7.89
C LYS B 267 -8.07 -38.07 -8.96
N PHE B 268 -8.37 -36.77 -9.15
CA PHE B 268 -9.38 -36.38 -10.09
C PHE B 268 -8.82 -35.73 -11.35
N ASP B 269 -7.50 -35.83 -11.58
CA ASP B 269 -6.89 -35.35 -12.83
CA ASP B 269 -6.89 -35.34 -12.82
C ASP B 269 -7.17 -33.86 -13.04
N ILE B 270 -6.94 -33.08 -11.98
CA ILE B 270 -7.06 -31.61 -12.02
C ILE B 270 -5.66 -31.03 -12.13
N LYS B 271 -5.46 -30.17 -13.13
CA LYS B 271 -4.15 -29.49 -13.34
C LYS B 271 -3.90 -28.53 -12.18
N TYR B 272 -2.67 -28.49 -11.66
CA TYR B 272 -2.37 -27.54 -10.57
C TYR B 272 -0.89 -27.17 -10.66
N GLN B 273 -0.50 -26.12 -9.94
CA GLN B 273 0.90 -25.68 -9.93
C GLN B 273 1.26 -25.20 -8.53
N MET B 274 2.55 -25.22 -8.20
CA MET B 274 2.97 -24.75 -6.89
C MET B 274 3.36 -23.30 -6.99
N GLU B 275 3.22 -22.57 -5.87
CA GLU B 275 3.49 -21.13 -5.87
C GLU B 275 4.42 -20.74 -4.73
N VAL B 276 5.44 -19.90 -5.02
CA VAL B 276 6.15 -19.15 -3.99
C VAL B 276 6.15 -17.72 -4.49
N LEU B 277 5.65 -16.81 -3.68
CA LEU B 277 5.47 -15.41 -4.08
C LEU B 277 6.43 -14.58 -3.26
N THR B 278 7.21 -13.72 -3.93
CA THR B 278 8.32 -13.01 -3.25
C THR B 278 7.91 -11.65 -2.70
N PHE B 279 6.64 -11.31 -2.80
CA PHE B 279 6.08 -10.11 -2.18
C PHE B 279 4.58 -10.36 -1.99
N GLY B 280 3.97 -9.65 -1.05
CA GLY B 280 2.52 -9.67 -1.01
C GLY B 280 2.04 -10.62 0.07
N GLY B 281 0.73 -10.62 0.27
CA GLY B 281 0.16 -11.40 1.38
C GLY B 281 -1.31 -11.63 1.09
N THR B 282 -1.92 -12.52 1.88
CA THR B 282 -3.34 -12.85 1.72
C THR B 282 -3.97 -13.02 3.09
N ASN B 283 -5.29 -13.16 3.05
CA ASN B 283 -6.06 -13.32 4.28
C ASN B 283 -5.75 -14.60 5.03
N ALA B 284 -5.00 -15.56 4.47
CA ALA B 284 -4.64 -16.71 5.28
C ALA B 284 -3.94 -16.31 6.57
N MET B 285 -3.15 -15.22 6.53
CA MET B 285 -2.46 -14.78 7.73
C MET B 285 -3.46 -14.47 8.83
N GLY B 286 -4.63 -13.91 8.49
CA GLY B 286 -5.57 -13.53 9.55
C GLY B 286 -6.16 -14.73 10.24
N TYR B 287 -6.50 -15.78 9.48
CA TYR B 287 -7.06 -17.00 10.06
C TYR B 287 -6.00 -17.74 10.85
N GLN B 288 -4.75 -17.78 10.36
CA GLN B 288 -3.69 -18.44 11.12
C GLN B 288 -3.55 -17.85 12.50
N ARG B 289 -3.73 -16.53 12.62
CA ARG B 289 -3.52 -15.82 13.88
C ARG B 289 -4.79 -15.69 14.74
N THR B 290 -5.85 -16.40 14.38
CA THR B 290 -7.13 -16.23 15.10
C THR B 290 -7.15 -17.19 16.28
N ARG B 291 -7.47 -16.66 17.44
CA ARG B 291 -7.63 -17.47 18.67
C ARG B 291 -6.41 -18.36 18.86
N GLU B 292 -6.60 -19.67 19.00
CA GLU B 292 -5.49 -20.57 19.25
C GLU B 292 -4.79 -20.98 17.96
N GLY B 293 -5.27 -20.47 16.82
CA GLY B 293 -4.59 -20.68 15.53
C GLY B 293 -5.42 -21.58 14.63
N ILE B 294 -5.85 -21.12 13.46
CA ILE B 294 -6.61 -21.95 12.54
C ILE B 294 -5.66 -22.37 11.42
N PRO B 295 -5.41 -23.65 11.20
CA PRO B 295 -4.52 -24.06 10.10
C PRO B 295 -5.08 -23.53 8.79
N SER B 296 -4.22 -22.86 7.99
CA SER B 296 -4.71 -22.12 6.85
C SER B 296 -3.80 -22.30 5.64
N ALA B 297 -4.39 -22.18 4.45
CA ALA B 297 -3.59 -22.20 3.23
C ALA B 297 -4.21 -21.20 2.26
N THR B 298 -3.53 -20.96 1.12
CA THR B 298 -4.13 -20.14 0.06
C THR B 298 -4.05 -20.95 -1.23
N VAL B 299 -5.12 -20.88 -2.01
CA VAL B 299 -5.17 -21.39 -3.40
C VAL B 299 -5.36 -20.16 -4.26
N SER B 300 -4.48 -19.94 -5.23
CA SER B 300 -4.47 -18.69 -5.97
C SER B 300 -4.87 -18.84 -7.43
N ILE B 301 -5.51 -17.80 -7.96
CA ILE B 301 -5.78 -17.70 -9.39
C ILE B 301 -4.62 -16.94 -10.05
N PRO B 302 -3.88 -17.54 -10.95
CA PRO B 302 -2.84 -16.78 -11.68
C PRO B 302 -3.46 -15.60 -12.39
N THR B 303 -2.84 -14.41 -12.23
CA THR B 303 -3.44 -13.19 -12.78
C THR B 303 -2.32 -12.32 -13.33
N ARG B 304 -2.46 -11.87 -14.60
CA ARG B 304 -1.51 -10.89 -15.12
C ARG B 304 -1.96 -9.46 -14.78
N TYR B 305 -0.99 -8.54 -14.62
CA TYR B 305 -1.26 -7.09 -14.51
C TYR B 305 -2.00 -6.79 -13.19
N VAL B 306 -1.60 -7.48 -12.09
CA VAL B 306 -2.32 -7.28 -10.83
CA VAL B 306 -2.31 -7.28 -10.83
C VAL B 306 -2.18 -5.83 -10.39
N HIS B 307 -3.29 -5.29 -9.87
CA HIS B 307 -3.46 -3.93 -9.36
C HIS B 307 -3.48 -2.87 -10.47
N SER B 308 -3.65 -3.31 -11.73
CA SER B 308 -3.95 -2.43 -12.85
C SER B 308 -5.45 -2.40 -13.10
N PRO B 309 -5.93 -1.57 -14.02
CA PRO B 309 -7.35 -1.60 -14.37
C PRO B 309 -7.70 -2.70 -15.36
N SER B 310 -6.72 -3.52 -15.72
CA SER B 310 -6.85 -4.55 -16.75
C SER B 310 -6.22 -5.84 -16.28
N GLU B 311 -6.62 -6.30 -15.09
CA GLU B 311 -6.18 -7.62 -14.62
C GLU B 311 -6.73 -8.74 -15.50
N MET B 312 -5.90 -9.77 -15.76
CA MET B 312 -6.23 -10.79 -16.74
C MET B 312 -6.12 -12.20 -16.14
N ILE B 313 -7.18 -13.00 -16.33
CA ILE B 313 -7.16 -14.40 -15.89
C ILE B 313 -7.54 -15.31 -17.05
N ALA B 314 -7.23 -16.61 -16.87
CA ALA B 314 -7.63 -17.67 -17.81
C ALA B 314 -8.81 -18.39 -17.20
N PRO B 315 -9.96 -18.40 -17.86
CA PRO B 315 -11.12 -19.06 -17.24
C PRO B 315 -10.91 -20.52 -16.91
N ASP B 316 -10.07 -21.25 -17.63
CA ASP B 316 -9.87 -22.66 -17.28
CA ASP B 316 -9.83 -22.66 -17.29
C ASP B 316 -9.24 -22.82 -15.90
N ASP B 317 -8.38 -21.87 -15.47
CA ASP B 317 -7.82 -21.95 -14.12
C ASP B 317 -8.91 -21.75 -13.09
N VAL B 318 -9.86 -20.88 -13.40
CA VAL B 318 -10.93 -20.61 -12.46
C VAL B 318 -11.84 -21.82 -12.31
N GLU B 319 -12.23 -22.40 -13.45
CA GLU B 319 -13.02 -23.62 -13.42
C GLU B 319 -12.28 -24.75 -12.70
N ALA B 320 -10.97 -24.92 -12.94
CA ALA B 320 -10.24 -25.98 -12.23
C ALA B 320 -10.23 -25.75 -10.72
N THR B 321 -10.17 -24.47 -10.30
CA THR B 321 -10.13 -24.19 -8.86
C THR B 321 -11.46 -24.55 -8.23
N VAL B 322 -12.54 -24.24 -8.91
CA VAL B 322 -13.87 -24.63 -8.42
C VAL B 322 -13.94 -26.15 -8.31
N ASP B 323 -13.47 -26.85 -9.35
CA ASP B 323 -13.46 -28.33 -9.36
CA ASP B 323 -13.46 -28.32 -9.35
C ASP B 323 -12.67 -28.87 -8.18
N LEU B 324 -11.45 -28.34 -7.97
CA LEU B 324 -10.60 -28.78 -6.89
C LEU B 324 -11.31 -28.65 -5.53
N LEU B 325 -11.95 -27.49 -5.30
CA LEU B 325 -12.56 -27.25 -3.98
C LEU B 325 -13.78 -28.16 -3.82
N ILE B 326 -14.57 -28.33 -4.88
CA ILE B 326 -15.74 -29.23 -4.78
C ILE B 326 -15.30 -30.66 -4.49
N ARG B 327 -14.28 -31.14 -5.20
CA ARG B 327 -13.78 -32.49 -4.95
C ARG B 327 -13.25 -32.64 -3.53
N TYR B 328 -12.60 -31.61 -2.99
CA TYR B 328 -12.02 -31.67 -1.65
C TYR B 328 -13.09 -31.63 -0.57
N LEU B 329 -14.14 -30.85 -0.78
CA LEU B 329 -15.06 -30.49 0.30
C LEU B 329 -16.43 -31.11 0.12
N GLY B 330 -16.66 -31.77 -1.02
CA GLY B 330 -18.01 -32.20 -1.33
C GLY B 330 -18.12 -33.71 -1.22
N ALA B 331 -19.36 -34.15 -1.22
CA ALA B 331 -19.72 -35.55 -1.03
C ALA B 331 -19.39 -36.41 -2.27
N MET C 1 25.04 -30.51 28.68
CA MET C 1 24.20 -29.61 27.84
C MET C 1 24.82 -29.48 26.44
N LYS C 2 26.12 -29.77 26.34
CA LYS C 2 26.85 -29.66 25.04
C LYS C 2 26.21 -30.57 23.98
N GLU C 3 25.95 -31.83 24.31
CA GLU C 3 25.42 -32.72 23.30
C GLU C 3 23.98 -32.35 22.92
N LEU C 4 23.21 -31.80 23.86
CA LEU C 4 21.85 -31.33 23.57
C LEU C 4 21.91 -30.14 22.59
N ILE C 5 22.87 -29.24 22.81
CA ILE C 5 23.02 -28.07 21.91
C ILE C 5 23.48 -28.52 20.53
N ARG C 6 24.43 -29.47 20.47
CA ARG C 6 24.87 -30.05 19.18
C ARG C 6 23.69 -30.64 18.41
N LYS C 7 22.89 -31.47 19.08
CA LYS C 7 21.78 -32.13 18.40
C LYS C 7 20.74 -31.13 17.91
N LEU C 8 20.35 -30.17 18.78
CA LEU C 8 19.32 -29.20 18.42
C LEU C 8 19.79 -28.27 17.31
N THR C 9 21.01 -27.74 17.42
CA THR C 9 21.44 -26.78 16.39
C THR C 9 21.66 -27.47 15.04
N GLU C 10 22.04 -28.75 15.01
CA GLU C 10 22.24 -29.40 13.70
C GLU C 10 20.94 -29.93 13.09
N ALA C 11 19.83 -29.99 13.86
CA ALA C 11 18.60 -30.54 13.34
C ALA C 11 18.02 -29.61 12.26
N PHE C 12 17.23 -30.21 11.38
CA PHE C 12 16.62 -29.46 10.27
C PHE C 12 15.30 -28.83 10.74
N GLY C 13 15.17 -27.49 10.65
CA GLY C 13 13.90 -26.92 11.00
C GLY C 13 13.72 -25.46 10.60
N PRO C 14 13.77 -25.16 9.32
CA PRO C 14 13.39 -23.83 8.86
C PRO C 14 11.92 -23.53 9.15
N SER C 15 11.61 -22.24 9.20
CA SER C 15 10.21 -21.84 9.47
C SER C 15 9.22 -22.58 8.59
N GLY C 16 8.16 -23.10 9.22
CA GLY C 16 7.15 -23.87 8.50
C GLY C 16 7.39 -25.36 8.45
N ARG C 17 8.61 -25.80 8.74
CA ARG C 17 9.02 -27.20 8.54
C ARG C 17 9.82 -27.67 9.74
N GLU C 18 9.29 -27.44 10.95
CA GLU C 18 10.06 -27.64 12.17
C GLU C 18 9.88 -29.03 12.83
N GLU C 19 9.28 -29.99 12.14
CA GLU C 19 8.89 -31.25 12.81
C GLU C 19 10.08 -31.97 13.44
N GLU C 20 11.23 -32.01 12.75
CA GLU C 20 12.34 -32.77 13.32
C GLU C 20 12.80 -32.21 14.65
N VAL C 21 12.81 -30.88 14.80
CA VAL C 21 13.20 -30.26 16.05
C VAL C 21 12.17 -30.54 17.13
N ARG C 22 10.89 -30.42 16.78
CA ARG C 22 9.84 -30.70 17.75
C ARG C 22 9.98 -32.10 18.31
N SER C 23 10.27 -33.07 17.43
CA SER C 23 10.36 -34.45 17.87
C SER C 23 11.57 -34.70 18.77
N ILE C 24 12.71 -34.05 18.49
CA ILE C 24 13.86 -34.16 19.36
C ILE C 24 13.56 -33.60 20.75
N ILE C 25 12.92 -32.44 20.80
CA ILE C 25 12.63 -31.81 22.09
C ILE C 25 11.73 -32.71 22.92
N LEU C 26 10.68 -33.22 22.28
CA LEU C 26 9.74 -34.13 22.97
C LEU C 26 10.45 -35.32 23.56
N GLU C 27 11.35 -35.95 22.77
CA GLU C 27 12.11 -37.09 23.28
CA GLU C 27 12.12 -37.09 23.27
C GLU C 27 12.99 -36.69 24.47
N GLU C 28 13.67 -35.54 24.40
CA GLU C 28 14.52 -35.11 25.48
C GLU C 28 13.69 -34.86 26.74
N LEU C 29 12.43 -34.51 26.57
CA LEU C 29 11.65 -34.11 27.75
C LEU C 29 10.97 -35.31 28.42
N GLU C 30 11.02 -36.49 27.81
CA GLU C 30 10.34 -37.67 28.36
C GLU C 30 10.83 -37.93 29.77
N GLY C 31 9.89 -38.10 30.69
CA GLY C 31 10.24 -38.27 32.08
C GLY C 31 10.37 -36.99 32.84
N HIS C 32 10.27 -35.83 32.16
CA HIS C 32 10.42 -34.55 32.82
C HIS C 32 9.24 -33.63 32.67
N ILE C 33 8.16 -34.04 32.02
CA ILE C 33 6.98 -33.21 31.88
C ILE C 33 5.79 -34.04 32.30
N ASP C 34 4.75 -33.35 32.80
CA ASP C 34 3.49 -33.99 33.18
C ASP C 34 2.56 -34.21 32.00
N GLY C 35 2.73 -33.50 30.88
CA GLY C 35 1.88 -33.75 29.72
C GLY C 35 2.29 -32.75 28.64
N HIS C 36 1.70 -32.91 27.46
CA HIS C 36 1.97 -32.00 26.34
C HIS C 36 0.85 -32.06 25.33
N ARG C 37 0.86 -31.08 24.41
CA ARG C 37 -0.03 -31.13 23.26
C ARG C 37 0.66 -30.37 22.14
N ILE C 38 0.24 -30.66 20.91
CA ILE C 38 0.75 -29.96 19.72
C ILE C 38 -0.45 -29.30 19.06
N ASP C 39 -0.39 -27.98 18.89
CA ASP C 39 -1.58 -27.31 18.36
C ASP C 39 -1.62 -27.34 16.83
N GLY C 40 -2.59 -26.62 16.24
CA GLY C 40 -2.84 -26.76 14.81
C GLY C 40 -1.77 -26.13 13.94
N LEU C 41 -0.99 -25.20 14.48
CA LEU C 41 0.14 -24.63 13.71
C LEU C 41 1.42 -25.42 13.93
N GLY C 42 1.43 -26.33 14.92
CA GLY C 42 2.62 -27.07 15.20
C GLY C 42 3.37 -26.63 16.43
N ASN C 43 2.85 -25.66 17.20
CA ASN C 43 3.55 -25.32 18.44
C ASN C 43 3.49 -26.52 19.38
N LEU C 44 4.58 -26.76 20.08
CA LEU C 44 4.61 -27.81 21.10
C LEU C 44 4.44 -27.12 22.45
N ILE C 45 3.43 -27.53 23.23
CA ILE C 45 3.18 -26.95 24.55
C ILE C 45 3.29 -28.07 25.57
N VAL C 46 4.17 -27.91 26.55
CA VAL C 46 4.41 -28.92 27.62
C VAL C 46 4.14 -28.28 28.96
N TRP C 47 3.89 -29.13 29.99
CA TRP C 47 3.69 -28.51 31.31
C TRP C 47 4.27 -29.42 32.39
N LYS C 48 4.73 -28.79 33.48
CA LYS C 48 5.23 -29.50 34.65
C LYS C 48 4.83 -28.72 35.89
N GLY C 49 4.36 -29.42 36.93
CA GLY C 49 4.11 -28.72 38.17
C GLY C 49 2.67 -28.29 38.32
N SER C 50 2.35 -27.86 39.56
CA SER C 50 0.96 -27.49 39.80
C SER C 50 0.86 -26.23 40.67
N GLY C 51 1.90 -25.41 40.73
CA GLY C 51 1.86 -24.21 41.53
C GLY C 51 0.74 -23.28 41.13
N GLU C 52 0.52 -22.28 42.01
CA GLU C 52 -0.53 -21.28 41.82
C GLU C 52 -0.24 -20.38 40.62
N LYS C 53 0.92 -19.76 40.62
CA LYS C 53 1.32 -18.91 39.49
C LYS C 53 1.58 -19.79 38.28
N LYS C 54 1.08 -19.37 37.09
CA LYS C 54 1.28 -20.13 35.85
C LYS C 54 2.22 -19.31 34.95
N VAL C 55 3.31 -19.91 34.49
CA VAL C 55 4.37 -19.17 33.78
C VAL C 55 4.66 -19.89 32.47
N ILE C 56 4.69 -19.13 31.34
CA ILE C 56 5.16 -19.67 30.08
C ILE C 56 6.65 -19.36 29.94
N LEU C 57 7.45 -20.37 29.56
CA LEU C 57 8.79 -20.15 29.02
CA LEU C 57 8.79 -20.17 29.02
C LEU C 57 8.71 -20.52 27.56
N ASP C 58 9.08 -19.56 26.66
CA ASP C 58 8.95 -19.79 25.22
C ASP C 58 10.33 -19.75 24.54
N ALA C 59 10.58 -20.70 23.63
CA ALA C 59 11.69 -20.56 22.66
C ALA C 59 11.16 -20.98 21.32
N HIS C 60 11.61 -20.35 20.21
CA HIS C 60 11.11 -20.79 18.92
C HIS C 60 11.95 -21.94 18.36
N ILE C 61 11.28 -22.88 17.68
CA ILE C 61 11.99 -24.03 17.12
C ILE C 61 12.38 -23.82 15.66
N ASP C 62 11.93 -22.73 15.02
CA ASP C 62 12.36 -22.53 13.63
C ASP C 62 13.67 -21.78 13.58
N GLU C 63 14.37 -21.98 12.46
CA GLU C 63 15.59 -21.24 12.11
C GLU C 63 15.33 -20.59 10.76
N ILE C 64 16.20 -19.61 10.42
CA ILE C 64 16.11 -19.04 9.05
C ILE C 64 16.51 -20.07 7.99
N GLY C 65 16.17 -19.79 6.75
CA GLY C 65 16.54 -20.74 5.73
C GLY C 65 16.12 -20.22 4.35
N VAL C 66 15.89 -21.12 3.40
CA VAL C 66 15.51 -20.73 2.03
C VAL C 66 14.40 -21.66 1.54
N VAL C 67 13.70 -21.23 0.48
CA VAL C 67 12.74 -22.09 -0.19
C VAL C 67 12.92 -21.94 -1.70
N VAL C 68 12.80 -23.04 -2.43
CA VAL C 68 12.96 -23.00 -3.90
C VAL C 68 11.74 -22.32 -4.50
N THR C 69 11.98 -21.30 -5.35
CA THR C 69 10.86 -20.62 -6.02
CA THR C 69 10.88 -20.59 -6.00
C THR C 69 10.75 -20.90 -7.50
N ASN C 70 11.80 -21.40 -8.15
CA ASN C 70 11.67 -21.67 -9.58
C ASN C 70 12.82 -22.58 -9.99
N VAL C 71 12.71 -23.13 -11.21
CA VAL C 71 13.67 -24.10 -11.76
C VAL C 71 13.84 -23.71 -13.22
N ASP C 72 15.09 -23.68 -13.70
CA ASP C 72 15.30 -23.33 -15.11
C ASP C 72 15.55 -24.56 -16.00
N ASP C 73 15.73 -24.32 -17.31
CA ASP C 73 15.77 -25.45 -18.24
CA ASP C 73 15.75 -25.47 -18.20
C ASP C 73 17.05 -26.27 -18.12
N LYS C 74 18.07 -25.72 -17.45
CA LYS C 74 19.30 -26.45 -17.20
C LYS C 74 19.35 -27.05 -15.80
N GLY C 75 18.24 -26.97 -15.04
CA GLY C 75 18.16 -27.62 -13.74
C GLY C 75 18.68 -26.79 -12.58
N PHE C 76 19.02 -25.51 -12.79
CA PHE C 76 19.42 -24.68 -11.64
C PHE C 76 18.17 -24.13 -10.94
N LEU C 77 18.29 -23.95 -9.62
CA LEU C 77 17.14 -23.46 -8.82
C LEU C 77 17.29 -21.99 -8.46
N THR C 78 16.16 -21.29 -8.29
CA THR C 78 16.20 -19.98 -7.65
C THR C 78 15.49 -20.08 -6.31
N ILE C 79 15.89 -19.22 -5.36
CA ILE C 79 15.42 -19.32 -4.00
C ILE C 79 14.93 -17.97 -3.49
N GLU C 80 14.15 -18.07 -2.40
CA GLU C 80 13.58 -16.94 -1.65
C GLU C 80 13.99 -17.18 -0.19
N PRO C 81 14.43 -16.15 0.54
CA PRO C 81 14.72 -16.33 1.97
C PRO C 81 13.47 -16.70 2.77
N VAL C 82 13.73 -17.47 3.83
CA VAL C 82 12.73 -17.77 4.86
C VAL C 82 13.29 -17.10 6.11
N GLY C 83 12.70 -15.94 6.46
CA GLY C 83 13.26 -15.13 7.51
C GLY C 83 14.45 -14.35 7.02
N GLY C 84 15.13 -13.75 7.98
CA GLY C 84 16.16 -12.76 7.68
C GLY C 84 17.50 -13.34 7.25
N VAL C 85 17.58 -14.01 6.11
CA VAL C 85 18.86 -14.50 5.59
C VAL C 85 19.42 -13.47 4.61
N SER C 86 20.65 -13.05 4.83
CA SER C 86 21.26 -12.12 3.86
C SER C 86 21.83 -12.91 2.69
N PRO C 87 21.68 -12.41 1.46
CA PRO C 87 22.31 -13.11 0.33
C PRO C 87 23.83 -13.16 0.48
N TYR C 88 24.42 -12.20 1.23
CA TYR C 88 25.87 -12.24 1.40
C TYR C 88 26.31 -13.43 2.20
N MET C 89 25.42 -13.96 3.05
CA MET C 89 25.75 -15.14 3.83
C MET C 89 25.66 -16.42 3.01
N LEU C 90 25.19 -16.36 1.75
CA LEU C 90 24.95 -17.56 0.95
C LEU C 90 25.96 -17.77 -0.16
N LEU C 91 26.64 -16.73 -0.62
CA LEU C 91 27.56 -16.88 -1.73
CA LEU C 91 27.60 -16.82 -1.70
C LEU C 91 28.64 -17.92 -1.44
N GLY C 92 28.76 -18.88 -2.36
CA GLY C 92 29.75 -19.92 -2.22
C GLY C 92 29.46 -20.94 -1.14
N LYS C 93 28.36 -20.77 -0.39
CA LYS C 93 27.96 -21.69 0.68
CA LYS C 93 27.95 -21.68 0.68
C LYS C 93 27.15 -22.83 0.08
N ARG C 94 26.88 -23.83 0.91
CA ARG C 94 26.05 -24.97 0.54
C ARG C 94 24.80 -24.96 1.39
N ILE C 95 23.71 -25.42 0.77
CA ILE C 95 22.40 -25.50 1.42
C ILE C 95 22.03 -26.97 1.56
N ARG C 96 21.52 -27.33 2.73
CA ARG C 96 20.99 -28.66 2.94
C ARG C 96 19.46 -28.61 2.90
N PHE C 97 18.85 -29.35 1.99
CA PHE C 97 17.40 -29.34 1.83
C PHE C 97 16.76 -30.43 2.71
N GLU C 98 15.44 -30.33 2.83
CA GLU C 98 14.70 -31.20 3.78
C GLU C 98 14.88 -32.65 3.42
N ASN C 99 14.93 -32.94 2.11
CA ASN C 99 15.01 -34.34 1.67
C ASN C 99 16.44 -34.84 1.61
N GLY C 100 17.42 -34.06 2.08
CA GLY C 100 18.81 -34.44 2.13
C GLY C 100 19.68 -33.90 1.00
N THR C 101 19.07 -33.35 -0.04
CA THR C 101 19.85 -32.83 -1.16
C THR C 101 20.81 -31.75 -0.64
N ILE C 102 22.04 -31.70 -1.19
CA ILE C 102 22.97 -30.57 -0.96
C ILE C 102 23.03 -29.74 -2.26
N GLY C 103 22.94 -28.42 -2.14
CA GLY C 103 23.04 -27.55 -3.29
C GLY C 103 24.12 -26.53 -3.03
N VAL C 104 24.74 -26.05 -4.11
CA VAL C 104 25.79 -25.04 -4.03
C VAL C 104 25.20 -23.70 -4.52
N VAL C 105 25.47 -22.61 -3.80
CA VAL C 105 24.93 -21.29 -4.18
C VAL C 105 25.94 -20.61 -5.10
N GLY C 106 25.49 -20.18 -6.28
CA GLY C 106 26.32 -19.40 -7.20
C GLY C 106 25.69 -18.05 -7.48
N MET C 107 26.45 -17.18 -8.17
CA MET C 107 25.92 -15.86 -8.51
C MET C 107 26.00 -15.63 -10.02
N GLU C 108 25.00 -14.96 -10.54
CA GLU C 108 24.99 -14.57 -11.97
C GLU C 108 26.01 -13.48 -12.28
N GLY C 109 26.37 -13.37 -13.59
CA GLY C 109 27.14 -12.21 -14.04
C GLY C 109 27.84 -12.54 -15.36
N GLU C 110 27.33 -11.99 -16.48
CA GLU C 110 27.79 -12.39 -17.83
C GLU C 110 29.14 -11.82 -18.19
N THR C 111 29.61 -10.82 -17.45
CA THR C 111 30.92 -10.23 -17.64
C THR C 111 31.53 -10.01 -16.28
N THR C 112 32.85 -9.83 -16.25
CA THR C 112 33.50 -9.55 -14.97
CA THR C 112 33.51 -9.54 -14.98
C THR C 112 32.95 -8.27 -14.35
N GLU C 113 32.63 -7.27 -15.17
CA GLU C 113 32.06 -6.04 -14.61
CA GLU C 113 32.05 -6.04 -14.63
C GLU C 113 30.67 -6.28 -14.03
N GLU C 114 29.84 -7.09 -14.68
CA GLU C 114 28.53 -7.37 -14.12
C GLU C 114 28.67 -8.12 -12.80
N ARG C 115 29.63 -9.04 -12.72
CA ARG C 115 29.83 -9.72 -11.42
C ARG C 115 30.18 -8.71 -10.34
N GLN C 116 31.02 -7.73 -10.66
CA GLN C 116 31.37 -6.73 -9.66
C GLN C 116 30.15 -5.91 -9.25
N GLU C 117 29.33 -5.49 -10.22
CA GLU C 117 28.13 -4.73 -9.89
CA GLU C 117 28.13 -4.73 -9.88
C GLU C 117 27.16 -5.56 -9.06
N ASN C 118 27.03 -6.85 -9.39
CA ASN C 118 26.06 -7.69 -8.69
C ASN C 118 26.44 -7.86 -7.23
N VAL C 119 27.72 -8.03 -6.94
CA VAL C 119 28.10 -8.28 -5.55
C VAL C 119 28.05 -6.98 -4.74
N ARG C 120 28.11 -5.83 -5.42
CA ARG C 120 27.96 -4.53 -4.77
CA ARG C 120 27.96 -4.54 -4.74
C ARG C 120 26.54 -4.30 -4.27
N LYS C 121 25.54 -4.89 -4.94
CA LYS C 121 24.14 -4.76 -4.52
CA LYS C 121 24.14 -4.76 -4.51
C LYS C 121 23.47 -6.13 -4.67
N LEU C 122 23.97 -7.07 -3.89
CA LEU C 122 23.58 -8.47 -4.04
C LEU C 122 22.12 -8.65 -3.69
N SER C 123 21.43 -9.45 -4.48
CA SER C 123 20.04 -9.75 -4.16
C SER C 123 19.77 -11.19 -4.51
N PHE C 124 18.68 -11.74 -3.95
CA PHE C 124 18.34 -13.13 -4.28
C PHE C 124 18.02 -13.29 -5.75
N ASP C 125 17.70 -12.22 -6.46
CA ASP C 125 17.48 -12.37 -7.90
C ASP C 125 18.74 -12.72 -8.67
N LYS C 126 19.92 -12.49 -8.09
CA LYS C 126 21.17 -12.78 -8.76
C LYS C 126 21.81 -14.09 -8.27
N LEU C 127 21.16 -14.82 -7.37
CA LEU C 127 21.66 -16.10 -6.88
C LEU C 127 20.94 -17.25 -7.53
N PHE C 128 21.62 -18.40 -7.56
CA PHE C 128 20.96 -19.67 -7.98
C PHE C 128 21.60 -20.80 -7.19
N ILE C 129 20.93 -21.94 -7.19
CA ILE C 129 21.47 -23.12 -6.49
CA ILE C 129 21.40 -23.14 -6.49
C ILE C 129 21.67 -24.24 -7.51
N ASP C 130 22.82 -24.89 -7.40
CA ASP C 130 23.18 -26.01 -8.28
C ASP C 130 23.08 -27.26 -7.44
N ILE C 131 22.18 -28.17 -7.80
CA ILE C 131 22.03 -29.45 -7.11
C ILE C 131 22.53 -30.60 -7.99
N GLY C 132 23.33 -30.30 -9.00
CA GLY C 132 23.83 -31.37 -9.85
C GLY C 132 22.90 -31.85 -10.93
N ALA C 133 21.73 -31.25 -11.09
CA ALA C 133 20.80 -31.68 -12.13
C ALA C 133 21.27 -31.21 -13.49
N ASN C 134 20.85 -31.90 -14.54
CA ASN C 134 21.22 -31.52 -15.90
C ASN C 134 20.02 -31.03 -16.72
N SER C 135 18.82 -30.96 -16.13
CA SER C 135 17.62 -30.54 -16.82
C SER C 135 16.57 -30.14 -15.80
N ARG C 136 15.56 -29.41 -16.29
CA ARG C 136 14.45 -29.04 -15.41
C ARG C 136 13.74 -30.26 -14.86
N GLU C 137 13.49 -31.27 -15.71
CA GLU C 137 12.76 -32.44 -15.24
CA GLU C 137 12.76 -32.46 -15.25
C GLU C 137 13.52 -33.14 -14.13
N GLU C 138 14.85 -33.23 -14.27
CA GLU C 138 15.64 -33.87 -13.25
C GLU C 138 15.57 -33.08 -11.94
N ALA C 139 15.72 -31.76 -12.04
CA ALA C 139 15.69 -30.94 -10.82
C ALA C 139 14.32 -30.99 -10.14
N GLN C 140 13.23 -31.00 -10.94
CA GLN C 140 11.90 -31.08 -10.34
C GLN C 140 11.70 -32.38 -9.57
N LYS C 141 12.29 -33.46 -10.05
CA LYS C 141 12.19 -34.71 -9.32
CA LYS C 141 12.20 -34.72 -9.33
C LYS C 141 13.00 -34.67 -8.05
N MET C 142 14.11 -33.93 -8.05
CA MET C 142 15.04 -33.93 -6.93
CA MET C 142 15.03 -33.95 -6.92
C MET C 142 14.71 -32.94 -5.83
N CYS C 143 14.30 -31.72 -6.20
CA CYS C 143 14.16 -30.64 -5.26
CA CYS C 143 14.18 -30.62 -5.28
C CYS C 143 13.25 -29.59 -5.88
N PRO C 144 11.95 -29.86 -5.95
CA PRO C 144 11.02 -28.99 -6.68
C PRO C 144 10.71 -27.68 -5.95
N ILE C 145 10.06 -26.79 -6.72
CA ILE C 145 9.50 -25.57 -6.16
C ILE C 145 8.78 -25.89 -4.86
N GLY C 146 9.06 -25.08 -3.83
CA GLY C 146 8.46 -25.30 -2.52
C GLY C 146 9.32 -26.12 -1.58
N SER C 147 10.48 -26.58 -2.02
CA SER C 147 11.40 -27.30 -1.12
C SER C 147 12.13 -26.32 -0.21
N PHE C 148 12.19 -26.64 1.10
CA PHE C 148 12.89 -25.80 2.06
C PHE C 148 14.29 -26.29 2.34
N GLY C 149 15.19 -25.34 2.64
CA GLY C 149 16.57 -25.69 2.99
C GLY C 149 17.12 -24.78 4.07
N VAL C 150 18.25 -25.21 4.66
CA VAL C 150 18.95 -24.45 5.71
C VAL C 150 20.46 -24.48 5.39
N TYR C 151 21.22 -23.64 6.11
CA TYR C 151 22.67 -23.72 5.94
C TYR C 151 23.19 -25.12 6.15
N ASP C 152 24.12 -25.52 5.29
CA ASP C 152 24.87 -26.78 5.50
C ASP C 152 26.03 -26.46 6.44
N SER C 153 25.73 -26.47 7.74
CA SER C 153 26.68 -26.04 8.74
CA SER C 153 26.76 -26.17 8.71
C SER C 153 26.37 -26.79 10.03
N GLY C 154 27.42 -27.09 10.80
CA GLY C 154 27.16 -27.78 12.06
C GLY C 154 27.90 -27.22 13.25
N PHE C 155 27.90 -27.96 14.35
CA PHE C 155 28.40 -27.49 15.63
C PHE C 155 29.88 -27.77 15.81
N VAL C 156 30.58 -26.80 16.40
CA VAL C 156 31.99 -27.00 16.74
C VAL C 156 32.32 -26.15 17.96
N GLU C 157 33.19 -26.69 18.83
CA GLU C 157 33.70 -25.89 19.94
C GLU C 157 34.96 -25.15 19.49
N VAL C 158 35.01 -23.84 19.76
CA VAL C 158 36.09 -22.96 19.33
C VAL C 158 36.67 -22.36 20.60
N SER C 159 37.73 -22.98 21.11
CA SER C 159 38.40 -22.56 22.35
C SER C 159 37.41 -22.18 23.44
N GLY C 160 36.47 -23.05 23.73
CA GLY C 160 35.58 -22.77 24.86
C GLY C 160 34.28 -22.07 24.50
N LYS C 161 34.20 -21.48 23.32
CA LYS C 161 32.92 -21.00 22.80
C LYS C 161 32.25 -22.12 22.01
N TYR C 162 30.92 -22.04 21.86
CA TYR C 162 30.20 -22.97 21.00
C TYR C 162 29.76 -22.23 19.74
N VAL C 163 29.98 -22.86 18.57
CA VAL C 163 29.62 -22.24 17.27
C VAL C 163 28.73 -23.21 16.52
N SER C 164 27.62 -22.73 15.95
CA SER C 164 26.84 -23.63 15.10
C SER C 164 25.93 -22.78 14.24
N LYS C 165 25.18 -23.44 13.34
CA LYS C 165 24.01 -22.74 12.82
C LYS C 165 22.91 -22.78 13.88
N ALA C 166 21.95 -21.87 13.75
CA ALA C 166 20.70 -21.96 14.51
C ALA C 166 20.89 -21.95 16.03
N MET C 167 21.92 -21.29 16.54
CA MET C 167 21.86 -20.90 17.94
C MET C 167 20.59 -20.09 18.14
N ASP C 168 20.25 -19.24 17.16
CA ASP C 168 18.92 -18.60 17.13
C ASP C 168 17.94 -19.59 16.51
N ASP C 169 17.08 -20.26 17.30
CA ASP C 169 16.93 -20.12 18.76
C ASP C 169 17.02 -21.53 19.38
N ARG C 170 17.83 -22.41 18.81
CA ARG C 170 18.04 -23.73 19.43
C ARG C 170 18.75 -23.59 20.75
N ILE C 171 19.49 -22.51 20.96
CA ILE C 171 20.07 -22.32 22.28
C ILE C 171 18.97 -22.01 23.31
N GLY C 172 17.95 -21.24 22.94
CA GLY C 172 16.85 -21.01 23.89
C GLY C 172 16.06 -22.28 24.12
N CYS C 173 15.90 -23.10 23.05
CA CYS C 173 15.26 -24.40 23.25
C CYS C 173 16.02 -25.23 24.25
N ALA C 174 17.36 -25.22 24.12
CA ALA C 174 18.18 -26.04 25.02
C ALA C 174 18.04 -25.53 26.45
N VAL C 175 18.06 -24.21 26.65
CA VAL C 175 17.85 -23.62 27.98
C VAL C 175 16.57 -24.17 28.59
N ILE C 176 15.47 -24.12 27.85
CA ILE C 176 14.19 -24.49 28.46
C ILE C 176 14.14 -25.99 28.73
N VAL C 177 14.69 -26.79 27.82
CA VAL C 177 14.70 -28.24 28.05
C VAL C 177 15.49 -28.53 29.32
N GLU C 178 16.63 -27.84 29.49
CA GLU C 178 17.44 -28.07 30.68
C GLU C 178 16.73 -27.61 31.95
N VAL C 179 15.98 -26.50 31.90
CA VAL C 179 15.17 -26.11 33.06
C VAL C 179 14.18 -27.22 33.42
N PHE C 180 13.45 -27.76 32.43
CA PHE C 180 12.49 -28.84 32.73
C PHE C 180 13.20 -30.08 33.27
N LYS C 181 14.40 -30.36 32.79
CA LYS C 181 15.05 -31.60 33.26
C LYS C 181 15.44 -31.51 34.73
N ARG C 182 15.73 -30.31 35.21
CA ARG C 182 16.30 -30.10 36.54
CA ARG C 182 16.31 -30.09 36.54
C ARG C 182 15.33 -29.56 37.58
N ILE C 183 14.27 -28.87 37.17
CA ILE C 183 13.49 -28.06 38.11
C ILE C 183 12.49 -28.90 38.90
N LYS C 184 12.31 -28.50 40.17
CA LYS C 184 11.12 -28.85 40.94
CA LYS C 184 11.12 -28.85 40.94
C LYS C 184 10.26 -27.59 41.00
N PRO C 185 9.22 -27.46 40.15
CA PRO C 185 8.55 -26.16 40.00
C PRO C 185 7.80 -25.70 41.24
N ALA C 186 7.97 -24.42 41.57
CA ALA C 186 7.03 -23.75 42.50
C ALA C 186 5.81 -23.20 41.80
N VAL C 187 5.83 -23.15 40.46
CA VAL C 187 4.75 -22.62 39.65
C VAL C 187 4.15 -23.79 38.89
N THR C 188 3.08 -23.55 38.13
CA THR C 188 2.75 -24.44 37.02
C THR C 188 3.56 -23.92 35.84
N LEU C 189 4.51 -24.71 35.35
CA LEU C 189 5.48 -24.28 34.35
C LEU C 189 5.02 -24.80 32.99
N TYR C 190 4.76 -23.88 32.04
CA TYR C 190 4.42 -24.25 30.68
C TYR C 190 5.63 -23.93 29.79
N GLY C 191 6.06 -24.90 28.98
CA GLY C 191 7.12 -24.64 28.02
C GLY C 191 6.45 -24.62 26.64
N VAL C 192 6.71 -23.54 25.89
CA VAL C 192 6.13 -23.43 24.56
C VAL C 192 7.31 -23.42 23.62
N PHE C 193 7.33 -24.38 22.71
CA PHE C 193 8.38 -24.48 21.69
C PHE C 193 7.65 -24.13 20.41
N SER C 194 7.76 -22.85 20.01
CA SER C 194 6.84 -22.28 19.07
C SER C 194 7.40 -22.24 17.64
N VAL C 195 6.49 -22.26 16.69
CA VAL C 195 6.87 -22.31 15.26
C VAL C 195 6.97 -20.89 14.71
N GLN C 196 7.68 -20.77 13.56
CA GLN C 196 7.53 -19.60 12.66
C GLN C 196 7.76 -18.25 13.36
N GLU C 197 8.70 -18.19 14.31
CA GLU C 197 9.10 -16.88 14.84
C GLU C 197 9.75 -16.01 13.76
N GLU C 198 10.53 -16.65 12.88
CA GLU C 198 11.40 -15.87 12.01
C GLU C 198 10.64 -15.27 10.84
N VAL C 199 9.39 -15.67 10.65
CA VAL C 199 8.54 -15.14 9.59
C VAL C 199 7.37 -14.37 10.19
N GLY C 200 7.60 -13.71 11.31
CA GLY C 200 6.55 -12.83 11.84
C GLY C 200 5.94 -13.16 13.21
N LEU C 201 6.65 -13.95 14.01
CA LEU C 201 6.19 -14.31 15.35
C LEU C 201 4.88 -15.08 15.30
N VAL C 202 4.71 -15.95 14.29
CA VAL C 202 3.38 -16.52 14.03
C VAL C 202 2.97 -17.45 15.17
N GLY C 203 3.83 -18.40 15.50
CA GLY C 203 3.39 -19.43 16.45
C GLY C 203 3.06 -18.83 17.81
N ALA C 204 3.95 -17.97 18.32
CA ALA C 204 3.73 -17.34 19.64
C ALA C 204 2.59 -16.32 19.63
N SER C 205 2.06 -15.96 18.46
CA SER C 205 0.90 -15.09 18.47
CA SER C 205 0.88 -15.09 18.41
C SER C 205 -0.38 -15.85 18.79
N VAL C 206 -0.33 -17.18 18.83
CA VAL C 206 -1.51 -17.97 19.19
C VAL C 206 -1.23 -18.99 20.29
N ALA C 207 0.03 -19.34 20.58
CA ALA C 207 0.27 -20.48 21.50
C ALA C 207 -0.21 -20.20 22.91
N GLY C 208 -0.24 -18.93 23.30
CA GLY C 208 -0.73 -18.52 24.63
C GLY C 208 -2.24 -18.46 24.73
N TYR C 209 -2.97 -18.55 23.60
CA TYR C 209 -4.41 -18.38 23.68
C TYR C 209 -5.04 -19.41 24.63
N GLY C 210 -4.62 -20.66 24.52
CA GLY C 210 -5.24 -21.70 25.35
C GLY C 210 -4.42 -22.05 26.59
N VAL C 211 -3.50 -21.19 26.99
CA VAL C 211 -2.68 -21.37 28.18
C VAL C 211 -3.01 -20.27 29.19
N PRO C 212 -3.47 -20.61 30.42
CA PRO C 212 -3.89 -19.57 31.39
C PRO C 212 -2.71 -18.95 32.14
N ALA C 213 -1.76 -18.41 31.39
CA ALA C 213 -0.54 -17.90 31.99
C ALA C 213 -0.73 -16.58 32.71
N ASP C 214 -0.03 -16.44 33.83
CA ASP C 214 0.11 -15.15 34.49
C ASP C 214 1.28 -14.30 33.94
N GLU C 215 2.31 -14.95 33.40
CA GLU C 215 3.54 -14.30 32.94
C GLU C 215 4.05 -15.15 31.79
N ALA C 216 4.74 -14.50 30.82
CA ALA C 216 5.46 -15.26 29.80
C ALA C 216 6.87 -14.70 29.70
N ILE C 217 7.86 -15.58 29.61
CA ILE C 217 9.24 -15.16 29.41
C ILE C 217 9.74 -15.85 28.15
N ALA C 218 10.07 -15.06 27.12
CA ALA C 218 10.68 -15.62 25.92
C ALA C 218 12.18 -15.71 26.15
N ILE C 219 12.79 -16.78 25.64
CA ILE C 219 14.25 -16.94 25.67
C ILE C 219 14.66 -16.90 24.21
N ASP C 220 15.56 -15.99 23.87
CA ASP C 220 15.95 -15.85 22.47
C ASP C 220 17.38 -15.34 22.48
N VAL C 221 18.00 -15.23 21.29
CA VAL C 221 19.36 -14.64 21.22
C VAL C 221 19.29 -13.13 21.19
N THR C 222 20.41 -12.50 21.55
CA THR C 222 20.55 -11.06 21.30
C THR C 222 21.96 -10.80 20.78
N ASP C 223 22.19 -9.56 20.33
CA ASP C 223 23.48 -9.17 19.72
C ASP C 223 24.58 -9.05 20.75
N SER C 224 25.60 -9.89 20.64
CA SER C 224 26.80 -9.74 21.48
C SER C 224 27.72 -8.76 20.77
N ALA C 225 27.71 -7.48 21.17
CA ALA C 225 28.38 -6.44 20.38
C ALA C 225 29.76 -6.19 20.97
N ASP C 226 30.56 -7.28 21.00
CA ASP C 226 31.91 -7.25 21.58
C ASP C 226 32.96 -7.71 20.58
N THR C 227 32.63 -7.65 19.28
CA THR C 227 33.55 -7.91 18.19
C THR C 227 34.12 -6.60 17.69
N PRO C 228 35.14 -6.65 16.81
CA PRO C 228 35.76 -5.41 16.35
C PRO C 228 34.75 -4.55 15.60
N LYS C 229 34.67 -3.28 16.01
CA LYS C 229 33.72 -2.35 15.41
C LYS C 229 32.31 -2.94 15.36
N ALA C 230 31.89 -3.53 16.49
CA ALA C 230 30.52 -3.99 16.67
C ALA C 230 29.54 -2.80 16.72
N ILE C 231 28.25 -3.12 16.72
CA ILE C 231 27.21 -2.07 16.87
C ILE C 231 27.46 -1.28 18.16
N LYS C 232 27.77 0.02 18.00
CA LYS C 232 28.23 0.83 19.12
CA LYS C 232 28.24 0.77 19.14
C LYS C 232 27.13 1.01 20.16
N ARG C 233 25.90 1.10 19.73
CA ARG C 233 24.86 1.34 20.73
C ARG C 233 24.38 0.08 21.43
N HIS C 234 24.98 -1.08 21.18
CA HIS C 234 24.58 -2.27 21.94
C HIS C 234 25.63 -2.57 23.01
N ALA C 235 25.18 -2.79 24.23
CA ALA C 235 26.07 -3.02 25.34
C ALA C 235 26.31 -4.50 25.62
N MET C 236 25.45 -5.40 25.09
CA MET C 236 25.50 -6.79 25.50
C MET C 236 26.80 -7.48 25.04
N ARG C 237 27.30 -8.41 25.85
CA ARG C 237 28.58 -9.07 25.44
CA ARG C 237 28.53 -9.11 25.49
CA ARG C 237 28.60 -9.06 25.46
C ARG C 237 28.54 -10.55 25.97
N LEU C 238 29.37 -11.37 25.34
CA LEU C 238 29.56 -12.74 25.82
C LEU C 238 30.11 -12.69 27.24
N SER C 239 29.66 -13.65 28.04
CA SER C 239 30.12 -13.83 29.41
C SER C 239 29.63 -12.76 30.37
N GLY C 240 28.73 -11.87 29.95
CA GLY C 240 28.10 -10.95 30.86
C GLY C 240 26.88 -11.51 31.55
N GLY C 241 26.47 -12.75 31.21
CA GLY C 241 25.33 -13.41 31.80
C GLY C 241 24.07 -13.23 30.95
N PRO C 242 22.97 -13.84 31.39
CA PRO C 242 21.66 -13.60 30.73
C PRO C 242 21.45 -12.11 30.59
N ALA C 243 20.92 -11.70 29.43
CA ALA C 243 20.67 -10.29 29.16
C ALA C 243 19.18 -10.03 29.36
N LEU C 244 18.86 -9.10 30.24
CA LEU C 244 17.47 -8.80 30.56
C LEU C 244 16.99 -7.71 29.61
N LYS C 245 16.03 -8.04 28.75
CA LYS C 245 15.67 -7.14 27.64
C LYS C 245 14.75 -6.03 28.10
N VAL C 246 15.27 -4.81 28.16
CA VAL C 246 14.41 -3.66 28.46
C VAL C 246 13.46 -3.39 27.29
N LYS C 247 14.01 -3.38 26.07
CA LYS C 247 13.22 -3.05 24.89
C LYS C 247 13.96 -3.56 23.67
N ASP C 248 13.22 -4.01 22.67
CA ASP C 248 13.73 -4.07 21.29
C ASP C 248 12.63 -3.48 20.41
N ARG C 249 12.70 -3.73 19.11
CA ARG C 249 11.74 -3.05 18.22
C ARG C 249 10.36 -3.71 18.24
N ALA C 250 10.19 -4.86 18.90
CA ALA C 250 8.89 -5.50 18.93
C ALA C 250 8.23 -5.42 20.30
N SER C 251 9.00 -5.23 21.37
CA SER C 251 8.32 -5.21 22.67
C SER C 251 9.17 -4.44 23.70
N ILE C 252 8.46 -3.94 24.74
CA ILE C 252 9.09 -3.47 25.97
C ILE C 252 8.76 -4.50 27.04
N SER C 253 9.77 -5.09 27.68
CA SER C 253 9.46 -6.10 28.69
C SER C 253 8.75 -5.49 29.89
N SER C 254 7.93 -6.30 30.52
CA SER C 254 7.32 -5.92 31.80
C SER C 254 8.37 -5.52 32.82
N LYS C 255 8.26 -4.31 33.36
CA LYS C 255 9.21 -3.83 34.35
C LYS C 255 9.19 -4.73 35.58
N ARG C 256 7.99 -5.17 35.98
CA ARG C 256 7.90 -6.01 37.18
C ARG C 256 8.62 -7.35 37.00
N ILE C 257 8.47 -8.01 35.83
CA ILE C 257 9.21 -9.25 35.64
C ILE C 257 10.73 -9.02 35.67
N LEU C 258 11.23 -7.97 34.98
CA LEU C 258 12.66 -7.71 35.00
C LEU C 258 13.13 -7.48 36.44
N GLU C 259 12.36 -6.71 37.22
CA GLU C 259 12.76 -6.47 38.61
C GLU C 259 12.79 -7.77 39.41
N ASN C 260 11.79 -8.63 39.19
CA ASN C 260 11.81 -9.95 39.85
C ASN C 260 13.10 -10.68 39.51
N LEU C 261 13.46 -10.71 38.20
CA LEU C 261 14.64 -11.47 37.80
C LEU C 261 15.91 -10.89 38.39
N ILE C 262 16.03 -9.55 38.42
CA ILE C 262 17.18 -8.88 39.01
C ILE C 262 17.30 -9.26 40.49
N GLU C 263 16.18 -9.24 41.20
CA GLU C 263 16.19 -9.63 42.62
C GLU C 263 16.70 -11.05 42.81
N ILE C 264 16.22 -12.00 41.99
CA ILE C 264 16.72 -13.38 42.04
C ILE C 264 18.21 -13.43 41.75
N ALA C 265 18.67 -12.75 40.69
CA ALA C 265 20.10 -12.81 40.33
C ALA C 265 20.97 -12.23 41.44
N GLU C 266 20.52 -11.15 42.07
CA GLU C 266 21.32 -10.60 43.17
CA GLU C 266 21.29 -10.58 43.19
C GLU C 266 21.29 -11.52 44.38
N LYS C 267 20.15 -12.14 44.66
CA LYS C 267 20.07 -13.02 45.81
C LYS C 267 20.95 -14.26 45.65
N PHE C 268 21.02 -14.82 44.45
CA PHE C 268 21.81 -16.03 44.25
C PHE C 268 23.14 -15.81 43.53
N ASP C 269 23.62 -14.57 43.44
CA ASP C 269 24.93 -14.24 42.87
CA ASP C 269 24.93 -14.24 42.87
C ASP C 269 25.05 -14.78 41.45
N ILE C 270 24.05 -14.49 40.65
CA ILE C 270 24.07 -14.85 39.24
C ILE C 270 24.41 -13.59 38.44
N LYS C 271 25.43 -13.71 37.57
CA LYS C 271 25.82 -12.58 36.73
C LYS C 271 24.73 -12.30 35.70
N TYR C 272 24.42 -11.02 35.48
CA TYR C 272 23.41 -10.66 34.47
C TYR C 272 23.77 -9.31 33.87
N GLN C 273 23.10 -8.97 32.75
CA GLN C 273 23.39 -7.68 32.12
C GLN C 273 22.06 -7.17 31.56
N MET C 274 21.97 -5.85 31.39
CA MET C 274 20.75 -5.28 30.81
C MET C 274 20.90 -5.15 29.30
N GLU C 275 19.79 -5.22 28.58
CA GLU C 275 19.79 -5.17 27.12
C GLU C 275 18.84 -4.09 26.62
N VAL C 276 19.32 -3.27 25.67
CA VAL C 276 18.46 -2.52 24.77
C VAL C 276 18.96 -2.84 23.37
N LEU C 277 18.07 -3.33 22.52
CA LEU C 277 18.40 -3.81 21.17
C LEU C 277 17.75 -2.84 20.18
N THR C 278 18.54 -2.34 19.21
CA THR C 278 18.05 -1.26 18.36
C THR C 278 17.43 -1.78 17.07
N PHE C 279 17.33 -3.09 16.94
CA PHE C 279 16.58 -3.71 15.85
C PHE C 279 16.04 -5.06 16.34
N GLY C 280 15.12 -5.64 15.60
CA GLY C 280 14.78 -7.04 15.88
C GLY C 280 13.63 -7.14 16.86
N GLY C 281 13.15 -8.38 17.07
CA GLY C 281 11.96 -8.58 17.89
C GLY C 281 12.00 -10.02 18.35
N THR C 282 11.12 -10.34 19.33
CA THR C 282 11.03 -11.70 19.85
C THR C 282 9.59 -12.04 20.14
N ASN C 283 9.39 -13.34 20.47
CA ASN C 283 8.04 -13.86 20.74
C ASN C 283 7.36 -13.21 21.95
N ALA C 284 8.06 -12.43 22.77
CA ALA C 284 7.36 -11.73 23.83
C ALA C 284 6.22 -10.87 23.30
N MET C 285 6.38 -10.32 22.08
CA MET C 285 5.32 -9.51 21.51
C MET C 285 4.04 -10.33 21.33
N GLY C 286 4.16 -11.61 20.93
CA GLY C 286 2.95 -12.41 20.69
C GLY C 286 2.20 -12.69 21.98
N TYR C 287 2.92 -12.93 23.08
CA TYR C 287 2.26 -13.22 24.38
C TYR C 287 1.62 -11.94 24.93
N GLN C 288 2.28 -10.78 24.73
CA GLN C 288 1.73 -9.48 25.20
C GLN C 288 0.38 -9.19 24.55
N ARG C 289 0.22 -9.54 23.27
CA ARG C 289 -1.01 -9.25 22.49
C ARG C 289 -2.03 -10.40 22.56
N THR C 290 -1.79 -11.42 23.39
CA THR C 290 -2.75 -12.51 23.47
C THR C 290 -3.90 -12.14 24.41
N ARG C 291 -5.12 -12.29 23.90
CA ARG C 291 -6.37 -12.09 24.67
C ARG C 291 -6.29 -10.74 25.37
N GLU C 292 -6.44 -10.74 26.71
CA GLU C 292 -6.44 -9.45 27.41
C GLU C 292 -5.06 -8.94 27.72
N GLY C 293 -4.02 -9.69 27.30
CA GLY C 293 -2.65 -9.23 27.42
C GLY C 293 -1.92 -10.02 28.49
N ILE C 294 -0.91 -10.81 28.13
CA ILE C 294 -0.13 -11.57 29.11
C ILE C 294 1.14 -10.77 29.40
N PRO C 295 1.39 -10.35 30.64
CA PRO C 295 2.65 -9.67 30.92
C PRO C 295 3.84 -10.53 30.53
N SER C 296 4.78 -9.92 29.79
CA SER C 296 5.83 -10.68 29.13
C SER C 296 7.17 -9.96 29.19
N ALA C 297 8.23 -10.77 29.21
CA ALA C 297 9.59 -10.25 29.13
C ALA C 297 10.41 -11.18 28.26
N THR C 298 11.63 -10.74 27.92
CA THR C 298 12.57 -11.61 27.21
C THR C 298 13.87 -11.66 28.03
N VAL C 299 14.43 -12.86 28.16
CA VAL C 299 15.78 -13.06 28.67
C VAL C 299 16.62 -13.60 27.50
N SER C 300 17.73 -12.95 27.19
CA SER C 300 18.46 -13.28 25.97
C SER C 300 19.81 -13.92 26.23
N ILE C 301 20.23 -14.76 25.28
CA ILE C 301 21.59 -15.28 25.25
C ILE C 301 22.42 -14.38 24.33
N PRO C 302 23.47 -13.74 24.82
CA PRO C 302 24.37 -12.97 23.92
C PRO C 302 24.97 -13.89 22.88
N THR C 303 24.88 -13.46 21.60
CA THR C 303 25.30 -14.33 20.51
C THR C 303 26.03 -13.45 19.49
N ARG C 304 27.24 -13.87 19.08
CA ARG C 304 27.91 -13.22 17.96
C ARG C 304 27.48 -13.83 16.62
N TYR C 305 27.50 -12.99 15.57
CA TYR C 305 27.32 -13.47 14.20
C TYR C 305 25.89 -14.00 13.99
N VAL C 306 24.88 -13.30 14.57
CA VAL C 306 23.50 -13.77 14.47
C VAL C 306 23.07 -13.79 13.00
N HIS C 307 22.41 -14.87 12.64
CA HIS C 307 21.86 -15.18 11.31
C HIS C 307 22.93 -15.52 10.29
N SER C 308 24.12 -15.90 10.76
CA SER C 308 25.15 -16.51 9.93
C SER C 308 25.14 -18.01 10.17
N PRO C 309 25.91 -18.78 9.41
CA PRO C 309 26.05 -20.22 9.71
C PRO C 309 26.99 -20.54 10.86
N SER C 310 27.54 -19.53 11.50
CA SER C 310 28.53 -19.69 12.59
C SER C 310 28.18 -18.76 13.75
N GLU C 311 26.94 -18.86 14.24
CA GLU C 311 26.56 -18.14 15.47
C GLU C 311 27.35 -18.67 16.66
N MET C 312 27.78 -17.78 17.55
CA MET C 312 28.68 -18.13 18.63
C MET C 312 28.15 -17.70 19.99
N ILE C 313 28.14 -18.64 20.97
CA ILE C 313 27.69 -18.34 22.32
C ILE C 313 28.78 -18.73 23.31
N ALA C 314 28.63 -18.22 24.54
CA ALA C 314 29.52 -18.58 25.68
C ALA C 314 28.73 -19.52 26.57
N PRO C 315 29.17 -20.75 26.75
CA PRO C 315 28.39 -21.71 27.56
C PRO C 315 28.09 -21.20 28.97
N ASP C 316 28.98 -20.41 29.60
CA ASP C 316 28.70 -19.91 30.94
CA ASP C 316 28.67 -19.93 30.94
C ASP C 316 27.43 -19.04 30.96
N ASP C 317 27.15 -18.31 29.87
CA ASP C 317 25.92 -17.51 29.85
C ASP C 317 24.69 -18.39 29.80
N VAL C 318 24.81 -19.52 29.09
CA VAL C 318 23.70 -20.44 28.96
C VAL C 318 23.42 -21.11 30.30
N GLU C 319 24.49 -21.56 30.97
CA GLU C 319 24.31 -22.14 32.32
CA GLU C 319 24.31 -22.14 32.31
C GLU C 319 23.72 -21.11 33.29
N ALA C 320 24.17 -19.85 33.21
CA ALA C 320 23.65 -18.84 34.13
C ALA C 320 22.17 -18.56 33.88
N THR C 321 21.73 -18.65 32.61
CA THR C 321 20.32 -18.45 32.32
C THR C 321 19.47 -19.58 32.87
N VAL C 322 19.96 -20.81 32.75
CA VAL C 322 19.26 -21.95 33.35
C VAL C 322 19.15 -21.73 34.86
N ASP C 323 20.26 -21.30 35.49
CA ASP C 323 20.28 -21.09 36.95
CA ASP C 323 20.27 -21.10 36.94
C ASP C 323 19.26 -20.02 37.34
N LEU C 324 19.27 -18.89 36.61
CA LEU C 324 18.32 -17.82 36.90
C LEU C 324 16.88 -18.31 36.84
N LEU C 325 16.53 -19.08 35.79
CA LEU C 325 15.13 -19.48 35.63
C LEU C 325 14.76 -20.48 36.72
N ILE C 326 15.69 -21.38 37.06
CA ILE C 326 15.37 -22.37 38.09
C ILE C 326 15.17 -21.67 39.44
N ARG C 327 16.03 -20.69 39.76
CA ARG C 327 15.88 -19.95 41.02
C ARG C 327 14.59 -19.17 41.04
N TYR C 328 14.19 -18.59 39.89
CA TYR C 328 12.96 -17.80 39.85
C TYR C 328 11.71 -18.68 39.99
N LEU C 329 11.70 -19.84 39.33
CA LEU C 329 10.50 -20.62 39.13
C LEU C 329 10.44 -21.89 39.97
N GLY C 330 11.53 -22.21 40.65
CA GLY C 330 11.70 -23.51 41.28
C GLY C 330 11.57 -23.40 42.78
N ALA C 331 11.35 -24.54 43.42
CA ALA C 331 11.10 -24.54 44.86
C ALA C 331 12.43 -24.67 45.56
N MET D 1 -10.19 23.72 31.80
CA MET D 1 -9.47 22.56 31.23
C MET D 1 -7.99 22.92 31.06
N LYS D 2 -7.64 24.20 31.16
CA LYS D 2 -6.25 24.63 31.00
C LYS D 2 -5.34 23.96 32.02
N GLU D 3 -5.71 23.99 33.32
CA GLU D 3 -4.80 23.38 34.29
CA GLU D 3 -4.82 23.37 34.30
C GLU D 3 -4.73 21.85 34.13
N LEU D 4 -5.80 21.19 33.71
CA LEU D 4 -5.74 19.75 33.47
C LEU D 4 -4.76 19.42 32.34
N ILE D 5 -4.80 20.23 31.26
CA ILE D 5 -3.87 20.01 30.14
C ILE D 5 -2.44 20.28 30.57
N ARG D 6 -2.21 21.37 31.35
CA ARG D 6 -0.87 21.64 31.86
C ARG D 6 -0.34 20.44 32.64
N LYS D 7 -1.14 19.91 33.56
CA LYS D 7 -0.69 18.83 34.40
C LYS D 7 -0.45 17.55 33.61
N LEU D 8 -1.35 17.21 32.66
CA LEU D 8 -1.19 15.95 31.94
C LEU D 8 -0.01 16.03 30.96
N THR D 9 0.13 17.16 30.24
CA THR D 9 1.21 17.23 29.26
C THR D 9 2.58 17.29 29.93
N GLU D 10 2.67 17.83 31.15
CA GLU D 10 3.97 17.94 31.80
C GLU D 10 4.36 16.68 32.56
N ALA D 11 3.40 15.78 32.79
CA ALA D 11 3.68 14.54 33.53
C ALA D 11 4.63 13.65 32.72
N PHE D 12 5.39 12.79 33.45
CA PHE D 12 6.35 11.89 32.82
C PHE D 12 5.65 10.59 32.40
N GLY D 13 5.66 10.24 31.09
CA GLY D 13 5.14 8.93 30.72
C GLY D 13 5.53 8.45 29.33
N PRO D 14 6.82 8.23 29.07
CA PRO D 14 7.21 7.57 27.82
C PRO D 14 6.64 6.17 27.76
N SER D 15 6.50 5.64 26.54
CA SER D 15 5.99 4.29 26.34
C SER D 15 6.67 3.30 27.28
N GLY D 16 5.86 2.47 27.93
CA GLY D 16 6.36 1.48 28.86
C GLY D 16 6.53 1.96 30.29
N ARG D 17 6.55 3.28 30.52
CA ARG D 17 6.73 3.82 31.90
C ARG D 17 5.70 4.91 32.16
N GLU D 18 4.43 4.56 31.99
CA GLU D 18 3.35 5.56 32.03
C GLU D 18 2.67 5.71 33.39
N GLU D 19 3.23 5.07 34.46
CA GLU D 19 2.58 5.07 35.78
CA GLU D 19 2.52 5.07 35.75
C GLU D 19 2.16 6.45 36.26
N GLU D 20 3.07 7.44 36.15
CA GLU D 20 2.76 8.73 36.75
C GLU D 20 1.54 9.39 36.10
N VAL D 21 1.41 9.23 34.77
CA VAL D 21 0.29 9.81 34.07
C VAL D 21 -1.00 9.08 34.46
N ARG D 22 -0.92 7.75 34.54
CA ARG D 22 -2.07 6.96 34.91
CA ARG D 22 -2.09 6.98 34.91
C ARG D 22 -2.64 7.41 36.26
N SER D 23 -1.74 7.63 37.23
CA SER D 23 -2.22 8.00 38.56
C SER D 23 -2.82 9.39 38.59
N ILE D 24 -2.27 10.34 37.78
CA ILE D 24 -2.87 11.65 37.69
C ILE D 24 -4.26 11.58 37.10
N ILE D 25 -4.45 10.78 36.05
CA ILE D 25 -5.76 10.66 35.44
C ILE D 25 -6.76 10.09 36.44
N LEU D 26 -6.36 9.07 37.18
CA LEU D 26 -7.24 8.50 38.21
CA LEU D 26 -7.24 8.50 38.21
C LEU D 26 -7.61 9.56 39.26
N GLU D 27 -6.65 10.35 39.72
CA GLU D 27 -7.00 11.37 40.69
CA GLU D 27 -6.95 11.42 40.67
C GLU D 27 -8.00 12.37 40.11
N GLU D 28 -7.84 12.75 38.81
CA GLU D 28 -8.82 13.68 38.23
C GLU D 28 -10.20 13.04 38.08
N LEU D 29 -10.23 11.71 37.89
CA LEU D 29 -11.54 11.09 37.63
C LEU D 29 -12.25 10.70 38.91
N GLU D 30 -11.59 10.70 40.07
CA GLU D 30 -12.32 10.17 41.22
CA GLU D 30 -12.28 10.21 41.26
C GLU D 30 -13.50 11.07 41.53
N GLY D 31 -14.61 10.42 41.90
CA GLY D 31 -15.88 11.10 42.01
C GLY D 31 -16.69 11.18 40.74
N HIS D 32 -16.11 10.80 39.58
CA HIS D 32 -16.79 10.91 38.29
C HIS D 32 -16.89 9.58 37.57
N ILE D 33 -16.42 8.51 38.18
CA ILE D 33 -16.49 7.16 37.62
C ILE D 33 -17.13 6.22 38.63
N ASP D 34 -17.69 5.16 38.13
CA ASP D 34 -18.30 4.14 38.98
C ASP D 34 -17.32 3.07 39.38
N GLY D 35 -16.21 2.93 38.66
CA GLY D 35 -15.25 1.89 38.99
C GLY D 35 -14.09 1.98 38.01
N HIS D 36 -12.98 1.36 38.38
CA HIS D 36 -11.89 1.20 37.40
C HIS D 36 -11.10 -0.07 37.66
N ARG D 37 -10.29 -0.44 36.67
CA ARG D 37 -9.34 -1.49 36.88
C ARG D 37 -8.11 -1.19 36.03
N ILE D 38 -6.99 -1.82 36.39
CA ILE D 38 -5.76 -1.69 35.60
C ILE D 38 -5.37 -3.10 35.13
N ASP D 39 -5.16 -3.28 33.80
CA ASP D 39 -4.88 -4.65 33.35
C ASP D 39 -3.37 -4.98 33.45
N GLY D 40 -3.01 -6.17 32.94
CA GLY D 40 -1.65 -6.66 33.12
C GLY D 40 -0.59 -5.88 32.38
N LEU D 41 -0.98 -5.20 31.29
CA LEU D 41 -0.01 -4.34 30.60
C LEU D 41 0.05 -2.92 31.17
N GLY D 42 -0.90 -2.53 32.03
CA GLY D 42 -0.93 -1.19 32.55
C GLY D 42 -2.04 -0.31 32.01
N ASN D 43 -2.87 -0.81 31.10
CA ASN D 43 -4.00 0.00 30.61
C ASN D 43 -4.93 0.33 31.77
N LEU D 44 -5.38 1.58 31.84
CA LEU D 44 -6.40 1.99 32.83
C LEU D 44 -7.76 1.92 32.17
N ILE D 45 -8.71 1.19 32.77
CA ILE D 45 -10.06 1.02 32.22
C ILE D 45 -11.02 1.56 33.27
N VAL D 46 -11.79 2.60 32.92
CA VAL D 46 -12.79 3.20 33.84
C VAL D 46 -14.18 3.09 33.22
N TRP D 47 -15.22 3.18 34.06
CA TRP D 47 -16.57 3.14 33.47
C TRP D 47 -17.55 3.97 34.30
N LYS D 48 -18.61 4.42 33.62
CA LYS D 48 -19.68 5.20 34.22
C LYS D 48 -20.94 4.86 33.46
N GLY D 49 -22.06 4.71 34.19
CA GLY D 49 -23.32 4.51 33.51
C GLY D 49 -23.68 3.04 33.38
N SER D 50 -24.93 2.80 32.94
CA SER D 50 -25.39 1.42 32.82
C SER D 50 -26.30 1.24 31.62
N GLY D 51 -26.20 2.09 30.61
CA GLY D 51 -27.00 1.94 29.41
C GLY D 51 -26.72 0.66 28.67
N GLU D 52 -27.67 0.30 27.79
CA GLU D 52 -27.56 -0.97 27.08
CA GLU D 52 -27.56 -0.97 27.07
CA GLU D 52 -27.56 -0.97 27.07
C GLU D 52 -26.45 -0.93 26.03
N LYS D 53 -26.30 0.20 25.35
CA LYS D 53 -25.21 0.36 24.37
C LYS D 53 -23.93 0.64 25.16
N LYS D 54 -22.85 -0.06 24.81
CA LYS D 54 -21.57 0.06 25.52
C LYS D 54 -20.55 0.67 24.58
N VAL D 55 -19.90 1.77 25.00
CA VAL D 55 -18.98 2.48 24.09
C VAL D 55 -17.65 2.67 24.82
N ILE D 56 -16.54 2.43 24.11
CA ILE D 56 -15.21 2.76 24.58
C ILE D 56 -14.82 4.12 24.01
N LEU D 57 -14.26 4.98 24.86
CA LEU D 57 -13.49 6.13 24.42
C LEU D 57 -12.04 5.82 24.82
N ASP D 58 -11.09 5.92 23.88
CA ASP D 58 -9.70 5.54 24.14
C ASP D 58 -8.79 6.74 23.90
N ALA D 59 -7.86 7.00 24.83
CA ALA D 59 -6.72 7.88 24.52
C ALA D 59 -5.48 7.19 25.06
N HIS D 60 -4.33 7.37 24.37
CA HIS D 60 -3.12 6.73 24.91
C HIS D 60 -2.42 7.64 25.90
N ILE D 61 -1.89 7.02 26.97
CA ILE D 61 -1.21 7.78 28.01
C ILE D 61 0.30 7.86 27.81
N ASP D 62 0.85 7.13 26.84
CA ASP D 62 2.27 7.25 26.61
C ASP D 62 2.59 8.38 25.66
N GLU D 63 3.81 8.88 25.80
CA GLU D 63 4.39 9.87 24.89
C GLU D 63 5.67 9.28 24.30
N ILE D 64 6.14 9.89 23.18
CA ILE D 64 7.47 9.46 22.69
C ILE D 64 8.57 9.88 23.66
N GLY D 65 9.74 9.23 23.50
CA GLY D 65 10.82 9.56 24.42
C GLY D 65 12.10 8.87 23.99
N VAL D 66 12.99 8.58 24.95
CA VAL D 66 14.26 7.91 24.67
C VAL D 66 14.53 6.87 25.76
N VAL D 67 15.47 5.96 25.48
CA VAL D 67 15.94 5.04 26.52
C VAL D 67 17.45 4.89 26.37
N VAL D 68 18.14 4.82 27.49
CA VAL D 68 19.61 4.75 27.49
C VAL D 68 20.03 3.35 27.03
N THR D 69 20.90 3.29 26.00
CA THR D 69 21.36 2.00 25.47
CA THR D 69 21.33 2.00 25.51
C THR D 69 22.78 1.66 25.84
N ASN D 70 23.60 2.64 26.17
CA ASN D 70 25.00 2.35 26.48
C ASN D 70 25.58 3.52 27.23
N VAL D 71 26.74 3.29 27.83
CA VAL D 71 27.46 4.29 28.64
C VAL D 71 28.93 4.15 28.26
N ASP D 72 29.63 5.28 28.05
CA ASP D 72 31.06 5.16 27.71
C ASP D 72 31.96 5.46 28.91
N ASP D 73 33.29 5.35 28.68
CA ASP D 73 34.20 5.42 29.83
C ASP D 73 34.29 6.80 30.44
N LYS D 74 33.84 7.83 29.72
CA LYS D 74 33.82 9.18 30.25
C LYS D 74 32.46 9.57 30.84
N GLY D 75 31.49 8.65 30.89
CA GLY D 75 30.22 8.96 31.51
C GLY D 75 29.14 9.46 30.56
N PHE D 76 29.41 9.50 29.25
CA PHE D 76 28.37 9.94 28.32
C PHE D 76 27.45 8.79 27.98
N LEU D 77 26.18 9.12 27.71
CA LEU D 77 25.15 8.08 27.43
C LEU D 77 24.80 8.06 25.94
N THR D 78 24.49 6.87 25.42
CA THR D 78 23.96 6.72 24.04
C THR D 78 22.48 6.39 24.19
N ILE D 79 21.64 6.80 23.25
CA ILE D 79 20.18 6.55 23.45
C ILE D 79 19.55 5.93 22.19
N GLU D 80 18.39 5.33 22.40
CA GLU D 80 17.53 4.77 21.37
C GLU D 80 16.17 5.46 21.47
N PRO D 81 15.54 5.82 20.36
CA PRO D 81 14.21 6.43 20.44
C PRO D 81 13.17 5.45 20.98
N VAL D 82 12.18 6.02 21.68
CA VAL D 82 10.99 5.31 22.12
C VAL D 82 9.84 5.94 21.33
N GLY D 83 9.41 5.25 20.30
CA GLY D 83 8.44 5.80 19.36
C GLY D 83 9.13 6.74 18.38
N GLY D 84 8.33 7.52 17.68
CA GLY D 84 8.83 8.27 16.51
C GLY D 84 9.44 9.62 16.84
N VAL D 85 10.56 9.65 17.56
CA VAL D 85 11.25 10.90 17.83
CA VAL D 85 11.29 10.88 17.86
C VAL D 85 12.37 11.07 16.80
N SER D 86 12.37 12.20 16.16
CA SER D 86 13.40 12.51 15.18
C SER D 86 14.67 12.96 15.91
N PRO D 87 15.87 12.52 15.47
CA PRO D 87 17.08 13.02 16.13
C PRO D 87 17.25 14.52 15.94
N TYR D 88 16.68 15.07 14.85
CA TYR D 88 16.72 16.51 14.67
C TYR D 88 15.98 17.24 15.77
N MET D 89 14.96 16.61 16.40
CA MET D 89 14.26 17.31 17.48
C MET D 89 15.03 17.25 18.78
N LEU D 90 16.13 16.49 18.84
CA LEU D 90 16.91 16.34 20.07
C LEU D 90 18.16 17.20 20.11
N LEU D 91 18.68 17.61 18.95
CA LEU D 91 19.89 18.42 18.91
CA LEU D 91 19.91 18.40 18.95
C LEU D 91 19.79 19.65 19.81
N GLY D 92 20.74 19.80 20.73
CA GLY D 92 20.77 20.97 21.57
C GLY D 92 19.70 21.02 22.63
N LYS D 93 18.85 19.99 22.73
CA LYS D 93 17.72 19.90 23.65
CA LYS D 93 17.75 19.99 23.69
C LYS D 93 18.17 19.24 24.96
N ARG D 94 17.36 19.39 25.98
CA ARG D 94 17.57 18.64 27.24
C ARG D 94 16.54 17.54 27.37
N ILE D 95 16.93 16.47 28.05
CA ILE D 95 16.07 15.32 28.31
C ILE D 95 15.87 15.20 29.80
N ARG D 96 14.64 14.93 30.24
CA ARG D 96 14.36 14.71 31.64
C ARG D 96 14.13 13.22 31.83
N PHE D 97 14.89 12.59 32.75
CA PHE D 97 14.79 11.15 32.93
C PHE D 97 13.82 10.83 34.07
N GLU D 98 13.46 9.56 34.15
CA GLU D 98 12.41 9.16 35.09
C GLU D 98 12.80 9.50 36.52
N ASN D 99 14.09 9.36 36.85
CA ASN D 99 14.51 9.64 38.21
C ASN D 99 14.80 11.10 38.47
N GLY D 100 14.50 12.01 37.52
CA GLY D 100 14.69 13.45 37.68
C GLY D 100 15.99 13.99 37.06
N THR D 101 16.89 13.13 36.66
CA THR D 101 18.13 13.58 36.03
C THR D 101 17.79 14.38 34.77
N ILE D 102 18.51 15.52 34.57
CA ILE D 102 18.49 16.28 33.28
C ILE D 102 19.78 15.96 32.52
N GLY D 103 19.67 15.75 31.22
CA GLY D 103 20.83 15.50 30.39
C GLY D 103 20.75 16.41 29.18
N VAL D 104 21.93 16.76 28.66
CA VAL D 104 22.04 17.64 27.49
C VAL D 104 22.40 16.77 26.29
N VAL D 105 21.71 16.97 25.14
CA VAL D 105 22.02 16.16 23.94
C VAL D 105 23.09 16.85 23.12
N GLY D 106 24.14 16.12 22.76
CA GLY D 106 25.20 16.65 21.92
C GLY D 106 25.37 15.74 20.71
N MET D 107 26.14 16.21 19.72
CA MET D 107 26.38 15.45 18.50
C MET D 107 27.87 15.23 18.31
N GLU D 108 28.23 14.05 17.84
CA GLU D 108 29.62 13.72 17.47
C GLU D 108 30.09 14.49 16.25
N GLY D 109 31.42 14.60 16.12
CA GLY D 109 32.00 15.18 14.89
C GLY D 109 33.42 15.65 15.18
N GLU D 110 34.44 14.88 14.72
CA GLU D 110 35.83 15.16 15.09
C GLU D 110 36.45 16.27 14.27
N THR D 111 35.83 16.67 13.17
CA THR D 111 36.25 17.81 12.36
C THR D 111 35.02 18.61 12.01
N THR D 112 35.24 19.89 11.66
CA THR D 112 34.11 20.69 11.22
CA THR D 112 34.12 20.70 11.20
C THR D 112 33.41 20.03 10.02
N GLU D 113 34.17 19.36 9.13
CA GLU D 113 33.51 18.69 8.00
C GLU D 113 32.66 17.52 8.44
N GLU D 114 33.16 16.74 9.39
CA GLU D 114 32.40 15.61 9.91
CA GLU D 114 32.38 15.61 9.86
C GLU D 114 31.10 16.09 10.54
N ARG D 115 31.16 17.23 11.26
CA ARG D 115 29.94 17.74 11.87
C ARG D 115 28.92 18.12 10.81
N GLN D 116 29.40 18.74 9.72
CA GLN D 116 28.51 19.06 8.63
C GLN D 116 27.90 17.80 8.02
N GLU D 117 28.71 16.75 7.81
CA GLU D 117 28.19 15.51 7.23
CA GLU D 117 28.17 15.52 7.22
C GLU D 117 27.17 14.88 8.15
N ASN D 118 27.44 14.90 9.46
CA ASN D 118 26.59 14.21 10.41
C ASN D 118 25.21 14.83 10.49
N VAL D 119 25.13 16.17 10.46
CA VAL D 119 23.84 16.83 10.55
C VAL D 119 23.06 16.68 9.27
N ARG D 120 23.76 16.46 8.14
CA ARG D 120 23.11 16.21 6.86
CA ARG D 120 23.14 16.19 6.84
C ARG D 120 22.35 14.89 6.86
N LYS D 121 22.82 13.90 7.63
CA LYS D 121 22.23 12.58 7.69
C LYS D 121 22.22 12.13 9.15
N LEU D 122 21.55 12.90 9.98
CA LEU D 122 21.62 12.73 11.43
C LEU D 122 21.00 11.40 11.84
N SER D 123 21.66 10.73 12.76
CA SER D 123 21.13 9.46 13.26
CA SER D 123 21.24 9.42 13.23
C SER D 123 21.41 9.40 14.74
N PHE D 124 20.68 8.50 15.42
CA PHE D 124 20.94 8.35 16.86
C PHE D 124 22.32 7.82 17.16
N ASP D 125 22.98 7.20 16.17
CA ASP D 125 24.33 6.78 16.37
C ASP D 125 25.29 7.97 16.55
N LYS D 126 24.94 9.17 16.12
CA LYS D 126 25.82 10.32 16.27
C LYS D 126 25.47 11.22 17.45
N LEU D 127 24.45 10.85 18.26
CA LEU D 127 24.03 11.65 19.40
C LEU D 127 24.58 11.05 20.68
N PHE D 128 24.74 11.90 21.67
CA PHE D 128 25.04 11.38 23.02
C PHE D 128 24.36 12.30 24.03
N ILE D 129 24.24 11.82 25.29
CA ILE D 129 23.67 12.63 26.35
CA ILE D 129 23.67 12.60 26.38
C ILE D 129 24.73 12.83 27.44
N ASP D 130 24.85 14.09 27.87
CA ASP D 130 25.76 14.47 28.95
C ASP D 130 24.89 14.73 30.19
N ILE D 131 25.09 13.92 31.25
CA ILE D 131 24.37 14.11 32.52
C ILE D 131 25.30 14.64 33.59
N GLY D 132 26.44 15.18 33.16
CA GLY D 132 27.36 15.71 34.18
C GLY D 132 28.27 14.70 34.83
N ALA D 133 28.21 13.41 34.43
CA ALA D 133 29.06 12.39 35.02
C ALA D 133 30.50 12.56 34.54
N ASN D 134 31.45 12.07 35.35
CA ASN D 134 32.86 12.13 34.98
C ASN D 134 33.48 10.76 34.70
N SER D 135 32.70 9.68 34.75
CA SER D 135 33.17 8.32 34.52
C SER D 135 31.99 7.42 34.27
N ARG D 136 32.29 6.22 33.75
CA ARG D 136 31.24 5.24 33.51
C ARG D 136 30.57 4.82 34.81
N GLU D 137 31.35 4.62 35.88
CA GLU D 137 30.74 4.16 37.13
CA GLU D 137 30.72 4.15 37.12
C GLU D 137 29.79 5.21 37.69
N GLU D 138 30.17 6.49 37.58
CA GLU D 138 29.30 7.54 38.06
C GLU D 138 28.01 7.60 37.24
N ALA D 139 28.12 7.48 35.90
CA ALA D 139 26.90 7.55 35.07
C ALA D 139 26.01 6.34 35.33
N GLN D 140 26.59 5.15 35.58
CA GLN D 140 25.74 3.97 35.82
C GLN D 140 24.98 4.09 37.13
N LYS D 141 25.55 4.79 38.12
CA LYS D 141 24.79 5.01 39.35
CA LYS D 141 24.80 5.02 39.35
C LYS D 141 23.68 6.01 39.13
N MET D 142 23.86 6.94 38.20
CA MET D 142 22.95 8.06 37.97
CA MET D 142 22.94 8.05 38.00
C MET D 142 21.82 7.71 37.01
N CYS D 143 22.16 7.09 35.87
CA CYS D 143 21.21 6.91 34.78
CA CYS D 143 21.21 6.92 34.76
C CYS D 143 21.64 5.72 33.93
N PRO D 144 21.47 4.51 34.44
CA PRO D 144 22.02 3.34 33.77
C PRO D 144 21.27 2.94 32.50
N ILE D 145 21.89 2.00 31.77
CA ILE D 145 21.23 1.39 30.61
C ILE D 145 19.82 0.97 31.00
N GLY D 146 18.84 1.31 30.14
CA GLY D 146 17.44 1.02 30.39
C GLY D 146 16.67 2.16 31.01
N SER D 147 17.34 3.27 31.35
CA SER D 147 16.63 4.43 31.90
C SER D 147 15.85 5.14 30.79
N PHE D 148 14.58 5.49 31.07
CA PHE D 148 13.78 6.20 30.06
C PHE D 148 13.78 7.71 30.31
N GLY D 149 13.63 8.50 29.22
CA GLY D 149 13.53 9.94 29.36
C GLY D 149 12.54 10.52 28.36
N VAL D 150 12.16 11.80 28.60
CA VAL D 150 11.27 12.56 27.72
C VAL D 150 11.86 13.94 27.51
N TYR D 151 11.29 14.70 26.54
CA TYR D 151 11.69 16.08 26.37
C TYR D 151 11.58 16.84 27.68
N ASP D 152 12.60 17.65 27.98
CA ASP D 152 12.51 18.61 29.07
C ASP D 152 11.81 19.84 28.52
N SER D 153 10.48 19.80 28.56
CA SER D 153 9.70 20.85 27.92
C SER D 153 8.35 20.88 28.62
N GLY D 154 7.79 22.08 28.77
CA GLY D 154 6.51 22.18 29.48
C GLY D 154 5.48 23.06 28.77
N PHE D 155 4.41 23.39 29.48
CA PHE D 155 3.23 23.99 28.89
C PHE D 155 3.33 25.51 28.91
N VAL D 156 2.87 26.14 27.84
CA VAL D 156 2.78 27.61 27.80
C VAL D 156 1.61 27.98 26.89
N GLU D 157 0.90 29.05 27.25
CA GLU D 157 -0.11 29.60 26.39
C GLU D 157 0.55 30.63 25.47
N VAL D 158 0.27 30.52 24.17
CA VAL D 158 0.88 31.33 23.13
C VAL D 158 -0.29 32.02 22.41
N SER D 159 -0.59 33.26 22.84
CA SER D 159 -1.70 34.07 22.30
CA SER D 159 -1.69 34.06 22.31
C SER D 159 -2.95 33.24 22.04
N GLY D 160 -3.41 32.54 23.07
CA GLY D 160 -4.65 31.81 22.85
C GLY D 160 -4.51 30.37 22.36
N LYS D 161 -3.36 29.98 21.84
CA LYS D 161 -3.09 28.56 21.56
C LYS D 161 -2.44 27.96 22.77
N TYR D 162 -2.54 26.63 22.92
CA TYR D 162 -1.79 25.96 23.98
C TYR D 162 -0.65 25.17 23.37
N VAL D 163 0.55 25.26 23.98
CA VAL D 163 1.78 24.60 23.49
C VAL D 163 2.37 23.77 24.61
N SER D 164 2.75 22.52 24.32
CA SER D 164 3.46 21.74 25.33
C SER D 164 4.12 20.55 24.67
N LYS D 165 4.87 19.77 25.48
CA LYS D 165 5.18 18.43 25.00
C LYS D 165 3.95 17.55 25.15
N ALA D 166 3.91 16.46 24.36
CA ALA D 166 2.96 15.39 24.62
C ALA D 166 1.49 15.83 24.55
N MET D 167 1.17 16.86 23.75
CA MET D 167 -0.22 16.96 23.33
C MET D 167 -0.66 15.63 22.75
N ASP D 168 0.21 15.01 21.95
CA ASP D 168 0.03 13.62 21.54
C ASP D 168 0.46 12.73 22.72
N ASP D 169 -0.49 12.14 23.48
CA ASP D 169 -1.94 12.23 23.35
C ASP D 169 -2.50 12.62 24.71
N ARG D 170 -1.78 13.48 25.45
CA ARG D 170 -2.38 13.97 26.71
C ARG D 170 -3.57 14.89 26.43
N ILE D 171 -3.66 15.48 25.21
CA ILE D 171 -4.83 16.24 24.89
C ILE D 171 -6.04 15.32 24.72
N GLY D 172 -5.87 14.12 24.14
CA GLY D 172 -6.97 13.16 24.07
C GLY D 172 -7.33 12.68 25.49
N CYS D 173 -6.32 12.47 26.32
CA CYS D 173 -6.64 12.07 27.72
C CYS D 173 -7.47 13.16 28.39
N ALA D 174 -7.11 14.43 28.19
CA ALA D 174 -7.86 15.53 28.81
C ALA D 174 -9.29 15.54 28.28
N VAL D 175 -9.46 15.32 26.97
CA VAL D 175 -10.83 15.27 26.41
C VAL D 175 -11.66 14.24 27.14
N ILE D 176 -11.12 13.04 27.32
CA ILE D 176 -11.93 11.95 27.89
C ILE D 176 -12.22 12.23 29.37
N VAL D 177 -11.21 12.71 30.10
CA VAL D 177 -11.44 13.11 31.50
C VAL D 177 -12.56 14.12 31.58
N GLU D 178 -12.54 15.17 30.73
CA GLU D 178 -13.60 16.17 30.80
CA GLU D 178 -13.60 16.16 30.79
C GLU D 178 -14.95 15.57 30.42
N VAL D 179 -15.01 14.64 29.46
CA VAL D 179 -16.28 13.99 29.17
C VAL D 179 -16.83 13.31 30.43
N PHE D 180 -16.00 12.51 31.11
CA PHE D 180 -16.48 11.81 32.32
C PHE D 180 -16.87 12.82 33.41
N LYS D 181 -16.18 13.95 33.51
CA LYS D 181 -16.56 14.95 34.53
C LYS D 181 -17.94 15.51 34.28
N ARG D 182 -18.33 15.64 33.01
CA ARG D 182 -19.56 16.36 32.68
C ARG D 182 -20.73 15.49 32.30
N ILE D 183 -20.48 14.27 31.84
CA ILE D 183 -21.55 13.52 31.17
C ILE D 183 -22.48 12.84 32.16
N LYS D 184 -23.77 12.77 31.78
CA LYS D 184 -24.71 11.82 32.34
C LYS D 184 -24.98 10.77 31.27
N PRO D 185 -24.35 9.60 31.32
CA PRO D 185 -24.28 8.75 30.12
C PRO D 185 -25.62 8.11 29.83
N ALA D 186 -25.96 8.04 28.55
CA ALA D 186 -27.05 7.17 28.12
C ALA D 186 -26.56 5.77 27.77
N VAL D 187 -25.26 5.64 27.60
CA VAL D 187 -24.59 4.38 27.32
C VAL D 187 -23.99 3.87 28.62
N THR D 188 -23.43 2.67 28.58
CA THR D 188 -22.38 2.33 29.56
C THR D 188 -21.10 2.85 28.92
N LEU D 189 -20.44 3.81 29.56
CA LEU D 189 -19.30 4.49 28.97
C LEU D 189 -18.03 3.92 29.59
N TYR D 190 -17.17 3.32 28.76
CA TYR D 190 -15.86 2.86 29.19
C TYR D 190 -14.81 3.86 28.71
N GLY D 191 -13.90 4.23 29.60
CA GLY D 191 -12.79 5.09 29.23
C GLY D 191 -11.54 4.25 29.31
N VAL D 192 -10.77 4.16 28.21
CA VAL D 192 -9.59 3.32 28.23
C VAL D 192 -8.44 4.28 28.02
N PHE D 193 -7.54 4.32 29.00
CA PHE D 193 -6.34 5.17 28.97
C PHE D 193 -5.22 4.16 28.75
N SER D 194 -4.80 4.00 27.48
CA SER D 194 -4.03 2.82 27.09
C SER D 194 -2.54 3.10 26.99
N VAL D 195 -1.75 2.04 27.17
CA VAL D 195 -0.28 2.16 27.21
C VAL D 195 0.27 1.90 25.82
N GLN D 196 1.51 2.39 25.59
CA GLN D 196 2.39 1.88 24.50
C GLN D 196 1.75 2.00 23.12
N GLU D 197 1.01 3.10 22.90
CA GLU D 197 0.53 3.34 21.54
C GLU D 197 1.69 3.68 20.60
N GLU D 198 2.67 4.42 21.12
CA GLU D 198 3.73 4.95 20.23
C GLU D 198 4.72 3.89 19.79
N VAL D 199 4.67 2.69 20.40
CA VAL D 199 5.57 1.59 20.02
C VAL D 199 4.74 0.45 19.44
N GLY D 200 3.69 0.78 18.71
CA GLY D 200 3.00 -0.28 18.00
C GLY D 200 1.56 -0.57 18.44
N LEU D 201 0.88 0.41 19.07
CA LEU D 201 -0.53 0.24 19.44
C LEU D 201 -0.69 -0.95 20.39
N VAL D 202 0.25 -1.13 21.30
CA VAL D 202 0.26 -2.38 22.08
C VAL D 202 -0.93 -2.44 23.06
N GLY D 203 -1.12 -1.36 23.84
CA GLY D 203 -2.13 -1.41 24.90
C GLY D 203 -3.53 -1.62 24.34
N ALA D 204 -3.87 -0.82 23.32
CA ALA D 204 -5.19 -0.91 22.72
C ALA D 204 -5.39 -2.16 21.91
N SER D 205 -4.33 -2.94 21.65
CA SER D 205 -4.60 -4.20 20.97
CA SER D 205 -4.54 -4.22 20.98
C SER D 205 -5.14 -5.28 21.91
N VAL D 206 -5.13 -5.01 23.21
CA VAL D 206 -5.70 -5.95 24.17
C VAL D 206 -6.72 -5.32 25.11
N ALA D 207 -6.75 -4.00 25.28
CA ALA D 207 -7.61 -3.42 26.32
C ALA D 207 -9.08 -3.69 26.09
N GLY D 208 -9.50 -3.89 24.82
CA GLY D 208 -10.91 -4.17 24.53
C GLY D 208 -11.33 -5.62 24.76
N TYR D 209 -10.36 -6.49 24.98
CA TYR D 209 -10.67 -7.92 25.01
C TYR D 209 -11.69 -8.21 26.10
N GLY D 210 -11.46 -7.62 27.27
CA GLY D 210 -12.37 -7.85 28.39
C GLY D 210 -13.43 -6.79 28.59
N VAL D 211 -13.68 -5.97 27.57
CA VAL D 211 -14.70 -4.94 27.63
C VAL D 211 -15.76 -5.24 26.58
N PRO D 212 -17.04 -5.42 26.97
CA PRO D 212 -18.08 -5.83 26.01
C PRO D 212 -18.59 -4.67 25.17
N ALA D 213 -17.68 -3.99 24.47
CA ALA D 213 -18.08 -2.77 23.74
C ALA D 213 -18.84 -3.06 22.44
N ASP D 214 -19.77 -2.16 22.13
CA ASP D 214 -20.53 -2.21 20.85
C ASP D 214 -19.82 -1.29 19.85
N GLU D 215 -19.11 -0.28 20.36
CA GLU D 215 -18.37 0.70 19.54
C GLU D 215 -17.12 1.17 20.28
N ALA D 216 -16.15 1.70 19.54
CA ALA D 216 -14.91 2.24 20.15
C ALA D 216 -14.50 3.49 19.38
N ILE D 217 -14.30 4.60 20.10
CA ILE D 217 -13.85 5.84 19.45
C ILE D 217 -12.51 6.20 20.07
N ALA D 218 -11.44 6.20 19.24
CA ALA D 218 -10.12 6.65 19.71
C ALA D 218 -10.06 8.16 19.58
N ILE D 219 -9.46 8.83 20.56
CA ILE D 219 -9.22 10.27 20.47
C ILE D 219 -7.71 10.41 20.41
N ASP D 220 -7.22 11.09 19.36
CA ASP D 220 -5.78 11.21 19.22
C ASP D 220 -5.54 12.53 18.46
N VAL D 221 -4.27 12.89 18.28
CA VAL D 221 -3.93 14.09 17.49
C VAL D 221 -3.93 13.78 16.00
N THR D 222 -4.09 14.84 15.21
CA THR D 222 -3.80 14.70 13.77
C THR D 222 -3.05 15.93 13.30
N ASP D 223 -2.58 15.85 12.06
CA ASP D 223 -1.73 16.93 11.49
C ASP D 223 -2.57 18.16 11.15
N SER D 224 -2.32 19.28 11.85
CA SER D 224 -2.91 20.57 11.48
C SER D 224 -2.01 21.17 10.41
N ALA D 225 -2.43 21.06 9.14
CA ALA D 225 -1.57 21.38 8.02
C ALA D 225 -1.87 22.79 7.52
N ASP D 226 -1.73 23.74 8.45
CA ASP D 226 -2.10 25.12 8.20
C ASP D 226 -0.93 26.06 8.53
N THR D 227 0.27 25.54 8.48
CA THR D 227 1.53 26.27 8.66
C THR D 227 2.12 26.53 7.28
N PRO D 228 3.14 27.38 7.19
CA PRO D 228 3.73 27.68 5.88
C PRO D 228 4.29 26.44 5.22
N LYS D 229 3.84 26.21 3.97
CA LYS D 229 4.26 25.03 3.20
C LYS D 229 4.05 23.77 4.01
N ALA D 230 2.87 23.67 4.61
CA ALA D 230 2.51 22.43 5.31
C ALA D 230 2.23 21.30 4.29
N ILE D 231 1.99 20.10 4.81
CA ILE D 231 1.63 18.94 3.93
C ILE D 231 0.41 19.26 3.08
N LYS D 232 0.59 19.33 1.74
CA LYS D 232 -0.46 19.87 0.90
CA LYS D 232 -0.47 19.90 0.94
C LYS D 232 -1.68 18.95 0.85
N ARG D 233 -1.45 17.65 0.97
CA ARG D 233 -2.61 16.77 0.87
C ARG D 233 -3.40 16.61 2.19
N HIS D 234 -3.01 17.30 3.27
CA HIS D 234 -3.81 17.26 4.51
C HIS D 234 -4.67 18.51 4.60
N ALA D 235 -5.94 18.33 4.83
CA ALA D 235 -6.88 19.44 4.90
C ALA D 235 -7.09 19.97 6.31
N MET D 236 -6.75 19.16 7.30
CA MET D 236 -7.01 19.49 8.73
C MET D 236 -6.33 20.81 9.12
N ARG D 237 -7.01 21.61 9.95
CA ARG D 237 -6.45 22.92 10.38
C ARG D 237 -6.94 23.26 11.79
N LEU D 238 -6.21 24.14 12.47
CA LEU D 238 -6.62 24.58 13.83
C LEU D 238 -7.93 25.37 13.71
N SER D 239 -8.82 25.19 14.67
CA SER D 239 -10.08 25.90 14.80
C SER D 239 -11.09 25.42 13.79
N GLY D 240 -10.81 24.34 13.06
CA GLY D 240 -11.82 23.74 12.20
C GLY D 240 -12.73 22.75 12.92
N GLY D 241 -12.49 22.53 14.21
CA GLY D 241 -13.27 21.62 15.03
C GLY D 241 -12.66 20.22 15.09
N PRO D 242 -13.30 19.31 15.84
CA PRO D 242 -12.89 17.91 15.83
C PRO D 242 -12.79 17.42 14.38
N ALA D 243 -11.73 16.65 14.12
CA ALA D 243 -11.51 16.08 12.80
C ALA D 243 -11.99 14.65 12.79
N LEU D 244 -12.95 14.35 11.91
CA LEU D 244 -13.53 13.00 11.84
C LEU D 244 -12.70 12.17 10.85
N LYS D 245 -11.96 11.19 11.36
CA LYS D 245 -10.96 10.49 10.54
C LYS D 245 -11.63 9.51 9.58
N VAL D 246 -11.57 9.79 8.28
CA VAL D 246 -12.05 8.79 7.33
C VAL D 246 -11.05 7.63 7.28
N LYS D 247 -9.75 7.93 7.17
CA LYS D 247 -8.73 6.90 6.99
C LYS D 247 -7.39 7.48 7.38
N ASP D 248 -6.55 6.65 7.96
CA ASP D 248 -5.10 6.92 7.99
C ASP D 248 -4.44 5.60 7.59
N ARG D 249 -3.14 5.45 7.86
CA ARG D 249 -2.50 4.24 7.36
C ARG D 249 -2.75 3.02 8.23
N ALA D 250 -3.37 3.18 9.40
CA ALA D 250 -3.68 2.05 10.27
C ALA D 250 -5.15 1.65 10.27
N SER D 251 -6.08 2.55 9.95
CA SER D 251 -7.47 2.12 9.93
C SER D 251 -8.31 2.99 9.00
N ILE D 252 -9.43 2.40 8.60
CA ILE D 252 -10.57 3.14 8.03
C ILE D 252 -11.65 3.19 9.10
N SER D 253 -12.12 4.39 9.45
CA SER D 253 -13.18 4.42 10.49
C SER D 253 -14.48 3.82 9.97
N SER D 254 -15.22 3.22 10.91
CA SER D 254 -16.60 2.83 10.64
C SER D 254 -17.42 3.94 10.01
N LYS D 255 -17.99 3.65 8.84
CA LYS D 255 -18.79 4.63 8.14
C LYS D 255 -20.01 5.02 8.99
N ARG D 256 -20.62 4.04 9.65
CA ARG D 256 -21.82 4.32 10.44
C ARG D 256 -21.48 5.24 11.60
N ILE D 257 -20.36 4.99 12.27
CA ILE D 257 -20.00 5.86 13.41
C ILE D 257 -19.71 7.27 12.92
N LEU D 258 -18.93 7.40 11.82
CA LEU D 258 -18.69 8.75 11.29
C LEU D 258 -19.99 9.44 10.94
N GLU D 259 -20.91 8.75 10.27
CA GLU D 259 -22.19 9.38 9.94
C GLU D 259 -22.95 9.81 11.19
N ASN D 260 -22.95 8.98 12.23
CA ASN D 260 -23.62 9.36 13.49
C ASN D 260 -23.02 10.64 14.02
N LEU D 261 -21.67 10.75 14.00
CA LEU D 261 -21.07 11.91 14.61
C LEU D 261 -21.35 13.16 13.78
N ILE D 262 -21.32 13.02 12.44
CA ILE D 262 -21.70 14.14 11.57
C ILE D 262 -23.12 14.61 11.88
N GLU D 263 -24.05 13.65 12.08
CA GLU D 263 -25.43 14.03 12.40
CA GLU D 263 -25.43 14.03 12.40
C GLU D 263 -25.50 14.78 13.73
N ILE D 264 -24.78 14.31 14.74
CA ILE D 264 -24.75 14.99 16.03
C ILE D 264 -24.18 16.41 15.85
N ALA D 265 -23.04 16.54 15.12
CA ALA D 265 -22.42 17.88 15.02
C ALA D 265 -23.35 18.84 14.27
N GLU D 266 -23.99 18.38 13.20
N GLU D 266 -24.01 18.36 13.22
CA GLU D 266 -24.92 19.27 12.50
CA GLU D 266 -24.94 19.24 12.47
C GLU D 266 -26.11 19.63 13.38
C GLU D 266 -26.16 19.59 13.32
N LYS D 267 -26.67 18.63 14.08
CA LYS D 267 -27.85 18.89 14.92
C LYS D 267 -27.55 19.93 15.99
N PHE D 268 -26.38 19.87 16.62
CA PHE D 268 -26.09 20.75 17.73
C PHE D 268 -25.15 21.90 17.37
N ASP D 269 -24.97 22.17 16.07
CA ASP D 269 -24.18 23.30 15.60
CA ASP D 269 -24.18 23.30 15.59
C ASP D 269 -22.76 23.28 16.16
N ILE D 270 -22.13 22.11 16.10
CA ILE D 270 -20.72 21.97 16.52
C ILE D 270 -19.89 21.94 15.25
N LYS D 271 -18.89 22.81 15.18
CA LYS D 271 -18.06 22.86 13.97
C LYS D 271 -17.19 21.61 13.92
N TYR D 272 -17.02 21.03 12.72
CA TYR D 272 -16.21 19.80 12.59
C TYR D 272 -15.57 19.81 11.21
N GLN D 273 -14.62 18.89 11.01
CA GLN D 273 -13.94 18.81 9.70
C GLN D 273 -13.62 17.36 9.42
N MET D 274 -13.52 17.01 8.14
CA MET D 274 -13.19 15.64 7.77
C MET D 274 -11.68 15.49 7.65
N GLU D 275 -11.19 14.29 7.94
CA GLU D 275 -9.75 14.02 7.94
C GLU D 275 -9.41 12.81 7.08
N VAL D 276 -8.42 12.95 6.18
CA VAL D 276 -7.68 11.83 5.61
C VAL D 276 -6.22 12.11 5.90
N LEU D 277 -5.55 11.19 6.57
CA LEU D 277 -4.16 11.36 6.98
C LEU D 277 -3.30 10.40 6.16
N THR D 278 -2.21 10.91 5.55
CA THR D 278 -1.46 10.11 4.58
C THR D 278 -0.32 9.35 5.22
N PHE D 279 -0.19 9.43 6.53
CA PHE D 279 0.75 8.60 7.25
C PHE D 279 0.25 8.49 8.68
N GLY D 280 0.73 7.51 9.42
CA GLY D 280 0.39 7.48 10.84
C GLY D 280 -0.77 6.56 11.11
N GLY D 281 -1.01 6.30 12.40
CA GLY D 281 -2.08 5.36 12.75
C GLY D 281 -2.52 5.69 14.17
N THR D 282 -3.62 5.08 14.61
CA THR D 282 -4.14 5.31 15.97
C THR D 282 -4.64 3.99 16.55
N ASN D 283 -5.00 4.04 17.83
CA ASN D 283 -5.52 2.87 18.53
C ASN D 283 -6.82 2.33 17.99
N ALA D 284 -7.54 3.05 17.11
CA ALA D 284 -8.73 2.44 16.53
C ALA D 284 -8.41 1.11 15.86
N MET D 285 -7.18 0.95 15.34
CA MET D 285 -6.82 -0.32 14.72
CA MET D 285 -6.83 -0.32 14.72
C MET D 285 -6.89 -1.46 15.74
N GLY D 286 -6.45 -1.21 16.97
CA GLY D 286 -6.42 -2.29 17.97
C GLY D 286 -7.83 -2.75 18.32
N TYR D 287 -8.78 -1.80 18.46
CA TYR D 287 -10.15 -2.22 18.78
C TYR D 287 -10.81 -2.92 17.60
N GLN D 288 -10.55 -2.47 16.35
CA GLN D 288 -11.14 -3.17 15.20
C GLN D 288 -10.73 -4.62 15.15
N ARG D 289 -9.51 -4.93 15.58
CA ARG D 289 -8.96 -6.27 15.45
C ARG D 289 -9.19 -7.11 16.71
N THR D 290 -9.95 -6.58 17.68
CA THR D 290 -10.18 -7.31 18.92
C THR D 290 -11.32 -8.32 18.76
N ARG D 291 -11.05 -9.58 19.13
CA ARG D 291 -12.09 -10.63 19.16
C ARG D 291 -12.78 -10.67 17.81
N GLU D 292 -14.11 -10.63 17.77
CA GLU D 292 -14.81 -10.73 16.49
C GLU D 292 -14.86 -9.41 15.77
N GLY D 293 -14.25 -8.35 16.35
CA GLY D 293 -14.15 -7.06 15.66
C GLY D 293 -15.03 -6.02 16.33
N ILE D 294 -14.47 -4.95 16.90
CA ILE D 294 -15.28 -3.88 17.47
C ILE D 294 -15.33 -2.73 16.47
N PRO D 295 -16.49 -2.32 16.01
CA PRO D 295 -16.53 -1.18 15.07
C PRO D 295 -15.93 0.03 15.73
N SER D 296 -15.03 0.74 15.00
CA SER D 296 -14.23 1.76 15.63
C SER D 296 -14.09 2.94 14.69
N ALA D 297 -13.85 4.09 15.30
CA ALA D 297 -13.55 5.31 14.56
C ALA D 297 -12.52 6.09 15.36
N THR D 298 -11.94 7.14 14.74
CA THR D 298 -11.10 8.09 15.49
C THR D 298 -11.67 9.50 15.29
N VAL D 299 -11.67 10.29 16.36
CA VAL D 299 -11.93 11.73 16.33
C VAL D 299 -10.63 12.41 16.75
N SER D 300 -10.11 13.33 15.95
CA SER D 300 -8.77 13.85 16.16
C SER D 300 -8.76 15.32 16.57
N ILE D 301 -7.77 15.68 17.39
CA ILE D 301 -7.51 17.08 17.71
C ILE D 301 -6.45 17.58 16.72
N PRO D 302 -6.75 18.58 15.88
CA PRO D 302 -5.71 19.15 14.98
C PRO D 302 -4.58 19.68 15.83
N THR D 303 -3.34 19.31 15.47
CA THR D 303 -2.18 19.67 16.27
C THR D 303 -1.07 20.09 15.30
N ARG D 304 -0.46 21.25 15.56
CA ARG D 304 0.79 21.61 14.84
C ARG D 304 1.99 21.03 15.53
N TYR D 305 3.04 20.73 14.74
CA TYR D 305 4.38 20.40 15.27
C TYR D 305 4.34 19.06 16.03
N VAL D 306 3.58 18.09 15.50
CA VAL D 306 3.46 16.79 16.17
C VAL D 306 4.82 16.11 16.28
N HIS D 307 5.09 15.55 17.45
CA HIS D 307 6.29 14.82 17.85
C HIS D 307 7.47 15.75 18.09
N SER D 308 7.21 17.04 18.23
CA SER D 308 8.20 18.02 18.69
C SER D 308 8.00 18.28 20.18
N PRO D 309 8.88 19.06 20.81
CA PRO D 309 8.63 19.45 22.21
C PRO D 309 7.65 20.60 22.36
N SER D 310 7.11 21.11 21.26
CA SER D 310 6.24 22.29 21.23
C SER D 310 5.02 22.03 20.36
N GLU D 311 4.30 20.94 20.65
CA GLU D 311 3.05 20.65 19.94
C GLU D 311 2.01 21.71 20.31
N MET D 312 1.16 22.09 19.34
CA MET D 312 0.26 23.24 19.55
C MET D 312 -1.17 22.88 19.16
N ILE D 313 -2.11 23.17 20.05
CA ILE D 313 -3.54 22.96 19.78
C ILE D 313 -4.31 24.26 19.99
N ALA D 314 -5.53 24.28 19.44
CA ALA D 314 -6.48 25.36 19.67
C ALA D 314 -7.51 24.90 20.70
N PRO D 315 -7.63 25.56 21.83
CA PRO D 315 -8.55 25.07 22.88
C PRO D 315 -10.00 24.96 22.41
N ASP D 316 -10.44 25.80 21.46
CA ASP D 316 -11.83 25.65 21.00
C ASP D 316 -12.05 24.33 20.31
N ASP D 317 -11.01 23.75 19.65
CA ASP D 317 -11.22 22.43 19.04
C ASP D 317 -11.40 21.37 20.12
N VAL D 318 -10.69 21.54 21.22
CA VAL D 318 -10.76 20.55 22.30
C VAL D 318 -12.13 20.64 22.98
N GLU D 319 -12.60 21.85 23.24
CA GLU D 319 -13.93 22.00 23.84
CA GLU D 319 -13.94 22.01 23.83
C GLU D 319 -15.01 21.47 22.90
N ALA D 320 -14.88 21.71 21.59
CA ALA D 320 -15.90 21.20 20.67
C ALA D 320 -15.90 19.68 20.65
N THR D 321 -14.70 19.04 20.74
CA THR D 321 -14.66 17.59 20.77
C THR D 321 -15.37 17.05 22.01
N VAL D 322 -15.12 17.66 23.16
CA VAL D 322 -15.85 17.26 24.38
C VAL D 322 -17.34 17.37 24.15
N ASP D 323 -17.79 18.50 23.59
CA ASP D 323 -19.21 18.70 23.36
C ASP D 323 -19.76 17.63 22.43
N LEU D 324 -19.05 17.34 21.33
CA LEU D 324 -19.50 16.34 20.38
C LEU D 324 -19.70 14.99 21.05
N LEU D 325 -18.75 14.58 21.90
CA LEU D 325 -18.84 13.25 22.48
C LEU D 325 -19.97 13.21 23.52
N ILE D 326 -20.11 14.29 24.29
CA ILE D 326 -21.20 14.34 25.28
C ILE D 326 -22.55 14.26 24.56
N ARG D 327 -22.71 14.98 23.45
CA ARG D 327 -24.00 14.95 22.74
C ARG D 327 -24.26 13.59 22.10
N TYR D 328 -23.18 12.90 21.64
CA TYR D 328 -23.35 11.59 21.05
C TYR D 328 -23.68 10.51 22.09
N LEU D 329 -23.15 10.65 23.30
CA LEU D 329 -23.12 9.56 24.31
C LEU D 329 -23.96 9.84 25.56
N GLY D 330 -24.38 11.09 25.77
CA GLY D 330 -24.98 11.50 27.03
C GLY D 330 -26.50 11.49 26.90
N ALA D 331 -27.15 11.47 28.06
CA ALA D 331 -28.60 11.27 28.11
C ALA D 331 -29.33 12.53 27.72
ZN ZN E . -4.07 18.85 -33.35
CO CO F . -1.92 16.38 -31.40
S SO4 G . -22.88 11.18 -21.61
O1 SO4 G . -23.42 12.32 -22.33
O2 SO4 G . -22.29 10.16 -22.48
O3 SO4 G . -24.04 10.59 -20.97
O4 SO4 G . -21.89 11.41 -20.52
S SO4 H . -3.68 5.48 -48.79
O1 SO4 H . -4.04 4.32 -49.52
O2 SO4 H . -4.88 6.32 -48.70
O3 SO4 H . -2.68 6.20 -49.60
O4 SO4 H . -3.08 5.22 -47.44
S SO4 I . 11.23 -13.87 -29.80
O1 SO4 I . 10.58 -13.11 -30.86
O2 SO4 I . 12.13 -14.86 -30.41
O3 SO4 I . 11.99 -12.90 -29.02
O4 SO4 I . 10.29 -14.52 -28.88
S SO4 J . -27.90 38.98 -34.61
O1 SO4 J . -28.02 38.41 -35.96
O2 SO4 J . -29.21 39.47 -34.16
O3 SO4 J . -27.47 37.98 -33.64
O4 SO4 J . -26.94 40.09 -34.64
S SO4 K . -12.37 39.50 -24.18
O1 SO4 K . -12.76 40.90 -24.01
O2 SO4 K . -13.41 38.77 -24.87
O3 SO4 K . -12.20 38.81 -22.89
O4 SO4 K . -11.06 39.46 -24.89
S SO4 L . -26.14 17.04 -31.88
O1 SO4 L . -26.56 18.45 -31.91
O2 SO4 L . -27.20 16.37 -32.64
O3 SO4 L . -24.84 16.90 -32.65
O4 SO4 L . -26.19 16.58 -30.44
ZN ZN M . -6.27 -10.04 -3.13
CO CO N . -4.68 -6.61 -3.98
S SO4 O . 1.29 -28.20 9.01
O1 SO4 O . 0.06 -27.40 9.16
O2 SO4 O . 0.79 -29.34 8.27
O3 SO4 O . 1.72 -28.55 10.37
O4 SO4 O . 2.34 -27.41 8.26
S SO4 P . -17.61 -9.34 -23.67
O1 SO4 P . -16.24 -8.95 -24.16
O2 SO4 P . -18.47 -9.45 -24.84
O3 SO4 P . -17.73 -10.60 -22.97
O4 SO4 P . -18.16 -8.23 -22.89
S SO4 Q . -27.56 -29.00 -3.70
O1 SO4 Q . -28.80 -28.86 -4.40
O2 SO4 Q . -26.47 -29.06 -4.65
O3 SO4 Q . -27.36 -27.85 -2.83
O4 SO4 Q . -27.58 -30.20 -2.90
S SO4 R . -22.75 -32.95 15.34
O1 SO4 R . -21.56 -32.93 14.47
O2 SO4 R . -23.79 -33.64 14.57
O3 SO4 R . -22.43 -33.73 16.54
O4 SO4 R . -23.15 -31.60 15.75
S SO4 S . -5.62 26.22 -2.54
O1 SO4 S . -4.32 26.26 -3.23
O2 SO4 S . -6.60 26.52 -3.55
O3 SO4 S . -5.79 24.91 -1.92
O4 SO4 S . -5.71 27.25 -1.50
S SO4 T . -16.87 -37.93 -12.52
O1 SO4 T . -16.56 -36.54 -12.84
O2 SO4 T . -18.02 -38.37 -13.33
O3 SO4 T . -15.73 -38.78 -12.85
O4 SO4 T . -17.18 -38.05 -11.09
S SO4 U . -7.88 -33.96 7.45
O1 SO4 U . -6.58 -33.29 7.25
O2 SO4 U . -8.75 -33.83 6.28
O3 SO4 U . -7.55 -35.36 7.71
O4 SO4 U . -8.66 -33.37 8.55
S SO4 V . -22.89 -17.08 -16.10
O1 SO4 V . -22.40 -16.59 -17.45
O2 SO4 V . -24.36 -16.93 -16.04
O3 SO4 V . -22.40 -16.54 -14.78
O4 SO4 V . -22.62 -18.52 -16.11
ZN ZN W . 15.24 -15.87 17.65
CO CO X . 16.37 -15.00 14.01
S SO4 Y . 33.51 -30.64 19.04
O1 SO4 Y . 34.17 -29.43 18.44
O2 SO4 Y . 32.53 -31.13 18.07
O3 SO4 Y . 34.57 -31.63 19.22
O4 SO4 Y . 32.90 -30.49 20.34
S SO4 Z . 26.11 -7.74 37.47
O1 SO4 Z . 27.21 -7.77 36.51
O2 SO4 Z . 25.04 -6.84 36.97
O3 SO4 Z . 25.64 -9.11 37.63
O4 SO4 Z . 26.61 -7.27 38.76
S SO4 AA . 4.88 -3.41 34.10
O1 SO4 AA . 5.80 -2.75 33.11
O2 SO4 AA . 4.14 -4.49 33.44
O3 SO4 AA . 5.53 -3.97 35.25
O4 SO4 AA . 3.92 -2.43 34.59
S SO4 BA . 14.17 -21.18 -18.36
O1 SO4 BA . 14.28 -19.95 -17.58
O2 SO4 BA . 13.55 -20.89 -19.66
O3 SO4 BA . 13.25 -22.06 -17.64
O4 SO4 BA . 15.51 -21.70 -18.53
S SO4 CA . 25.06 -33.27 27.47
O1 SO4 CA . 23.92 -32.58 26.79
O2 SO4 CA . 26.46 -33.03 26.96
O3 SO4 CA . 24.77 -34.71 27.40
O4 SO4 CA . 25.03 -32.91 28.89
ZN ZN DA . -1.14 9.70 19.45
CO CO EA . 2.65 9.95 18.49
S SO4 FA . 0.81 30.03 31.11
O1 SO4 FA . 1.35 30.34 29.75
O2 SO4 FA . -0.59 29.73 31.26
O3 SO4 FA . 1.66 28.98 31.67
O4 SO4 FA . 1.02 31.25 31.86
S SO4 GA . 34.02 3.22 25.75
O1 SO4 GA . 34.51 4.53 26.16
O2 SO4 GA . 33.21 3.37 24.55
O3 SO4 GA . 35.15 2.34 25.48
O4 SO4 GA . 33.18 2.63 26.78
S SO4 HA . -18.84 22.55 9.31
O1 SO4 HA . -18.63 21.27 8.59
O2 SO4 HA . -19.94 23.34 8.80
O3 SO4 HA . -17.62 23.36 9.21
O4 SO4 HA . -19.10 22.25 10.69
S SO4 IA . -19.33 0.38 8.64
O1 SO4 IA . -18.28 0.96 7.73
O2 SO4 IA . -20.44 1.25 8.90
O3 SO4 IA . -18.75 0.12 9.95
O4 SO4 IA . -19.81 -0.93 8.10
S SO4 JA . 1.36 -1.35 13.69
O1 SO4 JA . 0.50 -0.33 14.27
O2 SO4 JA . 0.97 -1.46 12.29
O3 SO4 JA . 1.16 -2.64 14.34
O4 SO4 JA . 2.75 -0.91 13.88
S SO4 KA . -8.89 23.75 34.71
O1 SO4 KA . -8.10 25.01 34.39
O2 SO4 KA . -10.24 23.97 34.18
O3 SO4 KA . -8.44 22.38 34.27
O4 SO4 KA . -9.04 23.65 36.16
O OH LA . 0.08 9.03 17.94
#